data_9E0A
#
_entry.id   9E0A
#
_cell.length_a   100.715
_cell.length_b   102.066
_cell.length_c   126.176
_cell.angle_alpha   90.00
_cell.angle_beta   106.38
_cell.angle_gamma   90.00
#
_symmetry.space_group_name_H-M   'P 1 21 1'
#
loop_
_entity.id
_entity.type
_entity.pdbx_description
1 polymer 'Bifunctional protein PutA'
2 non-polymer 'FLAVIN-ADENINE DINUCLEOTIDE'
3 non-polymer 'FORMIC ACID'
4 non-polymer DI(HYDROXYETHYL)ETHER
5 non-polymer NICOTINAMIDE-ADENINE-DINUCLEOTIDE
6 non-polymer 'SULFATE ION'
7 non-polymer 'MAGNESIUM ION'
8 non-polymer 'TRIETHYLENE GLYCOL'
9 non-polymer (1,4-phenylene)dimethanol
10 water water
#
_entity_poly.entity_id   1
_entity_poly.type   'polypeptide(L)'
_entity_poly.pdbx_seq_one_letter_code
;SMMSPNPLQKPAIDAAPAPFADFAPPVRPQSTLRRAITAAYRRPETECLPPLVEAATQSKEIRDAAASTARKLIEALRGK
HSGSGVEGLVQEYSLSSQEGVALMCLAEALLRIPDTATRDALIRDKIADGNWKSHLGGSRSLFVNAATWGLVVTGKLTST
VNDRSLAAALTRLISRCGEPVIRRGVDMAMRMMGEQFVTGETIREALKRSKELEEKGFSYSYDMLGEAATTAADAERYYR
DYESAIHAIGKASAGRGIYEGPGISIKLSALHPRYSRAQAARVMGELLPRVKALALLAKNYDIGLNIDAEEADRLELSLD
LLEVLCLDGDLSGWNGMGFVVQAYGKRCPFVLDFIIDLARRSGRRIMVRLVKGAYWDAEIKRAQLDGLADFPVFTRKIHT
DVSYIACAAKLLAATDVVFPQFATHNAQTLAAIYHMAGKDFHVGKYEFQCLHGMGEPLYEEVVGRGKLDRPCRIYAPVGT
HETLLAYLVRRLLENGANSSFVHRINDPKVSIDELIADPVEVVRAMPVVGAKHDRIALPAELFGDARTNSAGLDLSNEET
LASLTEALRESAAMKWTALPQLATGPAAGETRTVLNPGDHRDVVGSVTETSEEDARRAVRLAADAAPDWAAVPPSERAAC
LDRAAELMQARMPTLLGLIIREAGKSALNAIAEVREAIDFLRYYAEQTRRTLGPGHGPLGPIVCISPWNFPLAIFTGQIA
AALVAGNPVLAKPAEETPLIAAEGVRILREAGIPASALQLLPGDGRVGAALVAAAETAGVMFTGSTEVARLIQAQLADRL
SPAGRPIPLIAETGGQNAMIVDSSALAEQVVGDVITSAFDSAGQRCSALRVLCLQEDVADRILTMLKGALHELHIGRTDR
LSVDVGPVITSEAKDNIEKHIERMRGLGRKVEQIGLASETGVGTFVPPTIIELEKLSDLQREVFGPVLHVIRYRRDDLDR
LVDDVNATGYGLTFGLHTRLDETIAHVTSRIKAGNLYINRNIIGAVVGVQPFGGRGLSGTGPKAGGPLYLGRLVTTAPVP
PQHSSVHTDPVLLDFAKWLDGKGARAEAEAARNAGSSSALGLDLELPGPVGERNLYTLHARGRILLVPATESGLYHQLAA
ALATGNSVAIDAASGLQASLKNLPQTVGLRVSWSKDWAADGPFAGALVEGDAERIRAVNKAIAALPGPLLLVQAASSGEI
ARNPDAYCLNWLVEEVSASINTAAAGGNASLMAIG
;
_entity_poly.pdbx_strand_id   A,B
#
# COMPACT_ATOMS: atom_id res chain seq x y z
N ALA A 16 20.61 42.72 -37.70
CA ALA A 16 19.98 41.89 -36.67
C ALA A 16 18.83 41.07 -37.26
N PRO A 17 18.85 39.76 -37.05
CA PRO A 17 17.80 38.90 -37.62
C PRO A 17 16.46 39.21 -36.98
N ALA A 18 15.40 39.18 -37.80
CA ALA A 18 14.08 39.49 -37.30
C ALA A 18 13.66 38.42 -36.30
N PRO A 19 12.97 38.81 -35.23
CA PRO A 19 12.58 37.81 -34.21
C PRO A 19 11.71 36.73 -34.82
N PHE A 20 12.07 35.48 -34.55
CA PHE A 20 11.32 34.29 -34.94
C PHE A 20 11.28 34.07 -36.44
N ALA A 21 12.10 34.80 -37.20
CA ALA A 21 12.11 34.62 -38.64
C ALA A 21 12.66 33.26 -39.06
N ASP A 22 13.40 32.59 -38.18
CA ASP A 22 13.95 31.27 -38.44
C ASP A 22 13.58 30.31 -37.32
N PHE A 23 12.37 30.41 -36.80
CA PHE A 23 12.06 29.71 -35.56
C PHE A 23 12.09 28.20 -35.72
N ALA A 24 11.33 27.66 -36.66
CA ALA A 24 11.27 26.21 -36.82
C ALA A 24 10.83 25.85 -38.23
N PRO A 25 11.55 26.29 -39.25
CA PRO A 25 11.14 25.97 -40.61
C PRO A 25 11.23 24.48 -40.85
N PRO A 26 10.23 23.90 -41.49
CA PRO A 26 10.26 22.46 -41.76
C PRO A 26 11.41 22.11 -42.70
N VAL A 27 11.82 20.84 -42.63
CA VAL A 27 12.85 20.31 -43.51
C VAL A 27 12.49 20.54 -44.96
N ARG A 28 11.21 20.31 -45.31
CA ARG A 28 10.71 20.47 -46.67
C ARG A 28 9.28 20.95 -46.58
N PRO A 29 8.74 21.55 -47.66
CA PRO A 29 7.32 21.89 -47.64
C PRO A 29 6.50 20.62 -47.49
N GLN A 30 5.44 20.71 -46.70
CA GLN A 30 4.67 19.51 -46.35
C GLN A 30 3.68 19.20 -47.45
N SER A 31 3.83 18.04 -48.08
CA SER A 31 2.93 17.61 -49.14
C SER A 31 1.56 17.31 -48.56
N THR A 32 0.58 17.13 -49.46
CA THR A 32 -0.75 16.70 -49.03
C THR A 32 -0.66 15.43 -48.18
N LEU A 33 0.16 14.47 -48.61
CA LEU A 33 0.27 13.22 -47.87
C LEU A 33 0.92 13.45 -46.52
N ARG A 34 1.97 14.28 -46.46
CA ARG A 34 2.59 14.54 -45.17
C ARG A 34 1.64 15.29 -44.25
N ARG A 35 0.85 16.22 -44.78
CA ARG A 35 -0.07 16.96 -43.94
C ARG A 35 -1.16 16.06 -43.37
N ALA A 36 -1.56 15.03 -44.12
CA ALA A 36 -2.55 14.10 -43.61
C ALA A 36 -2.00 13.29 -42.45
N ILE A 37 -0.69 13.02 -42.48
CA ILE A 37 -0.05 12.38 -41.34
C ILE A 37 -0.13 13.28 -40.12
N THR A 38 0.34 14.52 -40.25
CA THR A 38 0.37 15.42 -39.12
C THR A 38 -1.03 15.65 -38.57
N ALA A 39 -2.03 15.69 -39.44
CA ALA A 39 -3.40 15.94 -39.01
C ALA A 39 -3.91 14.85 -38.08
N ALA A 40 -3.37 13.63 -38.19
CA ALA A 40 -3.86 12.50 -37.41
C ALA A 40 -3.09 12.31 -36.12
N TYR A 41 -2.10 13.15 -35.85
CA TYR A 41 -1.15 12.92 -34.77
C TYR A 41 -1.84 12.56 -33.45
N ARG A 42 -2.81 13.36 -33.04
CA ARG A 42 -3.49 13.13 -31.78
C ARG A 42 -5.00 13.08 -31.98
N ARG A 43 -5.42 12.56 -33.12
CA ARG A 43 -6.83 12.49 -33.46
C ARG A 43 -7.58 11.68 -32.41
N PRO A 44 -8.75 12.14 -31.98
CA PRO A 44 -9.52 11.37 -31.00
C PRO A 44 -9.69 9.92 -31.44
N GLU A 45 -9.59 9.02 -30.46
CA GLU A 45 -9.61 7.59 -30.75
C GLU A 45 -10.91 7.16 -31.41
N THR A 46 -12.04 7.76 -30.98
CA THR A 46 -13.32 7.45 -31.62
C THR A 46 -13.35 7.82 -33.09
N GLU A 47 -12.51 8.75 -33.52
CA GLU A 47 -12.45 9.13 -34.94
C GLU A 47 -11.55 8.19 -35.74
N CYS A 48 -10.50 7.64 -35.10
CA CYS A 48 -9.55 6.79 -35.81
C CYS A 48 -10.15 5.44 -36.14
N LEU A 49 -10.95 4.87 -35.23
CA LEU A 49 -11.30 3.45 -35.32
C LEU A 49 -12.21 3.10 -36.49
N PRO A 50 -13.30 3.82 -36.76
CA PRO A 50 -14.26 3.37 -37.80
C PRO A 50 -13.61 3.08 -39.14
N PRO A 51 -12.77 3.97 -39.69
CA PRO A 51 -12.12 3.61 -40.96
C PRO A 51 -11.19 2.40 -40.85
N LEU A 52 -10.60 2.17 -39.69
CA LEU A 52 -9.77 0.98 -39.51
C LEU A 52 -10.62 -0.28 -39.49
N VAL A 53 -11.75 -0.23 -38.78
CA VAL A 53 -12.69 -1.34 -38.79
C VAL A 53 -13.14 -1.67 -40.21
N GLU A 54 -13.47 -0.64 -40.99
CA GLU A 54 -13.89 -0.88 -42.37
C GLU A 54 -12.77 -1.52 -43.18
N ALA A 55 -11.54 -1.01 -43.05
CA ALA A 55 -10.44 -1.53 -43.85
C ALA A 55 -10.05 -2.95 -43.44
N ALA A 56 -10.29 -3.31 -42.19
CA ALA A 56 -9.90 -4.60 -41.67
C ALA A 56 -10.99 -5.66 -41.83
N THR A 57 -12.17 -5.29 -42.29
CA THR A 57 -13.26 -6.23 -42.42
C THR A 57 -12.93 -7.29 -43.48
N GLN A 58 -13.28 -8.53 -43.18
CA GLN A 58 -13.11 -9.64 -44.13
C GLN A 58 -14.38 -10.48 -44.15
N SER A 59 -14.49 -11.32 -45.16
CA SER A 59 -15.69 -12.13 -45.33
C SER A 59 -15.83 -13.12 -44.17
N LYS A 60 -17.07 -13.54 -43.93
CA LYS A 60 -17.32 -14.53 -42.88
C LYS A 60 -16.52 -15.80 -43.14
N GLU A 61 -16.42 -16.22 -44.40
CA GLU A 61 -15.63 -17.40 -44.73
C GLU A 61 -14.17 -17.22 -44.34
N ILE A 62 -13.62 -16.02 -44.57
CA ILE A 62 -12.23 -15.77 -44.21
C ILE A 62 -12.08 -15.73 -42.69
N ARG A 63 -13.01 -15.07 -41.99
CA ARG A 63 -12.93 -15.00 -40.54
C ARG A 63 -12.99 -16.40 -39.90
N ASP A 64 -13.85 -17.27 -40.42
CA ASP A 64 -13.90 -18.64 -39.93
C ASP A 64 -12.60 -19.38 -40.20
N ALA A 65 -12.05 -19.22 -41.41
CA ALA A 65 -10.79 -19.88 -41.74
C ALA A 65 -9.65 -19.32 -40.92
N ALA A 66 -9.65 -18.01 -40.67
CA ALA A 66 -8.61 -17.40 -39.85
C ALA A 66 -8.69 -17.91 -38.41
N ALA A 67 -9.91 -18.00 -37.87
CA ALA A 67 -10.06 -18.52 -36.52
C ALA A 67 -9.60 -19.97 -36.44
N SER A 68 -9.89 -20.76 -37.47
CA SER A 68 -9.44 -22.14 -37.49
C SER A 68 -7.92 -22.22 -37.56
N THR A 69 -7.29 -21.40 -38.42
CA THR A 69 -5.84 -21.37 -38.48
C THR A 69 -5.24 -20.91 -37.16
N ALA A 70 -5.79 -19.85 -36.58
CA ALA A 70 -5.30 -19.35 -35.30
C ALA A 70 -5.39 -20.41 -34.23
N ARG A 71 -6.54 -21.10 -34.14
CA ARG A 71 -6.70 -22.16 -33.16
C ARG A 71 -5.67 -23.26 -33.38
N LYS A 72 -5.44 -23.64 -34.65
CA LYS A 72 -4.46 -24.67 -34.94
C LYS A 72 -3.07 -24.24 -34.49
N LEU A 73 -2.69 -22.99 -34.77
CA LEU A 73 -1.39 -22.50 -34.33
C LEU A 73 -1.29 -22.47 -32.80
N ILE A 74 -2.36 -22.04 -32.13
CA ILE A 74 -2.32 -21.93 -30.68
C ILE A 74 -2.31 -23.31 -30.04
N GLU A 75 -3.03 -24.27 -30.61
CA GLU A 75 -2.98 -25.64 -30.09
C GLU A 75 -1.58 -26.23 -30.24
N ALA A 76 -0.90 -25.94 -31.35
CA ALA A 76 0.48 -26.37 -31.51
C ALA A 76 1.38 -25.69 -30.49
N LEU A 77 1.18 -24.39 -30.25
CA LEU A 77 2.02 -23.67 -29.30
C LEU A 77 1.87 -24.23 -27.89
N ARG A 78 0.63 -24.39 -27.43
CA ARG A 78 0.41 -24.92 -26.10
C ARG A 78 0.75 -26.40 -25.98
N GLY A 79 0.79 -27.12 -27.11
CA GLY A 79 1.12 -28.53 -27.08
C GLY A 79 2.59 -28.84 -26.92
N LYS A 80 3.47 -27.90 -27.28
CA LYS A 80 4.90 -28.10 -27.15
C LYS A 80 5.52 -27.21 -26.09
N HIS A 81 4.72 -26.43 -25.36
CA HIS A 81 5.23 -25.48 -24.37
C HIS A 81 6.11 -26.14 -23.32
N SER A 84 10.75 -22.03 -19.20
CA SER A 84 10.77 -23.28 -18.43
C SER A 84 12.15 -23.52 -17.82
N GLY A 85 13.19 -22.92 -18.41
CA GLY A 85 14.53 -23.05 -17.87
C GLY A 85 14.65 -22.45 -16.48
N VAL A 86 14.31 -21.17 -16.35
CA VAL A 86 14.29 -20.53 -15.03
C VAL A 86 13.26 -21.22 -14.14
N GLU A 87 12.08 -21.53 -14.70
CA GLU A 87 11.06 -22.22 -13.93
C GLU A 87 11.55 -23.56 -13.41
N GLY A 88 12.27 -24.32 -14.24
CA GLY A 88 12.78 -25.61 -13.79
C GLY A 88 13.82 -25.47 -12.72
N LEU A 89 14.64 -24.41 -12.80
CA LEU A 89 15.66 -24.16 -11.78
C LEU A 89 15.00 -23.78 -10.45
N VAL A 90 14.04 -22.85 -10.51
CA VAL A 90 13.27 -22.49 -9.32
C VAL A 90 12.63 -23.72 -8.69
N GLN A 91 12.08 -24.61 -9.51
CA GLN A 91 11.44 -25.82 -8.99
C GLN A 91 12.47 -26.76 -8.35
N GLU A 92 13.57 -27.02 -9.05
CA GLU A 92 14.52 -28.03 -8.58
C GLU A 92 15.10 -27.66 -7.22
N TYR A 93 15.34 -26.37 -7.00
CA TYR A 93 15.96 -25.91 -5.76
C TYR A 93 14.98 -25.23 -4.82
N SER A 94 13.68 -25.33 -5.10
CA SER A 94 12.65 -24.78 -4.22
C SER A 94 12.92 -23.31 -3.91
N LEU A 95 13.28 -22.56 -4.94
CA LEU A 95 13.61 -21.15 -4.76
C LEU A 95 12.36 -20.32 -4.62
N SER A 96 12.40 -19.35 -3.71
CA SER A 96 11.44 -18.28 -3.74
C SER A 96 11.73 -17.38 -4.95
N SER A 97 10.80 -16.47 -5.24
CA SER A 97 11.01 -15.53 -6.32
C SER A 97 12.25 -14.68 -6.09
N GLN A 98 12.40 -14.17 -4.86
CA GLN A 98 13.57 -13.35 -4.58
C GLN A 98 14.85 -14.16 -4.70
N GLU A 99 14.83 -15.43 -4.28
CA GLU A 99 15.99 -16.29 -4.45
C GLU A 99 16.32 -16.48 -5.92
N GLY A 100 15.31 -16.75 -6.74
CA GLY A 100 15.54 -16.88 -8.17
C GLY A 100 16.17 -15.64 -8.76
N VAL A 101 15.63 -14.46 -8.41
CA VAL A 101 16.18 -13.21 -8.91
C VAL A 101 17.61 -13.03 -8.43
N ALA A 102 17.84 -13.25 -7.13
CA ALA A 102 19.18 -13.04 -6.58
C ALA A 102 20.17 -14.00 -7.23
N LEU A 103 19.75 -15.26 -7.45
CA LEU A 103 20.61 -16.22 -8.11
C LEU A 103 20.98 -15.74 -9.51
N MET A 104 20.02 -15.22 -10.26
CA MET A 104 20.37 -14.78 -11.61
C MET A 104 21.28 -13.57 -11.58
N CYS A 105 21.12 -12.70 -10.58
CA CYS A 105 22.03 -11.57 -10.44
C CYS A 105 23.43 -12.04 -10.12
N LEU A 106 23.55 -13.02 -9.23
CA LEU A 106 24.86 -13.60 -8.95
C LEU A 106 25.43 -14.22 -10.21
N ALA A 107 24.61 -14.95 -10.96
CA ALA A 107 25.12 -15.59 -12.17
C ALA A 107 25.63 -14.53 -13.14
N GLU A 108 24.86 -13.45 -13.32
CA GLU A 108 25.28 -12.35 -14.18
C GLU A 108 26.65 -11.81 -13.74
N ALA A 109 26.83 -11.61 -12.43
CA ALA A 109 28.08 -11.09 -11.92
C ALA A 109 29.23 -12.08 -12.15
N LEU A 110 28.98 -13.36 -11.92
CA LEU A 110 30.01 -14.37 -12.16
C LEU A 110 30.40 -14.42 -13.62
N LEU A 111 29.47 -14.14 -14.53
CA LEU A 111 29.77 -14.13 -15.96
C LEU A 111 30.53 -12.90 -16.40
N ARG A 112 30.63 -11.87 -15.55
CA ARG A 112 31.53 -10.75 -15.81
C ARG A 112 32.98 -11.13 -15.57
N ILE A 113 33.23 -12.25 -14.91
CA ILE A 113 34.58 -12.82 -14.81
C ILE A 113 34.89 -13.53 -16.12
N PRO A 114 35.86 -13.05 -16.90
CA PRO A 114 36.08 -13.62 -18.24
C PRO A 114 36.64 -15.04 -18.26
N ASP A 115 37.71 -15.29 -17.52
CA ASP A 115 38.37 -16.60 -17.55
C ASP A 115 37.48 -17.64 -16.88
N THR A 116 37.13 -18.70 -17.63
CA THR A 116 36.20 -19.70 -17.13
C THR A 116 36.77 -20.43 -15.91
N ALA A 117 38.05 -20.80 -15.96
CA ALA A 117 38.65 -21.50 -14.83
C ALA A 117 38.69 -20.60 -13.60
N THR A 118 38.92 -19.30 -13.79
CA THR A 118 38.92 -18.39 -12.66
C THR A 118 37.54 -18.31 -12.03
N ARG A 119 36.50 -18.23 -12.85
CA ARG A 119 35.14 -18.15 -12.32
C ARG A 119 34.78 -19.41 -11.54
N ASP A 120 35.09 -20.58 -12.11
CA ASP A 120 34.75 -21.83 -11.44
C ASP A 120 35.47 -21.97 -10.10
N ALA A 121 36.72 -21.48 -10.03
CA ALA A 121 37.46 -21.54 -8.77
C ALA A 121 36.85 -20.63 -7.73
N LEU A 122 36.45 -19.41 -8.13
CA LEU A 122 35.78 -18.52 -7.20
C LEU A 122 34.47 -19.13 -6.70
N ILE A 123 33.72 -19.78 -7.59
CA ILE A 123 32.47 -20.44 -7.20
C ILE A 123 32.75 -21.54 -6.18
N ARG A 124 33.63 -22.48 -6.53
CA ARG A 124 33.83 -23.66 -5.70
C ARG A 124 34.49 -23.31 -4.37
N ASP A 125 35.45 -22.40 -4.38
CA ASP A 125 36.28 -22.16 -3.21
C ASP A 125 35.85 -20.95 -2.38
N LYS A 126 35.10 -20.01 -2.95
CA LYS A 126 34.78 -18.78 -2.26
C LYS A 126 33.27 -18.52 -2.17
N ILE A 127 32.58 -18.54 -3.32
CA ILE A 127 31.16 -18.21 -3.32
C ILE A 127 30.35 -19.27 -2.59
N ALA A 128 30.54 -20.53 -2.95
CA ALA A 128 29.76 -21.61 -2.35
C ALA A 128 30.04 -21.73 -0.86
N ASP A 129 31.28 -21.44 -0.44
CA ASP A 129 31.67 -21.55 0.96
C ASP A 129 30.99 -20.53 1.86
N GLY A 130 30.36 -19.51 1.30
CA GLY A 130 29.58 -18.60 2.11
C GLY A 130 29.66 -17.14 1.68
N ASN A 131 30.72 -16.46 2.10
CA ASN A 131 30.83 -15.01 1.93
C ASN A 131 30.84 -14.60 0.46
N TRP A 132 29.67 -14.56 -0.17
CA TRP A 132 29.60 -14.08 -1.54
C TRP A 132 29.82 -12.57 -1.61
N LYS A 133 29.43 -11.85 -0.56
CA LYS A 133 29.63 -10.39 -0.56
C LYS A 133 31.11 -10.04 -0.52
N SER A 134 31.89 -10.80 0.23
CA SER A 134 33.32 -10.51 0.37
C SER A 134 34.06 -10.60 -0.97
N HIS A 135 33.53 -11.34 -1.94
CA HIS A 135 34.23 -11.56 -3.20
C HIS A 135 33.59 -10.89 -4.40
N LEU A 136 32.32 -10.51 -4.33
CA LEU A 136 31.66 -9.86 -5.45
C LEU A 136 30.85 -8.64 -5.00
N SER A 139 32.08 -2.44 -5.40
CA SER A 139 31.89 -1.12 -6.02
C SER A 139 30.61 -1.05 -6.86
N ARG A 140 29.97 -2.19 -7.04
CA ARG A 140 28.75 -2.29 -7.83
C ARG A 140 27.89 -3.38 -7.20
N SER A 141 26.67 -3.02 -6.82
CA SER A 141 25.75 -4.00 -6.26
C SER A 141 25.59 -5.17 -7.22
N LEU A 142 25.54 -6.38 -6.66
CA LEU A 142 25.21 -7.54 -7.47
C LEU A 142 23.85 -7.38 -8.13
N PHE A 143 23.01 -6.51 -7.59
CA PHE A 143 21.59 -6.49 -7.91
C PHE A 143 21.21 -5.33 -8.81
N VAL A 144 22.20 -4.70 -9.46
CA VAL A 144 21.95 -3.53 -10.31
C VAL A 144 20.87 -3.83 -11.34
N ASN A 145 20.90 -5.02 -11.92
CA ASN A 145 19.94 -5.40 -12.95
C ASN A 145 18.83 -6.30 -12.43
N ALA A 146 18.56 -6.27 -11.12
CA ALA A 146 17.58 -7.17 -10.56
C ALA A 146 16.16 -6.90 -11.07
N ALA A 147 15.85 -5.68 -11.50
CA ALA A 147 14.52 -5.44 -12.04
C ALA A 147 14.32 -6.26 -13.31
N THR A 148 15.38 -6.37 -14.11
CA THR A 148 15.29 -7.18 -15.33
C THR A 148 15.14 -8.65 -14.98
N TRP A 149 15.98 -9.16 -14.07
CA TRP A 149 15.84 -10.55 -13.70
C TRP A 149 14.51 -10.80 -12.99
N GLY A 150 13.98 -9.81 -12.28
CA GLY A 150 12.66 -9.96 -11.70
C GLY A 150 11.60 -10.18 -12.76
N LEU A 151 11.72 -9.46 -13.88
CA LEU A 151 10.79 -9.68 -14.98
C LEU A 151 10.96 -11.08 -15.55
N VAL A 152 12.21 -11.55 -15.68
CA VAL A 152 12.46 -12.90 -16.18
C VAL A 152 11.87 -13.95 -15.24
N VAL A 153 12.07 -13.78 -13.94
CA VAL A 153 11.69 -14.81 -12.99
C VAL A 153 10.21 -14.76 -12.67
N THR A 154 9.67 -13.56 -12.44
CA THR A 154 8.31 -13.40 -11.91
C THR A 154 7.33 -12.88 -12.94
N GLY A 155 7.80 -12.40 -14.08
CA GLY A 155 6.89 -11.76 -15.03
C GLY A 155 6.41 -10.39 -14.62
N LYS A 156 6.88 -9.86 -13.50
CA LYS A 156 6.47 -8.57 -12.98
C LYS A 156 7.65 -7.61 -12.99
N LEU A 157 7.36 -6.34 -13.28
CA LEU A 157 8.38 -5.31 -13.29
C LEU A 157 8.28 -4.51 -11.99
N THR A 158 9.38 -4.44 -11.26
CA THR A 158 9.50 -3.59 -10.07
C THR A 158 10.58 -2.57 -10.36
N SER A 159 10.22 -1.28 -10.31
CA SER A 159 11.09 -0.23 -10.84
C SER A 159 12.41 -0.13 -10.10
N THR A 160 12.40 -0.29 -8.79
CA THR A 160 13.62 -0.31 -8.00
C THR A 160 13.77 -1.68 -7.38
N VAL A 161 14.97 -1.93 -6.85
CA VAL A 161 15.42 -3.24 -6.43
C VAL A 161 15.48 -3.25 -4.90
N ASN A 162 14.86 -4.25 -4.27
CA ASN A 162 15.03 -4.40 -2.83
C ASN A 162 16.30 -5.19 -2.62
N ASP A 163 17.42 -4.47 -2.57
CA ASP A 163 18.72 -5.13 -2.54
C ASP A 163 18.99 -5.84 -1.21
N ARG A 164 18.36 -5.38 -0.13
CA ARG A 164 18.52 -6.09 1.14
CA ARG A 164 18.51 -6.08 1.14
C ARG A 164 17.76 -7.41 1.13
N SER A 165 16.58 -7.43 0.50
CA SER A 165 15.85 -8.68 0.36
C SER A 165 16.61 -9.65 -0.53
N LEU A 166 17.17 -9.14 -1.62
CA LEU A 166 17.93 -10.00 -2.52
C LEU A 166 19.20 -10.51 -1.85
N ALA A 167 19.89 -9.66 -1.09
CA ALA A 167 21.10 -10.13 -0.40
C ALA A 167 20.75 -11.23 0.58
N ALA A 168 19.68 -11.05 1.35
CA ALA A 168 19.25 -12.08 2.27
C ALA A 168 18.90 -13.37 1.53
N ALA A 169 18.19 -13.25 0.42
CA ALA A 169 17.79 -14.42 -0.35
C ALA A 169 18.99 -15.15 -0.93
N LEU A 170 19.98 -14.40 -1.40
CA LEU A 170 21.17 -15.03 -1.94
C LEU A 170 21.96 -15.75 -0.88
N THR A 171 22.15 -15.13 0.29
CA THR A 171 22.80 -15.83 1.39
C THR A 171 22.04 -17.09 1.74
N ARG A 172 20.71 -16.99 1.82
CA ARG A 172 19.89 -18.12 2.19
C ARG A 172 20.02 -19.26 1.18
N LEU A 173 19.95 -18.94 -0.11
CA LEU A 173 19.95 -20.00 -1.11
C LEU A 173 21.32 -20.65 -1.21
N ILE A 174 22.38 -19.86 -1.08
CA ILE A 174 23.72 -20.44 -1.15
C ILE A 174 23.98 -21.31 0.08
N SER A 175 23.58 -20.83 1.25
CA SER A 175 23.80 -21.63 2.44
C SER A 175 22.95 -22.88 2.46
N ARG A 176 21.83 -22.87 1.75
CA ARG A 176 20.97 -24.05 1.73
C ARG A 176 21.39 -25.03 0.65
N CYS A 177 21.76 -24.54 -0.54
CA CYS A 177 21.94 -25.39 -1.69
C CYS A 177 23.35 -25.43 -2.25
N GLY A 178 24.21 -24.47 -1.90
CA GLY A 178 25.61 -24.58 -2.20
C GLY A 178 25.98 -24.45 -3.68
N GLU A 179 27.15 -24.99 -3.99
CA GLU A 179 27.68 -24.90 -5.34
C GLU A 179 26.72 -25.38 -6.42
N PRO A 180 25.98 -26.49 -6.25
CA PRO A 180 25.11 -26.95 -7.36
C PRO A 180 24.12 -25.91 -7.85
N VAL A 181 23.51 -25.15 -6.95
CA VAL A 181 22.56 -24.14 -7.42
C VAL A 181 23.27 -23.00 -8.11
N ILE A 182 24.47 -22.64 -7.66
CA ILE A 182 25.24 -21.57 -8.31
C ILE A 182 25.62 -22.00 -9.71
N ARG A 183 26.13 -23.24 -9.83
CA ARG A 183 26.50 -23.78 -11.14
CA ARG A 183 26.50 -23.79 -11.13
C ARG A 183 25.31 -23.74 -12.09
N ARG A 184 24.14 -24.15 -11.61
CA ARG A 184 22.97 -24.17 -12.48
C ARG A 184 22.54 -22.75 -12.85
N GLY A 185 22.63 -21.81 -11.90
CA GLY A 185 22.32 -20.44 -12.21
C GLY A 185 23.25 -19.86 -13.25
N VAL A 186 24.56 -20.10 -13.09
CA VAL A 186 25.54 -19.60 -14.05
C VAL A 186 25.27 -20.14 -15.43
N ASP A 187 24.99 -21.44 -15.51
CA ASP A 187 24.78 -22.05 -16.82
C ASP A 187 23.50 -21.52 -17.46
N MET A 188 22.47 -21.30 -16.64
CA MET A 188 21.22 -20.74 -17.14
C MET A 188 21.41 -19.31 -17.64
N ALA A 189 22.05 -18.47 -16.84
CA ALA A 189 22.28 -17.09 -17.26
C ALA A 189 23.15 -17.04 -18.51
N MET A 190 24.16 -17.92 -18.58
CA MET A 190 25.03 -17.93 -19.75
C MET A 190 24.25 -18.24 -21.01
N ARG A 191 23.38 -19.26 -20.96
CA ARG A 191 22.56 -19.60 -22.10
C ARG A 191 21.57 -18.49 -22.43
N MET A 192 20.94 -17.90 -21.42
CA MET A 192 19.94 -16.88 -21.70
C MET A 192 20.58 -15.64 -22.29
N MET A 193 21.68 -15.18 -21.71
CA MET A 193 22.32 -13.95 -22.17
CA MET A 193 22.30 -13.96 -22.18
C MET A 193 23.13 -14.16 -23.44
N GLY A 194 23.53 -15.39 -23.74
CA GLY A 194 24.34 -15.63 -24.91
C GLY A 194 23.60 -16.21 -26.10
N GLU A 195 22.44 -16.83 -25.86
CA GLU A 195 21.71 -17.55 -26.92
C GLU A 195 20.23 -17.21 -27.02
N GLN A 196 19.60 -16.65 -25.99
CA GLN A 196 18.17 -16.38 -26.02
C GLN A 196 17.84 -14.91 -26.18
N PHE A 197 18.39 -14.05 -25.32
CA PHE A 197 18.16 -12.62 -25.46
C PHE A 197 18.92 -12.05 -26.63
N VAL A 198 19.98 -12.72 -27.07
CA VAL A 198 20.68 -12.34 -28.29
C VAL A 198 20.88 -13.59 -29.12
N THR A 199 20.97 -13.39 -30.44
CA THR A 199 21.34 -14.50 -31.29
C THR A 199 22.81 -14.84 -31.12
N GLY A 200 23.64 -13.84 -30.86
CA GLY A 200 25.03 -14.05 -30.57
C GLY A 200 25.62 -12.79 -29.97
N GLU A 201 26.79 -12.94 -29.36
CA GLU A 201 27.46 -11.80 -28.75
C GLU A 201 28.06 -10.88 -29.80
N THR A 202 28.46 -11.44 -30.93
CA THR A 202 29.03 -10.68 -32.03
C THR A 202 28.32 -11.06 -33.31
N ILE A 203 28.46 -10.22 -34.33
CA ILE A 203 27.78 -10.50 -35.58
C ILE A 203 28.25 -11.83 -36.17
N ARG A 204 29.54 -12.14 -36.03
CA ARG A 204 30.04 -13.41 -36.56
C ARG A 204 29.40 -14.59 -35.84
N GLU A 205 29.30 -14.54 -34.52
CA GLU A 205 28.63 -15.60 -33.79
C GLU A 205 27.16 -15.69 -34.20
N ALA A 206 26.48 -14.55 -34.32
CA ALA A 206 25.08 -14.56 -34.70
C ALA A 206 24.89 -15.16 -36.09
N LEU A 207 25.79 -14.83 -37.01
CA LEU A 207 25.68 -15.37 -38.37
C LEU A 207 25.87 -16.89 -38.36
N LYS A 208 26.82 -17.39 -37.56
CA LYS A 208 27.04 -18.83 -37.51
C LYS A 208 25.80 -19.55 -37.00
N ARG A 209 25.14 -18.98 -36.01
CA ARG A 209 23.95 -19.58 -35.41
C ARG A 209 22.69 -19.41 -36.25
N SER A 210 22.75 -18.61 -37.31
CA SER A 210 21.58 -18.37 -38.15
C SER A 210 21.37 -19.43 -39.22
N LYS A 211 22.40 -20.24 -39.51
CA LYS A 211 22.33 -21.16 -40.62
C LYS A 211 21.23 -22.20 -40.43
N GLU A 212 21.03 -22.65 -39.20
CA GLU A 212 20.07 -23.73 -38.94
C GLU A 212 18.66 -23.34 -39.38
N LEU A 213 18.19 -22.17 -38.96
CA LEU A 213 16.84 -21.75 -39.33
C LEU A 213 16.76 -21.21 -40.75
N GLU A 214 17.85 -20.64 -41.27
CA GLU A 214 17.85 -20.26 -42.68
C GLU A 214 17.62 -21.48 -43.57
N GLU A 215 18.20 -22.62 -43.19
CA GLU A 215 18.04 -23.83 -43.99
C GLU A 215 16.59 -24.31 -44.00
N LYS A 216 15.79 -23.88 -43.03
CA LYS A 216 14.39 -24.25 -42.93
C LYS A 216 13.45 -23.23 -43.58
N GLY A 217 13.98 -22.09 -44.04
CA GLY A 217 13.18 -21.10 -44.71
C GLY A 217 13.05 -19.79 -43.97
N PHE A 218 13.67 -19.66 -42.81
CA PHE A 218 13.68 -18.37 -42.15
C PHE A 218 14.75 -17.47 -42.75
N SER A 219 14.61 -16.18 -42.53
CA SER A 219 15.65 -15.21 -42.81
C SER A 219 15.92 -14.44 -41.54
N TYR A 220 16.88 -13.52 -41.61
CA TYR A 220 17.31 -12.77 -40.45
C TYR A 220 17.44 -11.29 -40.75
N SER A 221 17.20 -10.49 -39.72
CA SER A 221 17.57 -9.08 -39.69
C SER A 221 18.29 -8.84 -38.38
N TYR A 222 19.52 -8.38 -38.44
CA TYR A 222 20.34 -8.27 -37.23
C TYR A 222 20.23 -6.89 -36.62
N ASP A 223 20.03 -6.87 -35.30
CA ASP A 223 19.92 -5.65 -34.51
C ASP A 223 21.17 -5.57 -33.63
N MET A 224 22.05 -4.62 -33.95
CA MET A 224 23.28 -4.43 -33.17
C MET A 224 23.02 -3.73 -31.84
N LEU A 225 21.76 -3.50 -31.49
CA LEU A 225 21.34 -3.07 -30.16
C LEU A 225 21.76 -1.64 -29.82
N GLY A 226 22.27 -0.89 -30.78
CA GLY A 226 22.56 0.51 -30.54
C GLY A 226 21.31 1.35 -30.48
N GLU A 227 21.35 2.38 -29.64
CA GLU A 227 20.15 3.16 -29.40
C GLU A 227 20.53 4.38 -28.58
N ALA A 228 19.90 5.52 -28.91
CA ALA A 228 19.97 6.73 -28.10
C ALA A 228 21.43 7.11 -27.78
N ALA A 229 22.16 7.45 -28.84
CA ALA A 229 23.48 8.04 -28.65
C ALA A 229 23.38 9.30 -27.80
N THR A 230 24.27 9.41 -26.83
CA THR A 230 24.34 10.59 -25.97
C THR A 230 25.42 11.56 -26.39
N THR A 231 26.46 11.07 -27.06
CA THR A 231 27.60 11.88 -27.45
C THR A 231 27.93 11.57 -28.90
N ALA A 232 28.72 12.47 -29.49
CA ALA A 232 29.25 12.22 -30.82
C ALA A 232 30.02 10.91 -30.86
N ALA A 233 30.81 10.63 -29.83
CA ALA A 233 31.59 9.40 -29.81
C ALA A 233 30.69 8.17 -29.79
N ASP A 234 29.59 8.22 -29.04
CA ASP A 234 28.62 7.12 -29.07
C ASP A 234 28.11 6.91 -30.49
N ALA A 235 27.72 8.01 -31.12
CA ALA A 235 27.14 7.90 -32.45
C ALA A 235 28.15 7.33 -33.42
N GLU A 236 29.42 7.74 -33.29
CA GLU A 236 30.46 7.17 -34.15
C GLU A 236 30.65 5.70 -33.88
N ARG A 237 30.61 5.30 -32.60
CA ARG A 237 30.74 3.89 -32.24
C ARG A 237 29.60 3.07 -32.84
N TYR A 238 28.37 3.54 -32.71
CA TYR A 238 27.26 2.81 -33.30
C TYR A 238 27.40 2.76 -34.81
N TYR A 239 27.85 3.85 -35.43
CA TYR A 239 28.08 3.86 -36.87
C TYR A 239 29.04 2.76 -37.27
N ARG A 240 30.23 2.73 -36.67
CA ARG A 240 31.19 1.73 -37.10
C ARG A 240 30.73 0.31 -36.75
N ASP A 241 29.91 0.13 -35.71
CA ASP A 241 29.32 -1.18 -35.44
C ASP A 241 28.36 -1.58 -36.56
N TYR A 242 27.51 -0.66 -37.00
CA TYR A 242 26.61 -0.97 -38.11
C TYR A 242 27.40 -1.27 -39.39
N GLU A 243 28.43 -0.46 -39.66
CA GLU A 243 29.22 -0.65 -40.86
C GLU A 243 29.90 -2.02 -40.84
N SER A 244 30.50 -2.37 -39.70
CA SER A 244 31.16 -3.67 -39.60
C SER A 244 30.16 -4.81 -39.70
N ALA A 245 28.96 -4.64 -39.12
CA ALA A 245 27.94 -5.67 -39.25
C ALA A 245 27.47 -5.83 -40.69
N ILE A 246 27.27 -4.71 -41.40
CA ILE A 246 26.87 -4.81 -42.80
C ILE A 246 27.88 -5.62 -43.60
N HIS A 247 29.17 -5.39 -43.37
CA HIS A 247 30.17 -6.19 -44.08
C HIS A 247 30.02 -7.66 -43.76
N ALA A 248 29.87 -8.01 -42.49
CA ALA A 248 29.77 -9.42 -42.14
C ALA A 248 28.49 -10.01 -42.69
N ILE A 249 27.37 -9.29 -42.59
CA ILE A 249 26.11 -9.79 -43.11
C ILE A 249 26.17 -9.90 -44.62
N GLY A 250 26.73 -8.89 -45.28
CA GLY A 250 26.82 -8.93 -46.72
C GLY A 250 27.73 -10.03 -47.22
N LYS A 251 28.86 -10.25 -46.54
CA LYS A 251 29.72 -11.36 -46.92
C LYS A 251 28.99 -12.69 -46.78
N ALA A 252 28.20 -12.83 -45.72
CA ALA A 252 27.46 -14.05 -45.46
C ALA A 252 26.29 -14.20 -46.41
N SER A 253 25.63 -13.09 -46.73
CA SER A 253 24.51 -13.16 -47.66
C SER A 253 24.93 -13.80 -48.96
N ALA A 254 26.12 -13.44 -49.43
CA ALA A 254 26.74 -14.04 -50.61
C ALA A 254 25.78 -14.07 -51.80
N GLY A 255 25.15 -12.93 -52.04
CA GLY A 255 24.32 -12.79 -53.21
C GLY A 255 22.92 -13.37 -53.10
N ARG A 256 22.49 -13.77 -51.90
CA ARG A 256 21.13 -14.28 -51.76
C ARG A 256 20.07 -13.22 -51.96
N GLY A 257 20.43 -11.95 -51.88
CA GLY A 257 19.48 -10.88 -52.12
C GLY A 257 18.71 -10.51 -50.87
N ILE A 258 17.82 -9.53 -51.05
CA ILE A 258 17.20 -8.88 -49.90
C ILE A 258 16.07 -9.69 -49.28
N TYR A 259 15.50 -10.66 -49.99
CA TYR A 259 14.38 -11.43 -49.44
C TYR A 259 14.83 -12.73 -48.78
N GLU A 260 15.62 -13.53 -49.48
CA GLU A 260 16.12 -14.76 -48.89
C GLU A 260 17.28 -14.48 -47.94
N GLY A 261 18.08 -13.47 -48.24
CA GLY A 261 19.27 -13.23 -47.48
C GLY A 261 19.05 -12.31 -46.31
N PRO A 262 20.02 -12.30 -45.41
CA PRO A 262 19.90 -11.51 -44.18
C PRO A 262 20.05 -10.03 -44.46
N GLY A 263 19.58 -9.24 -43.50
CA GLY A 263 19.70 -7.81 -43.54
C GLY A 263 20.06 -7.25 -42.18
N ILE A 264 20.04 -5.93 -42.06
CA ILE A 264 20.37 -5.26 -40.81
C ILE A 264 19.23 -4.30 -40.48
N SER A 265 19.04 -4.07 -39.19
CA SER A 265 18.13 -3.04 -38.71
C SER A 265 18.95 -2.01 -37.95
N ILE A 266 18.60 -0.73 -38.14
CA ILE A 266 19.30 0.37 -37.47
C ILE A 266 18.27 1.24 -36.77
N LYS A 267 18.73 1.96 -35.76
CA LYS A 267 17.93 3.00 -35.11
C LYS A 267 18.58 4.33 -35.37
N LEU A 268 17.81 5.28 -35.91
CA LEU A 268 18.38 6.59 -36.19
C LEU A 268 18.92 7.25 -34.93
N SER A 269 18.29 6.99 -33.79
CA SER A 269 18.77 7.62 -32.55
C SER A 269 20.15 7.15 -32.16
N ALA A 270 20.60 6.00 -32.69
CA ALA A 270 21.96 5.55 -32.42
C ALA A 270 22.99 6.35 -33.21
N LEU A 271 22.57 7.02 -34.28
CA LEU A 271 23.54 7.59 -35.20
C LEU A 271 23.71 9.08 -35.04
N HIS A 272 23.00 9.70 -34.11
CA HIS A 272 23.24 11.10 -33.86
C HIS A 272 22.78 11.40 -32.45
N PRO A 273 23.56 12.16 -31.67
CA PRO A 273 23.14 12.43 -30.28
C PRO A 273 22.02 13.44 -30.17
N ARG A 274 21.67 14.14 -31.24
CA ARG A 274 20.55 15.08 -31.17
C ARG A 274 19.52 14.77 -32.23
N TYR A 275 19.03 13.54 -32.24
CA TYR A 275 18.06 13.11 -33.21
C TYR A 275 16.69 13.55 -32.70
N SER A 276 16.26 14.73 -33.15
CA SER A 276 15.00 15.28 -32.70
C SER A 276 14.56 16.33 -33.69
N ARG A 277 13.26 16.60 -33.71
CA ARG A 277 12.72 17.64 -34.58
C ARG A 277 13.33 19.00 -34.26
N ALA A 278 13.61 19.27 -32.99
CA ALA A 278 14.21 20.56 -32.65
C ALA A 278 15.55 20.76 -33.33
N GLN A 279 16.24 19.67 -33.63
CA GLN A 279 17.55 19.72 -34.27
C GLN A 279 17.49 19.17 -35.69
N ALA A 280 16.36 19.38 -36.37
CA ALA A 280 16.17 18.76 -37.68
C ALA A 280 17.26 19.16 -38.66
N ALA A 281 17.72 20.40 -38.62
CA ALA A 281 18.78 20.80 -39.55
C ALA A 281 20.04 19.99 -39.33
N ARG A 282 20.41 19.75 -38.06
CA ARG A 282 21.58 18.92 -37.81
C ARG A 282 21.33 17.49 -38.22
N VAL A 283 20.10 17.01 -38.01
CA VAL A 283 19.76 15.65 -38.42
C VAL A 283 19.94 15.49 -39.92
N MET A 284 19.40 16.41 -40.71
CA MET A 284 19.51 16.27 -42.15
C MET A 284 20.94 16.49 -42.63
N GLY A 285 21.68 17.36 -41.93
CA GLY A 285 23.04 17.65 -42.37
C GLY A 285 24.05 16.61 -41.95
N GLU A 286 23.83 15.98 -40.79
CA GLU A 286 24.85 15.14 -40.19
C GLU A 286 24.43 13.68 -40.06
N LEU A 287 23.17 13.42 -39.74
CA LEU A 287 22.71 12.05 -39.61
CA LEU A 287 22.72 12.05 -39.62
C LEU A 287 22.46 11.44 -40.99
N LEU A 288 21.76 12.17 -41.85
CA LEU A 288 21.43 11.66 -43.18
C LEU A 288 22.64 11.12 -43.93
N PRO A 289 23.77 11.83 -44.04
CA PRO A 289 24.91 11.25 -44.76
C PRO A 289 25.40 9.95 -44.17
N ARG A 290 25.28 9.78 -42.86
CA ARG A 290 25.71 8.53 -42.25
C ARG A 290 24.79 7.39 -42.65
N VAL A 291 23.48 7.62 -42.63
CA VAL A 291 22.57 6.59 -43.09
C VAL A 291 22.82 6.28 -44.55
N LYS A 292 23.06 7.30 -45.35
CA LYS A 292 23.33 7.08 -46.76
C LYS A 292 24.56 6.22 -46.94
N ALA A 293 25.62 6.49 -46.18
CA ALA A 293 26.83 5.70 -46.31
C ALA A 293 26.58 4.24 -45.96
N LEU A 294 25.80 3.99 -44.89
CA LEU A 294 25.47 2.60 -44.57
C LEU A 294 24.60 1.99 -45.65
N ALA A 295 23.66 2.78 -46.18
CA ALA A 295 22.77 2.26 -47.22
C ALA A 295 23.55 1.93 -48.49
N LEU A 296 24.54 2.75 -48.83
CA LEU A 296 25.37 2.44 -50.00
C LEU A 296 26.06 1.11 -49.83
N LEU A 297 26.53 0.82 -48.62
CA LEU A 297 27.19 -0.46 -48.39
C LEU A 297 26.18 -1.60 -48.46
N ALA A 298 25.00 -1.42 -47.87
CA ALA A 298 23.96 -2.45 -47.97
C ALA A 298 23.59 -2.69 -49.43
N LYS A 299 23.52 -1.62 -50.23
CA LYS A 299 23.26 -1.75 -51.66
CA LYS A 299 23.26 -1.75 -51.66
C LYS A 299 24.34 -2.58 -52.33
N ASN A 300 25.61 -2.36 -51.97
CA ASN A 300 26.65 -3.09 -52.68
C ASN A 300 26.59 -4.58 -52.40
N TYR A 301 26.26 -4.97 -51.18
CA TYR A 301 26.07 -6.36 -50.85
C TYR A 301 24.67 -6.86 -51.16
N ASP A 302 23.74 -5.97 -51.51
CA ASP A 302 22.35 -6.30 -51.78
C ASP A 302 21.69 -7.00 -50.60
N ILE A 303 21.74 -6.32 -49.47
CA ILE A 303 21.06 -6.77 -48.24
C ILE A 303 20.04 -5.72 -47.84
N GLY A 304 19.10 -6.13 -47.00
CA GLY A 304 18.13 -5.19 -46.46
C GLY A 304 18.76 -4.31 -45.40
N LEU A 305 18.30 -3.06 -45.36
CA LEU A 305 18.68 -2.12 -44.31
C LEU A 305 17.39 -1.48 -43.83
N ASN A 306 16.98 -1.81 -42.62
CA ASN A 306 15.69 -1.38 -42.10
C ASN A 306 15.91 -0.28 -41.07
N ILE A 307 15.09 0.76 -41.14
CA ILE A 307 15.08 1.82 -40.14
C ILE A 307 13.99 1.50 -39.13
N ASP A 308 14.40 1.16 -37.91
CA ASP A 308 13.48 0.86 -36.83
C ASP A 308 12.71 2.11 -36.43
N ALA A 309 11.50 1.93 -35.93
CA ALA A 309 10.67 3.05 -35.51
C ALA A 309 10.81 3.24 -34.00
N GLU A 310 10.88 4.50 -33.60
CA GLU A 310 11.15 4.81 -32.20
C GLU A 310 10.00 5.60 -31.61
N GLU A 311 10.30 6.65 -30.85
CA GLU A 311 9.24 7.40 -30.19
C GLU A 311 8.37 8.15 -31.20
N ALA A 312 7.15 8.46 -30.77
CA ALA A 312 6.19 9.10 -31.66
C ALA A 312 6.70 10.44 -32.17
N ASP A 313 7.46 11.19 -31.37
CA ASP A 313 7.94 12.49 -31.83
C ASP A 313 9.11 12.39 -32.80
N ARG A 314 9.52 11.18 -33.18
CA ARG A 314 10.55 10.99 -34.18
C ARG A 314 10.00 10.44 -35.48
N LEU A 315 8.73 10.06 -35.51
CA LEU A 315 8.15 9.43 -36.70
C LEU A 315 8.28 10.35 -37.90
N GLU A 316 7.72 11.54 -37.82
CA GLU A 316 7.68 12.38 -39.01
C GLU A 316 9.06 12.84 -39.43
N LEU A 317 9.95 13.10 -38.46
CA LEU A 317 11.32 13.45 -38.81
C LEU A 317 11.99 12.33 -39.61
N SER A 318 11.76 11.08 -39.20
CA SER A 318 12.37 9.97 -39.91
C SER A 318 11.88 9.89 -41.35
N LEU A 319 10.66 10.35 -41.62
CA LEU A 319 10.15 10.34 -42.98
C LEU A 319 10.94 11.26 -43.88
N ASP A 320 11.46 12.36 -43.34
CA ASP A 320 12.29 13.22 -44.16
C ASP A 320 13.58 12.55 -44.58
N LEU A 321 14.13 11.70 -43.71
CA LEU A 321 15.31 10.94 -44.11
C LEU A 321 14.94 9.88 -45.12
N LEU A 322 13.84 9.15 -44.87
CA LEU A 322 13.40 8.13 -45.82
C LEU A 322 13.16 8.73 -47.19
N GLU A 323 12.55 9.91 -47.24
CA GLU A 323 12.29 10.58 -48.51
C GLU A 323 13.60 10.86 -49.27
N VAL A 324 14.56 11.49 -48.59
CA VAL A 324 15.81 11.84 -49.27
C VAL A 324 16.51 10.58 -49.75
N LEU A 325 16.55 9.56 -48.91
CA LEU A 325 17.28 8.34 -49.28
C LEU A 325 16.63 7.66 -50.48
N CYS A 326 15.30 7.59 -50.48
CA CYS A 326 14.64 6.93 -51.60
C CYS A 326 14.72 7.71 -52.90
N LEU A 327 14.94 9.02 -52.84
CA LEU A 327 15.09 9.85 -54.03
C LEU A 327 16.54 10.02 -54.45
N ASP A 328 17.48 9.49 -53.68
CA ASP A 328 18.91 9.68 -53.95
C ASP A 328 19.35 8.68 -55.01
N GLY A 329 19.76 9.20 -56.18
CA GLY A 329 20.12 8.32 -57.27
C GLY A 329 21.30 7.42 -56.97
N ASP A 330 22.16 7.79 -56.02
CA ASP A 330 23.28 6.93 -55.69
C ASP A 330 22.81 5.59 -55.11
N LEU A 331 21.59 5.52 -54.60
CA LEU A 331 21.07 4.30 -54.03
C LEU A 331 20.19 3.52 -55.00
N SER A 332 20.07 3.99 -56.24
CA SER A 332 19.14 3.36 -57.16
C SER A 332 19.59 1.95 -57.52
N GLY A 333 18.62 1.11 -57.84
CA GLY A 333 18.88 -0.26 -58.20
C GLY A 333 18.81 -1.22 -57.04
N TRP A 334 18.63 -0.72 -55.83
CA TRP A 334 18.61 -1.54 -54.63
C TRP A 334 17.26 -1.31 -53.96
N ASN A 335 16.56 -2.42 -53.66
CA ASN A 335 15.26 -2.38 -53.02
C ASN A 335 15.32 -2.76 -51.56
N GLY A 336 16.52 -2.75 -50.97
CA GLY A 336 16.66 -3.18 -49.60
C GLY A 336 16.35 -2.16 -48.53
N MET A 337 16.07 -0.91 -48.88
CA MET A 337 15.72 0.06 -47.84
CA MET A 337 15.72 0.07 -47.85
C MET A 337 14.40 -0.32 -47.19
N GLY A 338 14.40 -0.40 -45.86
CA GLY A 338 13.22 -0.79 -45.13
C GLY A 338 12.88 0.22 -44.06
N PHE A 339 11.63 0.19 -43.62
CA PHE A 339 11.13 1.21 -42.71
C PHE A 339 9.98 0.64 -41.91
N VAL A 340 10.03 0.85 -40.59
CA VAL A 340 9.01 0.33 -39.69
C VAL A 340 7.90 1.36 -39.53
N VAL A 341 6.66 0.88 -39.50
CA VAL A 341 5.53 1.71 -39.10
C VAL A 341 4.81 1.01 -37.96
N GLN A 342 4.39 1.80 -36.97
CA GLN A 342 3.84 1.29 -35.73
C GLN A 342 2.33 1.41 -35.76
N ALA A 343 1.63 0.26 -35.81
CA ALA A 343 0.17 0.26 -35.88
C ALA A 343 -0.49 0.75 -34.60
N TYR A 344 0.24 0.81 -33.48
CA TYR A 344 -0.37 1.45 -32.32
C TYR A 344 -0.48 2.95 -32.48
N GLY A 345 0.11 3.53 -33.52
CA GLY A 345 0.08 4.96 -33.71
C GLY A 345 -1.09 5.38 -34.59
N LYS A 346 -1.68 6.51 -34.23
CA LYS A 346 -2.85 7.00 -34.93
C LYS A 346 -2.53 7.46 -36.36
N ARG A 347 -1.28 7.76 -36.64
CA ARG A 347 -0.88 8.18 -37.99
C ARG A 347 -0.57 7.02 -38.91
N CYS A 348 -0.51 5.79 -38.40
CA CYS A 348 -0.04 4.64 -39.17
C CYS A 348 -0.61 4.54 -40.58
N PRO A 349 -1.93 4.53 -40.79
CA PRO A 349 -2.42 4.37 -42.17
C PRO A 349 -1.99 5.51 -43.08
N PHE A 350 -1.89 6.72 -42.54
CA PHE A 350 -1.47 7.88 -43.33
C PHE A 350 0.01 7.84 -43.62
N VAL A 351 0.79 7.33 -42.67
CA VAL A 351 2.21 7.10 -42.93
C VAL A 351 2.37 6.08 -44.04
N LEU A 352 1.58 5.00 -44.00
CA LEU A 352 1.65 4.02 -45.06
C LEU A 352 1.27 4.60 -46.41
N ASP A 353 0.22 5.45 -46.45
CA ASP A 353 -0.12 6.11 -47.71
C ASP A 353 1.07 6.90 -48.23
N PHE A 354 1.75 7.62 -47.33
CA PHE A 354 2.91 8.40 -47.73
C PHE A 354 4.01 7.49 -48.26
N ILE A 355 4.27 6.38 -47.56
CA ILE A 355 5.36 5.48 -47.95
C ILE A 355 5.06 4.80 -49.26
N ILE A 356 3.83 4.31 -49.44
CA ILE A 356 3.45 3.69 -50.69
C ILE A 356 3.60 4.68 -51.84
N ASP A 357 3.19 5.93 -51.62
CA ASP A 357 3.36 6.92 -52.67
C ASP A 357 4.85 7.19 -52.93
N LEU A 358 5.65 7.27 -51.87
CA LEU A 358 7.08 7.47 -52.06
C LEU A 358 7.69 6.31 -52.84
N ALA A 359 7.26 5.09 -52.53
CA ALA A 359 7.74 3.92 -53.27
C ALA A 359 7.37 4.05 -54.74
N ARG A 360 6.16 4.52 -55.03
CA ARG A 360 5.77 4.73 -56.42
C ARG A 360 6.63 5.80 -57.09
N ARG A 361 6.80 6.94 -56.44
CA ARG A 361 7.57 8.04 -57.03
C ARG A 361 9.02 7.64 -57.26
N SER A 362 9.62 6.97 -56.28
CA SER A 362 11.04 6.65 -56.35
C SER A 362 11.29 5.39 -57.16
N GLY A 363 10.27 4.55 -57.33
CA GLY A 363 10.48 3.26 -57.92
C GLY A 363 11.21 2.27 -57.03
N ARG A 364 11.37 2.58 -55.75
CA ARG A 364 12.00 1.68 -54.80
C ARG A 364 10.91 0.88 -54.13
N ARG A 365 11.06 -0.44 -54.11
CA ARG A 365 10.08 -1.30 -53.46
C ARG A 365 10.41 -1.33 -51.98
N ILE A 366 9.92 -0.32 -51.28
CA ILE A 366 10.29 -0.12 -49.88
C ILE A 366 9.83 -1.31 -49.07
N MET A 367 10.72 -1.84 -48.23
CA MET A 367 10.37 -2.92 -47.32
C MET A 367 9.72 -2.30 -46.10
N VAL A 368 8.46 -2.60 -45.86
CA VAL A 368 7.72 -1.93 -44.81
C VAL A 368 7.45 -2.96 -43.74
N ARG A 369 8.05 -2.77 -42.57
CA ARG A 369 7.78 -3.63 -41.44
C ARG A 369 6.64 -3.03 -40.63
N LEU A 370 5.53 -3.74 -40.59
CA LEU A 370 4.40 -3.32 -39.78
C LEU A 370 4.56 -3.97 -38.42
N VAL A 371 4.61 -3.15 -37.37
CA VAL A 371 4.70 -3.64 -36.01
C VAL A 371 3.54 -3.01 -35.26
N LYS A 372 3.34 -3.46 -34.03
CA LYS A 372 2.37 -2.75 -33.19
C LYS A 372 2.99 -1.53 -32.54
N GLY A 373 4.03 -1.72 -31.74
CA GLY A 373 4.82 -0.59 -31.24
C GLY A 373 5.37 -0.91 -29.86
N ALA A 374 6.57 -0.42 -29.60
CA ALA A 374 7.33 -0.86 -28.43
C ALA A 374 7.37 0.14 -27.27
N TYR A 375 6.80 1.34 -27.44
CA TYR A 375 7.01 2.42 -26.49
C TYR A 375 5.70 2.87 -25.86
N TRP A 376 4.72 1.99 -25.73
CA TRP A 376 3.38 2.41 -25.39
C TRP A 376 3.33 3.15 -24.05
N ASP A 377 3.86 2.53 -22.98
CA ASP A 377 3.84 3.15 -21.65
C ASP A 377 4.46 4.53 -21.69
N ALA A 378 5.58 4.66 -22.38
CA ALA A 378 6.30 5.91 -22.40
C ALA A 378 5.52 6.97 -23.16
N GLU A 379 4.80 6.57 -24.21
CA GLU A 379 4.01 7.56 -24.95
C GLU A 379 2.87 8.08 -24.09
N ILE A 380 2.29 7.22 -23.25
CA ILE A 380 1.20 7.67 -22.38
C ILE A 380 1.75 8.68 -21.38
N LYS A 381 2.87 8.35 -20.75
CA LYS A 381 3.46 9.24 -19.76
C LYS A 381 3.84 10.57 -20.37
N ARG A 382 4.49 10.53 -21.54
CA ARG A 382 4.99 11.77 -22.13
C ARG A 382 3.85 12.71 -22.49
N ALA A 383 2.77 12.17 -23.07
CA ALA A 383 1.66 13.04 -23.44
C ALA A 383 1.03 13.65 -22.19
N GLN A 384 0.93 12.88 -21.11
CA GLN A 384 0.40 13.42 -19.87
C GLN A 384 1.31 14.51 -19.32
N LEU A 385 2.62 14.25 -19.27
CA LEU A 385 3.56 15.25 -18.76
C LEU A 385 3.49 16.54 -19.56
N ASP A 386 3.34 16.42 -20.88
CA ASP A 386 3.38 17.58 -21.75
C ASP A 386 2.02 18.27 -21.88
N GLY A 387 0.99 17.73 -21.24
CA GLY A 387 -0.31 18.38 -21.26
C GLY A 387 -0.89 18.48 -22.64
N LEU A 388 -0.71 17.45 -23.45
CA LEU A 388 -1.15 17.56 -24.84
C LEU A 388 -2.59 17.11 -25.00
N ALA A 389 -3.15 17.38 -26.18
CA ALA A 389 -4.58 17.20 -26.36
C ALA A 389 -5.00 15.75 -26.23
N ASP A 390 -4.15 14.82 -26.65
CA ASP A 390 -4.52 13.41 -26.69
C ASP A 390 -3.22 12.64 -26.88
N PHE A 391 -3.33 11.35 -26.95
CA PHE A 391 -2.18 10.50 -27.12
C PHE A 391 -1.91 10.28 -28.60
N PRO A 392 -0.65 10.04 -28.96
CA PRO A 392 -0.33 9.70 -30.35
C PRO A 392 -0.43 8.20 -30.63
N VAL A 393 -0.88 7.43 -29.65
CA VAL A 393 -1.07 6.00 -29.76
C VAL A 393 -2.46 5.68 -29.25
N PHE A 394 -2.96 4.51 -29.63
CA PHE A 394 -4.21 4.03 -29.07
C PHE A 394 -4.03 3.71 -27.60
N THR A 395 -5.15 3.67 -26.88
CA THR A 395 -5.13 3.37 -25.46
C THR A 395 -5.78 2.05 -25.11
N ARG A 396 -6.48 1.42 -26.06
CA ARG A 396 -6.97 0.07 -25.88
C ARG A 396 -6.19 -0.85 -26.79
N LYS A 397 -5.69 -1.95 -26.23
CA LYS A 397 -4.88 -2.87 -27.01
C LYS A 397 -5.62 -3.36 -28.24
N ILE A 398 -6.94 -3.59 -28.12
CA ILE A 398 -7.70 -4.10 -29.24
C ILE A 398 -7.73 -3.10 -30.39
N HIS A 399 -7.63 -1.81 -30.08
CA HIS A 399 -7.55 -0.81 -31.14
C HIS A 399 -6.28 -0.97 -31.96
N THR A 400 -5.16 -1.21 -31.29
CA THR A 400 -3.91 -1.45 -32.02
C THR A 400 -4.04 -2.69 -32.89
N ASP A 401 -4.73 -3.72 -32.42
CA ASP A 401 -4.89 -4.93 -33.22
C ASP A 401 -5.70 -4.63 -34.48
N VAL A 402 -6.79 -3.88 -34.34
CA VAL A 402 -7.59 -3.52 -35.52
C VAL A 402 -6.78 -2.64 -36.44
N SER A 403 -6.06 -1.67 -35.89
CA SER A 403 -5.19 -0.83 -36.70
C SER A 403 -4.20 -1.69 -37.48
N TYR A 404 -3.60 -2.66 -36.82
CA TYR A 404 -2.63 -3.53 -37.49
C TYR A 404 -3.27 -4.24 -38.67
N ILE A 405 -4.44 -4.84 -38.46
CA ILE A 405 -5.08 -5.60 -39.53
C ILE A 405 -5.52 -4.67 -40.66
N ALA A 406 -6.04 -3.50 -40.32
CA ALA A 406 -6.42 -2.54 -41.36
C ALA A 406 -5.20 -2.10 -42.16
N CYS A 407 -4.09 -1.85 -41.48
CA CYS A 407 -2.89 -1.42 -42.19
C CYS A 407 -2.30 -2.55 -43.03
N ALA A 408 -2.46 -3.79 -42.57
CA ALA A 408 -2.04 -4.94 -43.37
C ALA A 408 -2.86 -5.03 -44.64
N ALA A 409 -4.15 -4.72 -44.57
CA ALA A 409 -4.98 -4.71 -45.76
C ALA A 409 -4.48 -3.68 -46.77
N LYS A 410 -4.08 -2.51 -46.28
CA LYS A 410 -3.52 -1.49 -47.16
C LYS A 410 -2.22 -1.97 -47.79
N LEU A 411 -1.35 -2.58 -46.99
CA LEU A 411 -0.08 -3.06 -47.53
C LEU A 411 -0.28 -4.19 -48.52
N LEU A 412 -1.23 -5.09 -48.25
CA LEU A 412 -1.42 -6.23 -49.15
C LEU A 412 -2.00 -5.82 -50.49
N ALA A 413 -2.64 -4.65 -50.56
CA ALA A 413 -3.10 -4.12 -51.84
C ALA A 413 -1.98 -3.44 -52.62
N ALA A 414 -0.80 -3.32 -52.04
CA ALA A 414 0.30 -2.58 -52.65
C ALA A 414 1.58 -3.40 -52.77
N THR A 415 1.47 -4.74 -52.81
CA THR A 415 2.67 -5.57 -52.86
C THR A 415 3.46 -5.36 -54.15
N ASP A 416 2.87 -4.78 -55.19
CA ASP A 416 3.68 -4.49 -56.36
C ASP A 416 4.66 -3.35 -56.11
N VAL A 417 4.38 -2.47 -55.14
CA VAL A 417 5.23 -1.31 -54.93
C VAL A 417 5.94 -1.29 -53.58
N VAL A 418 5.45 -2.01 -52.58
CA VAL A 418 6.18 -2.18 -51.32
C VAL A 418 6.25 -3.67 -51.00
N PHE A 419 7.15 -4.00 -50.09
CA PHE A 419 7.29 -5.37 -49.60
C PHE A 419 6.84 -5.39 -48.16
N PRO A 420 5.63 -5.85 -47.87
CA PRO A 420 5.14 -5.85 -46.48
C PRO A 420 5.81 -6.91 -45.66
N GLN A 421 6.13 -6.55 -44.42
CA GLN A 421 6.77 -7.44 -43.47
C GLN A 421 5.94 -7.38 -42.19
N PHE A 422 5.23 -8.45 -41.89
CA PHE A 422 4.27 -8.45 -40.80
C PHE A 422 4.93 -9.02 -39.55
N ALA A 423 5.40 -8.12 -38.70
CA ALA A 423 6.09 -8.50 -37.48
C ALA A 423 5.04 -8.67 -36.39
N THR A 424 4.86 -9.89 -35.92
CA THR A 424 3.92 -10.12 -34.82
C THR A 424 4.15 -11.50 -34.25
N HIS A 425 3.91 -11.62 -32.94
CA HIS A 425 3.89 -12.92 -32.28
C HIS A 425 2.48 -13.38 -31.98
N ASN A 426 1.48 -12.63 -32.42
CA ASN A 426 0.09 -12.92 -32.08
C ASN A 426 -0.49 -13.83 -33.18
N ALA A 427 -0.84 -15.07 -32.80
CA ALA A 427 -1.31 -16.03 -33.78
C ALA A 427 -2.64 -15.60 -34.42
N GLN A 428 -3.46 -14.84 -33.70
CA GLN A 428 -4.69 -14.34 -34.29
C GLN A 428 -4.37 -13.33 -35.38
N THR A 429 -3.49 -12.37 -35.06
CA THR A 429 -3.05 -11.40 -36.05
C THR A 429 -2.48 -12.09 -37.28
N LEU A 430 -1.59 -13.07 -37.04
CA LEU A 430 -0.94 -13.79 -38.11
C LEU A 430 -1.96 -14.47 -39.01
N ALA A 431 -2.88 -15.23 -38.39
CA ALA A 431 -3.86 -15.98 -39.17
C ALA A 431 -4.75 -15.06 -39.99
N ALA A 432 -5.13 -13.92 -39.41
CA ALA A 432 -5.97 -12.96 -40.14
C ALA A 432 -5.26 -12.48 -41.40
N ILE A 433 -3.96 -12.22 -41.31
CA ILE A 433 -3.22 -11.71 -42.45
C ILE A 433 -2.92 -12.81 -43.45
N TYR A 434 -2.58 -14.00 -42.95
CA TYR A 434 -2.33 -15.15 -43.82
C TYR A 434 -3.51 -15.39 -44.75
N HIS A 435 -4.73 -15.33 -44.21
CA HIS A 435 -5.92 -15.54 -45.03
C HIS A 435 -6.26 -14.30 -45.85
N MET A 436 -6.00 -13.10 -45.31
CA MET A 436 -6.22 -11.88 -46.08
C MET A 436 -5.36 -11.88 -47.34
N ALA A 437 -4.13 -12.36 -47.23
CA ALA A 437 -3.20 -12.34 -48.36
C ALA A 437 -3.59 -13.33 -49.45
N GLY A 438 -4.32 -14.38 -49.11
CA GLY A 438 -4.82 -15.28 -50.12
C GLY A 438 -3.84 -16.35 -50.52
N LYS A 439 -4.25 -17.12 -51.54
CA LYS A 439 -3.53 -18.34 -51.92
C LYS A 439 -2.32 -18.07 -52.79
N ASP A 440 -2.33 -16.99 -53.58
CA ASP A 440 -1.19 -16.69 -54.44
C ASP A 440 -0.04 -16.16 -53.60
N PHE A 441 1.09 -16.87 -53.61
CA PHE A 441 2.25 -16.43 -52.87
C PHE A 441 3.52 -16.77 -53.64
N HIS A 442 4.51 -15.90 -53.51
CA HIS A 442 5.85 -16.18 -53.97
C HIS A 442 6.78 -15.44 -53.02
N VAL A 443 7.99 -15.96 -52.87
CA VAL A 443 8.98 -15.29 -52.03
C VAL A 443 9.25 -13.92 -52.61
N GLY A 444 9.17 -12.89 -51.77
CA GLY A 444 9.23 -11.52 -52.22
C GLY A 444 7.89 -10.82 -52.25
N LYS A 445 6.78 -11.55 -52.12
CA LYS A 445 5.49 -10.87 -52.11
C LYS A 445 5.29 -10.15 -50.79
N TYR A 446 5.44 -10.89 -49.69
CA TYR A 446 5.42 -10.36 -48.34
CA TYR A 446 5.45 -10.34 -48.35
C TYR A 446 6.10 -11.39 -47.46
N GLU A 447 6.31 -11.03 -46.20
CA GLU A 447 6.84 -12.00 -45.25
C GLU A 447 6.28 -11.66 -43.88
N PHE A 448 6.43 -12.61 -42.96
CA PHE A 448 6.22 -12.34 -41.55
C PHE A 448 7.55 -12.07 -40.89
N GLN A 449 7.50 -11.56 -39.67
CA GLN A 449 8.73 -11.35 -38.91
C GLN A 449 8.46 -11.65 -37.46
N CYS A 450 9.52 -12.06 -36.77
CA CYS A 450 9.38 -12.34 -35.36
C CYS A 450 10.71 -12.03 -34.68
N LEU A 451 10.68 -12.05 -33.36
CA LEU A 451 11.88 -11.80 -32.57
C LEU A 451 12.58 -13.11 -32.24
N HIS A 452 13.90 -13.09 -32.34
CA HIS A 452 14.70 -14.23 -31.92
C HIS A 452 14.37 -14.63 -30.48
N GLY A 453 14.34 -15.93 -30.24
CA GLY A 453 14.14 -16.42 -28.89
C GLY A 453 12.80 -16.07 -28.32
N MET A 454 11.81 -15.82 -29.17
CA MET A 454 10.46 -15.52 -28.73
C MET A 454 9.47 -16.04 -29.76
N GLY A 455 9.70 -15.69 -31.03
CA GLY A 455 8.74 -16.01 -32.06
C GLY A 455 8.90 -17.34 -32.75
N GLU A 456 10.02 -18.05 -32.53
CA GLU A 456 10.26 -19.29 -33.27
C GLU A 456 9.23 -20.38 -33.01
N PRO A 457 8.75 -20.61 -31.79
CA PRO A 457 7.71 -21.63 -31.62
C PRO A 457 6.50 -21.40 -32.50
N LEU A 458 6.04 -20.15 -32.61
CA LEU A 458 4.92 -19.85 -33.50
C LEU A 458 5.29 -20.06 -34.95
N TYR A 459 6.44 -19.51 -35.37
CA TYR A 459 6.75 -19.50 -36.79
C TYR A 459 7.29 -20.83 -37.30
N GLU A 460 7.72 -21.72 -36.40
CA GLU A 460 7.95 -23.09 -36.85
C GLU A 460 6.66 -23.82 -37.21
N GLU A 461 5.50 -23.24 -36.89
CA GLU A 461 4.22 -23.70 -37.38
C GLU A 461 3.78 -22.97 -38.64
N VAL A 462 4.60 -22.05 -39.15
CA VAL A 462 4.26 -21.22 -40.30
C VAL A 462 5.20 -21.48 -41.48
N VAL A 463 6.50 -21.41 -41.23
CA VAL A 463 7.49 -21.55 -42.28
C VAL A 463 7.54 -23.00 -42.75
N GLY A 464 7.70 -23.18 -44.06
CA GLY A 464 7.93 -24.51 -44.57
C GLY A 464 6.72 -25.06 -45.30
N ARG A 465 7.00 -25.89 -46.31
CA ARG A 465 5.93 -26.46 -47.13
C ARG A 465 4.99 -27.33 -46.31
N GLY A 466 5.48 -27.93 -45.23
CA GLY A 466 4.61 -28.71 -44.37
C GLY A 466 3.77 -27.91 -43.41
N LYS A 467 3.92 -26.59 -43.41
CA LYS A 467 3.14 -25.72 -42.53
C LYS A 467 2.33 -24.78 -43.42
N LEU A 468 2.43 -23.47 -43.21
CA LEU A 468 1.73 -22.49 -44.03
C LEU A 468 2.54 -22.04 -45.23
N ASP A 469 3.81 -22.45 -45.32
CA ASP A 469 4.68 -22.12 -46.44
C ASP A 469 4.75 -20.61 -46.67
N ARG A 470 4.93 -19.89 -45.56
CA ARG A 470 5.19 -18.47 -45.60
C ARG A 470 6.49 -18.16 -44.86
N PRO A 471 7.32 -17.28 -45.40
CA PRO A 471 8.62 -17.01 -44.79
C PRO A 471 8.48 -16.09 -43.59
N CYS A 472 9.46 -16.20 -42.69
CA CYS A 472 9.54 -15.35 -41.53
C CYS A 472 10.97 -14.88 -41.39
N ARG A 473 11.15 -13.60 -41.16
CA ARG A 473 12.45 -13.00 -40.89
C ARG A 473 12.59 -12.81 -39.39
N ILE A 474 13.68 -13.33 -38.84
CA ILE A 474 13.91 -13.29 -37.40
C ILE A 474 14.72 -12.05 -37.09
N TYR A 475 14.19 -11.20 -36.24
CA TYR A 475 14.90 -10.01 -35.77
C TYR A 475 15.84 -10.47 -34.66
N ALA A 476 17.13 -10.34 -34.92
CA ALA A 476 18.15 -11.06 -34.17
C ALA A 476 19.02 -10.07 -33.43
N PRO A 477 18.82 -9.87 -32.14
CA PRO A 477 19.69 -8.96 -31.39
C PRO A 477 21.09 -9.54 -31.32
N VAL A 478 22.08 -8.66 -31.38
CA VAL A 478 23.47 -9.05 -31.35
C VAL A 478 24.17 -8.13 -30.37
N GLY A 479 24.82 -8.70 -29.36
CA GLY A 479 25.54 -7.84 -28.46
C GLY A 479 25.97 -8.57 -27.21
N THR A 480 26.79 -7.88 -26.44
CA THR A 480 27.33 -8.38 -25.19
C THR A 480 26.26 -8.30 -24.10
N HIS A 481 26.60 -8.86 -22.95
CA HIS A 481 25.69 -8.81 -21.81
C HIS A 481 25.35 -7.37 -21.42
N GLU A 482 26.35 -6.49 -21.40
CA GLU A 482 26.09 -5.11 -21.03
C GLU A 482 25.13 -4.44 -22.01
N THR A 483 25.31 -4.70 -23.31
CA THR A 483 24.47 -4.07 -24.32
C THR A 483 23.03 -4.58 -24.26
N LEU A 484 22.86 -5.88 -24.04
CA LEU A 484 21.50 -6.43 -24.08
C LEU A 484 20.70 -6.05 -22.84
N LEU A 485 21.36 -5.94 -21.69
CA LEU A 485 20.64 -5.61 -20.46
C LEU A 485 20.11 -4.18 -20.45
N ALA A 486 20.68 -3.31 -21.30
CA ALA A 486 20.37 -1.89 -21.24
C ALA A 486 18.88 -1.63 -21.45
N TYR A 487 18.27 -2.29 -22.44
CA TYR A 487 16.85 -2.08 -22.73
C TYR A 487 16.09 -3.40 -22.83
N LEU A 488 16.55 -4.43 -22.10
CA LEU A 488 15.84 -5.69 -22.09
C LEU A 488 14.46 -5.55 -21.45
N VAL A 489 14.31 -4.62 -20.51
CA VAL A 489 13.02 -4.43 -19.86
C VAL A 489 11.95 -4.07 -20.89
N ARG A 490 12.25 -3.10 -21.77
CA ARG A 490 11.27 -2.72 -22.79
C ARG A 490 10.97 -3.90 -23.71
N ARG A 491 11.99 -4.69 -24.07
CA ARG A 491 11.78 -5.80 -24.98
C ARG A 491 10.96 -6.91 -24.33
N LEU A 492 11.09 -7.09 -23.02
CA LEU A 492 10.33 -8.15 -22.34
C LEU A 492 8.86 -7.76 -22.21
N LEU A 493 8.58 -6.48 -21.94
CA LEU A 493 7.19 -6.05 -21.78
C LEU A 493 6.41 -6.17 -23.08
N GLU A 494 7.10 -6.17 -24.23
CA GLU A 494 6.40 -6.30 -25.51
C GLU A 494 5.55 -7.56 -25.55
N ASN A 495 6.09 -8.66 -25.02
CA ASN A 495 5.40 -9.94 -25.03
C ASN A 495 5.13 -10.47 -23.63
N GLY A 496 5.30 -9.65 -22.59
CA GLY A 496 5.15 -10.12 -21.22
C GLY A 496 4.11 -9.41 -20.37
N ALA A 497 3.50 -8.35 -20.92
CA ALA A 497 2.43 -7.65 -20.21
C ALA A 497 1.15 -8.49 -20.24
N ASN A 498 0.25 -8.21 -19.30
CA ASN A 498 -0.97 -9.02 -19.17
C ASN A 498 -1.80 -9.02 -20.46
N SER A 499 -1.72 -7.94 -21.24
CA SER A 499 -2.44 -7.87 -22.51
C SER A 499 -1.68 -8.53 -23.66
N SER A 500 -0.42 -8.88 -23.45
CA SER A 500 0.41 -9.41 -24.53
C SER A 500 0.01 -10.84 -24.87
N PHE A 501 -0.02 -11.15 -26.17
CA PHE A 501 -0.36 -12.49 -26.62
C PHE A 501 0.52 -13.54 -25.98
N VAL A 502 1.83 -13.27 -25.92
CA VAL A 502 2.76 -14.29 -25.44
C VAL A 502 2.53 -14.57 -23.96
N HIS A 503 2.19 -13.53 -23.19
CA HIS A 503 1.78 -13.76 -21.81
C HIS A 503 0.50 -14.59 -21.77
N ARG A 504 -0.48 -14.24 -22.60
CA ARG A 504 -1.78 -14.88 -22.53
C ARG A 504 -1.73 -16.33 -23.00
N ILE A 505 -0.90 -16.64 -24.00
CA ILE A 505 -0.78 -18.02 -24.45
C ILE A 505 -0.28 -18.92 -23.33
N ASN A 506 0.57 -18.39 -22.45
CA ASN A 506 1.09 -19.13 -21.31
C ASN A 506 0.17 -19.08 -20.09
N ASP A 507 -0.96 -18.39 -20.18
CA ASP A 507 -1.88 -18.30 -19.05
C ASP A 507 -2.94 -19.38 -19.21
N PRO A 508 -2.96 -20.40 -18.34
CA PRO A 508 -3.97 -21.46 -18.49
C PRO A 508 -5.40 -20.97 -18.31
N LYS A 509 -5.59 -19.84 -17.64
CA LYS A 509 -6.92 -19.27 -17.47
C LYS A 509 -7.47 -18.64 -18.74
N VAL A 510 -6.66 -18.45 -19.76
CA VAL A 510 -7.08 -17.84 -21.02
C VAL A 510 -7.34 -18.96 -22.03
N SER A 511 -8.58 -19.06 -22.51
CA SER A 511 -8.95 -20.13 -23.42
C SER A 511 -8.49 -19.79 -24.84
N ILE A 512 -8.46 -20.83 -25.68
CA ILE A 512 -8.14 -20.62 -27.08
C ILE A 512 -9.20 -19.74 -27.75
N ASP A 513 -10.46 -19.93 -27.37
CA ASP A 513 -11.53 -19.09 -27.90
C ASP A 513 -11.27 -17.63 -27.60
N GLU A 514 -10.76 -17.33 -26.39
CA GLU A 514 -10.41 -15.95 -26.08
C GLU A 514 -9.25 -15.47 -26.93
N LEU A 515 -8.29 -16.35 -27.23
CA LEU A 515 -7.11 -15.95 -27.99
C LEU A 515 -7.42 -15.77 -29.47
N ILE A 516 -8.41 -16.51 -29.99
CA ILE A 516 -8.77 -16.40 -31.39
C ILE A 516 -9.90 -15.40 -31.62
N ALA A 517 -10.33 -14.70 -30.57
CA ALA A 517 -11.32 -13.65 -30.74
C ALA A 517 -10.85 -12.66 -31.80
N ASP A 518 -11.78 -12.27 -32.67
CA ASP A 518 -11.49 -11.36 -33.77
C ASP A 518 -11.59 -9.93 -33.29
N PRO A 519 -10.47 -9.19 -33.19
CA PRO A 519 -10.57 -7.82 -32.69
C PRO A 519 -11.42 -6.91 -33.56
N VAL A 520 -11.47 -7.17 -34.86
CA VAL A 520 -12.26 -6.34 -35.76
C VAL A 520 -13.73 -6.41 -35.40
N GLU A 521 -14.26 -7.63 -35.26
CA GLU A 521 -15.67 -7.78 -34.94
C GLU A 521 -15.97 -7.35 -33.51
N VAL A 522 -15.02 -7.51 -32.59
CA VAL A 522 -15.25 -7.09 -31.21
C VAL A 522 -15.34 -5.57 -31.13
N VAL A 523 -14.42 -4.86 -31.79
CA VAL A 523 -14.48 -3.41 -31.79
C VAL A 523 -15.73 -2.92 -32.48
N ARG A 524 -16.11 -3.58 -33.59
CA ARG A 524 -17.28 -3.15 -34.35
C ARG A 524 -18.55 -3.20 -33.51
N ALA A 525 -18.65 -4.16 -32.60
CA ALA A 525 -19.84 -4.38 -31.79
C ALA A 525 -19.85 -3.55 -30.51
N MET A 526 -18.78 -2.81 -30.21
CA MET A 526 -18.73 -2.02 -28.99
CA MET A 526 -18.74 -2.03 -28.99
C MET A 526 -19.78 -0.91 -29.05
N PRO A 527 -20.33 -0.53 -27.89
CA PRO A 527 -21.34 0.54 -27.89
C PRO A 527 -20.85 1.85 -28.48
N VAL A 528 -19.64 2.26 -28.12
CA VAL A 528 -18.97 3.40 -28.73
C VAL A 528 -17.71 2.85 -29.37
N VAL A 529 -17.65 2.89 -30.70
CA VAL A 529 -16.48 2.39 -31.39
C VAL A 529 -15.30 3.31 -31.13
N GLY A 530 -14.19 2.73 -30.65
CA GLY A 530 -12.97 3.49 -30.47
C GLY A 530 -12.89 4.34 -29.22
N ALA A 531 -13.71 4.08 -28.20
CA ALA A 531 -13.62 4.87 -26.97
C ALA A 531 -12.26 4.70 -26.31
N LYS A 532 -11.75 5.79 -25.72
CA LYS A 532 -10.53 5.77 -24.94
C LYS A 532 -10.63 4.75 -23.81
N HIS A 533 -9.50 4.19 -23.42
CA HIS A 533 -9.47 3.33 -22.24
C HIS A 533 -10.01 4.08 -21.03
N ASP A 534 -10.88 3.40 -20.28
CA ASP A 534 -11.53 4.03 -19.13
C ASP A 534 -10.53 4.42 -18.04
N ARG A 535 -9.42 3.70 -17.92
CA ARG A 535 -8.49 3.87 -16.82
C ARG A 535 -7.27 4.70 -17.18
N ILE A 536 -7.25 5.33 -18.36
CA ILE A 536 -6.15 6.19 -18.75
C ILE A 536 -6.70 7.60 -18.92
N ALA A 537 -6.15 8.53 -18.15
CA ALA A 537 -6.64 9.90 -18.17
C ALA A 537 -6.03 10.64 -19.36
N LEU A 538 -6.85 11.37 -20.09
CA LEU A 538 -6.31 12.36 -21.01
C LEU A 538 -5.49 13.36 -20.19
N PRO A 539 -4.47 13.97 -20.79
CA PRO A 539 -3.64 14.90 -20.03
C PRO A 539 -4.41 16.01 -19.35
N ALA A 540 -5.44 16.55 -20.01
CA ALA A 540 -6.25 17.60 -19.38
C ALA A 540 -6.97 17.11 -18.14
N GLU A 541 -7.13 15.79 -17.97
CA GLU A 541 -7.96 15.26 -16.89
C GLU A 541 -7.14 14.62 -15.78
N LEU A 542 -5.84 14.89 -15.72
CA LEU A 542 -4.99 14.27 -14.71
C LEU A 542 -5.49 14.50 -13.29
N PHE A 543 -6.12 15.64 -13.05
CA PHE A 543 -6.57 15.95 -11.69
C PHE A 543 -8.05 15.74 -11.49
N GLY A 544 -8.72 15.15 -12.48
CA GLY A 544 -10.12 14.80 -12.31
C GLY A 544 -10.96 16.02 -12.01
N ASP A 545 -11.86 15.87 -11.04
CA ASP A 545 -12.80 16.94 -10.72
C ASP A 545 -12.16 18.12 -10.00
N ALA A 546 -10.92 17.99 -9.53
CA ALA A 546 -10.30 19.05 -8.74
C ALA A 546 -10.06 20.29 -9.58
N ARG A 547 -9.52 20.12 -10.79
CA ARG A 547 -9.26 21.24 -11.68
C ARG A 547 -8.80 20.68 -13.01
N THR A 548 -8.78 21.56 -13.99
CA THR A 548 -8.36 21.23 -15.34
C THR A 548 -6.86 21.44 -15.45
N ASN A 549 -6.15 20.42 -15.91
CA ASN A 549 -4.72 20.55 -16.13
C ASN A 549 -4.47 21.59 -17.21
N SER A 550 -3.40 22.36 -17.06
CA SER A 550 -2.98 23.25 -18.14
C SER A 550 -2.56 22.42 -19.34
N ALA A 551 -2.69 23.02 -20.52
CA ALA A 551 -2.34 22.37 -21.76
C ALA A 551 -1.04 22.95 -22.31
N GLY A 552 -0.21 22.07 -22.85
CA GLY A 552 1.00 22.47 -23.51
C GLY A 552 0.83 22.52 -25.01
N LEU A 553 1.96 22.48 -25.70
CA LEU A 553 1.99 22.54 -27.16
C LEU A 553 3.00 21.51 -27.62
N ASP A 554 2.71 20.85 -28.73
CA ASP A 554 3.57 19.78 -29.24
C ASP A 554 4.54 20.40 -30.22
N LEU A 555 5.79 20.59 -29.80
CA LEU A 555 6.78 21.20 -30.67
C LEU A 555 7.35 20.21 -31.67
N SER A 556 6.81 19.00 -31.75
CA SER A 556 7.13 18.11 -32.85
C SER A 556 6.04 18.09 -33.92
N ASN A 557 4.96 18.83 -33.72
CA ASN A 557 3.85 18.85 -34.65
C ASN A 557 4.04 20.03 -35.61
N GLU A 558 4.14 19.73 -36.92
CA GLU A 558 4.41 20.79 -37.88
C GLU A 558 3.30 21.82 -37.93
N GLU A 559 2.04 21.40 -37.76
CA GLU A 559 0.96 22.38 -37.71
C GLU A 559 1.16 23.33 -36.53
N THR A 560 1.50 22.76 -35.38
CA THR A 560 1.76 23.60 -34.21
C THR A 560 2.95 24.51 -34.44
N LEU A 561 4.04 23.98 -35.02
CA LEU A 561 5.19 24.83 -35.26
C LEU A 561 4.85 25.95 -36.24
N ALA A 562 4.03 25.66 -37.25
CA ALA A 562 3.70 26.69 -38.21
C ALA A 562 2.82 27.76 -37.60
N SER A 563 1.81 27.34 -36.83
CA SER A 563 0.95 28.31 -36.16
CA SER A 563 0.95 28.32 -36.18
C SER A 563 1.71 29.09 -35.11
N LEU A 564 2.57 28.41 -34.36
CA LEU A 564 3.36 29.09 -33.33
C LEU A 564 4.32 30.09 -33.94
N THR A 565 4.95 29.73 -35.06
CA THR A 565 5.84 30.67 -35.74
C THR A 565 5.12 31.98 -36.01
N GLU A 566 3.90 31.91 -36.55
CA GLU A 566 3.19 33.15 -36.87
C GLU A 566 2.81 33.89 -35.60
N ALA A 567 2.33 33.18 -34.59
CA ALA A 567 1.96 33.84 -33.34
C ALA A 567 3.17 34.46 -32.65
N LEU A 568 4.32 33.79 -32.71
CA LEU A 568 5.53 34.34 -32.11
C LEU A 568 5.99 35.58 -32.84
N ARG A 569 6.02 35.53 -34.17
CA ARG A 569 6.34 36.72 -34.96
C ARG A 569 5.41 37.87 -34.62
N GLU A 570 4.11 37.58 -34.53
CA GLU A 570 3.14 38.62 -34.22
C GLU A 570 3.37 39.19 -32.82
N SER A 571 3.80 38.35 -31.88
CA SER A 571 4.09 38.85 -30.55
C SER A 571 5.27 39.82 -30.56
N ALA A 572 6.24 39.63 -31.45
CA ALA A 572 7.39 40.51 -31.52
C ALA A 572 7.07 41.85 -32.17
N ALA A 573 5.91 41.96 -32.82
CA ALA A 573 5.46 43.22 -33.40
C ALA A 573 4.59 44.02 -32.44
N MET A 574 4.32 43.50 -31.24
CA MET A 574 3.49 44.20 -30.27
C MET A 574 4.32 45.20 -29.48
N LYS A 575 3.65 46.28 -29.05
CA LYS A 575 4.30 47.35 -28.29
C LYS A 575 4.12 47.09 -26.80
N TRP A 576 4.88 46.11 -26.32
CA TRP A 576 4.78 45.70 -24.92
C TRP A 576 5.27 46.81 -24.00
N THR A 577 4.46 47.13 -23.00
CA THR A 577 4.86 48.10 -22.00
C THR A 577 4.51 47.57 -20.61
N ALA A 578 5.17 48.14 -19.61
CA ALA A 578 4.86 47.92 -18.21
C ALA A 578 4.86 49.28 -17.55
N LEU A 579 3.77 49.61 -16.85
CA LEU A 579 3.59 50.90 -16.24
C LEU A 579 3.25 50.71 -14.77
N PRO A 580 3.51 51.72 -13.93
CA PRO A 580 2.98 51.69 -12.57
C PRO A 580 1.46 51.81 -12.61
N GLN A 581 0.78 50.69 -12.46
CA GLN A 581 -0.68 50.62 -12.58
C GLN A 581 -1.24 50.75 -11.18
N LEU A 582 -1.42 51.99 -10.74
CA LEU A 582 -2.02 52.26 -9.45
C LEU A 582 -3.54 52.10 -9.52
N ALA A 583 -4.18 52.06 -8.35
CA ALA A 583 -5.63 51.95 -8.33
C ALA A 583 -6.29 53.10 -9.06
N THR A 584 -5.62 54.25 -9.09
CA THR A 584 -6.15 55.45 -9.73
C THR A 584 -5.89 55.49 -11.22
N GLY A 585 -5.06 54.60 -11.74
CA GLY A 585 -4.68 54.61 -13.13
C GLY A 585 -3.17 54.56 -13.31
N PRO A 586 -2.73 54.50 -14.56
CA PRO A 586 -1.28 54.47 -14.82
C PRO A 586 -0.61 55.73 -14.28
N ALA A 587 0.57 55.56 -13.70
CA ALA A 587 1.35 56.65 -13.14
C ALA A 587 2.55 56.94 -14.01
N ALA A 588 3.03 58.18 -13.94
CA ALA A 588 4.24 58.56 -14.65
C ALA A 588 5.47 58.11 -13.89
N GLY A 589 6.59 58.07 -14.59
CA GLY A 589 7.84 57.69 -13.95
C GLY A 589 8.96 57.62 -14.97
N GLU A 590 10.11 57.13 -14.51
CA GLU A 590 11.26 56.98 -15.38
C GLU A 590 11.05 55.80 -16.32
N THR A 591 11.20 56.05 -17.62
CA THR A 591 10.92 55.07 -18.65
C THR A 591 12.21 54.64 -19.33
N ARG A 592 12.33 53.33 -19.60
CA ARG A 592 13.48 52.81 -20.32
C ARG A 592 13.04 51.61 -21.14
N THR A 593 13.86 51.27 -22.13
CA THR A 593 13.55 50.09 -22.93
C THR A 593 13.93 48.82 -22.18
N VAL A 594 13.29 47.73 -22.59
CA VAL A 594 13.61 46.39 -22.13
C VAL A 594 14.22 45.67 -23.32
N LEU A 595 15.45 45.18 -23.16
CA LEU A 595 16.21 44.60 -24.26
C LEU A 595 16.28 43.08 -24.10
N ASN A 596 16.24 42.38 -25.23
CA ASN A 596 16.37 40.93 -25.24
C ASN A 596 17.75 40.55 -24.71
N PRO A 597 17.84 39.74 -23.64
CA PRO A 597 19.16 39.41 -23.11
C PRO A 597 20.03 38.64 -24.07
N GLY A 598 19.44 37.99 -25.06
CA GLY A 598 20.22 37.27 -26.06
C GLY A 598 20.69 38.11 -27.21
N ASP A 599 20.24 39.36 -27.28
CA ASP A 599 20.61 40.26 -28.37
C ASP A 599 20.07 41.64 -28.01
N HIS A 600 20.93 42.48 -27.46
CA HIS A 600 20.49 43.78 -26.96
C HIS A 600 19.95 44.70 -28.06
N ARG A 601 20.16 44.36 -29.33
CA ARG A 601 19.59 45.11 -30.44
C ARG A 601 18.09 44.90 -30.57
N ASP A 602 17.57 43.82 -30.00
CA ASP A 602 16.15 43.48 -30.08
C ASP A 602 15.44 44.13 -28.90
N VAL A 603 14.80 45.27 -29.15
CA VAL A 603 14.04 45.97 -28.12
C VAL A 603 12.70 45.26 -27.97
N VAL A 604 12.43 44.76 -26.76
CA VAL A 604 11.21 44.01 -26.51
C VAL A 604 10.07 44.92 -26.11
N GLY A 605 10.38 45.96 -25.35
CA GLY A 605 9.34 46.86 -24.92
C GLY A 605 9.90 47.97 -24.07
N SER A 606 9.01 48.60 -23.32
CA SER A 606 9.39 49.73 -22.50
CA SER A 606 9.38 49.75 -22.52
C SER A 606 8.73 49.60 -21.14
N VAL A 607 9.48 49.94 -20.11
CA VAL A 607 8.97 49.90 -18.74
C VAL A 607 9.07 51.30 -18.16
N THR A 608 8.00 51.73 -17.52
CA THR A 608 8.01 52.93 -16.69
C THR A 608 8.07 52.48 -15.25
N GLU A 609 9.11 52.89 -14.54
CA GLU A 609 9.33 52.40 -13.18
C GLU A 609 8.67 53.30 -12.14
N THR A 610 8.36 52.71 -10.99
CA THR A 610 7.54 53.35 -9.97
C THR A 610 8.44 54.17 -9.06
N SER A 611 8.03 55.41 -8.80
CA SER A 611 8.71 56.20 -7.79
C SER A 611 8.42 55.64 -6.41
N GLU A 612 9.35 55.82 -5.48
CA GLU A 612 9.12 55.37 -4.12
C GLU A 612 7.91 56.05 -3.51
N GLU A 613 7.64 57.31 -3.91
CA GLU A 613 6.45 57.99 -3.45
C GLU A 613 5.18 57.30 -3.95
N ASP A 614 5.16 56.92 -5.24
CA ASP A 614 3.99 56.25 -5.78
C ASP A 614 3.83 54.84 -5.21
N ALA A 615 4.93 54.18 -4.87
CA ALA A 615 4.83 52.88 -4.21
C ALA A 615 4.12 53.01 -2.87
N ARG A 616 4.49 54.01 -2.08
CA ARG A 616 3.81 54.24 -0.81
C ARG A 616 2.36 54.61 -1.05
N ARG A 617 2.07 55.41 -2.08
CA ARG A 617 0.68 55.74 -2.38
C ARG A 617 -0.11 54.49 -2.74
N ALA A 618 0.51 53.59 -3.51
CA ALA A 618 -0.19 52.36 -3.91
C ALA A 618 -0.59 51.53 -2.69
N VAL A 619 0.29 51.46 -1.69
CA VAL A 619 -0.04 50.71 -0.48
C VAL A 619 -1.24 51.33 0.22
N ARG A 620 -1.27 52.66 0.32
CA ARG A 620 -2.41 53.32 0.96
C ARG A 620 -3.69 53.07 0.19
N LEU A 621 -3.62 53.12 -1.14
CA LEU A 621 -4.80 52.80 -1.96
C LEU A 621 -5.22 51.35 -1.75
N ALA A 622 -4.25 50.44 -1.65
CA ALA A 622 -4.57 49.04 -1.36
C ALA A 622 -5.25 48.90 0.00
N ALA A 623 -4.74 49.61 1.01
CA ALA A 623 -5.38 49.58 2.31
C ALA A 623 -6.81 50.10 2.25
N ASP A 624 -7.03 51.19 1.50
CA ASP A 624 -8.36 51.77 1.39
C ASP A 624 -9.32 50.80 0.72
N ALA A 625 -8.83 50.06 -0.27
CA ALA A 625 -9.63 49.13 -1.05
C ALA A 625 -9.71 47.74 -0.43
N ALA A 626 -8.97 47.48 0.64
CA ALA A 626 -8.98 46.14 1.23
C ALA A 626 -10.38 45.64 1.60
N PRO A 627 -11.24 46.43 2.27
CA PRO A 627 -12.56 45.89 2.62
C PRO A 627 -13.38 45.47 1.41
N ASP A 628 -13.34 46.26 0.34
CA ASP A 628 -14.16 45.93 -0.82
C ASP A 628 -13.72 44.63 -1.46
N TRP A 629 -12.42 44.34 -1.43
CA TRP A 629 -11.94 43.11 -2.04
C TRP A 629 -12.18 41.92 -1.13
N ALA A 630 -12.00 42.11 0.19
CA ALA A 630 -12.28 41.04 1.14
C ALA A 630 -13.75 40.64 1.08
N ALA A 631 -14.63 41.57 0.72
CA ALA A 631 -16.06 41.30 0.65
C ALA A 631 -16.47 40.53 -0.59
N VAL A 632 -15.61 40.39 -1.59
CA VAL A 632 -15.92 39.54 -2.73
C VAL A 632 -15.83 38.12 -2.21
N PRO A 633 -16.88 37.31 -2.30
CA PRO A 633 -16.85 35.98 -1.68
C PRO A 633 -15.72 35.15 -2.24
N PRO A 634 -15.14 34.27 -1.43
CA PRO A 634 -14.02 33.44 -1.94
C PRO A 634 -14.34 32.72 -3.24
N SER A 635 -15.57 32.22 -3.41
CA SER A 635 -15.91 31.52 -4.64
C SER A 635 -15.79 32.44 -5.85
N GLU A 636 -16.17 33.71 -5.70
CA GLU A 636 -16.07 34.65 -6.82
C GLU A 636 -14.63 35.07 -7.04
N ARG A 637 -13.84 35.23 -5.97
CA ARG A 637 -12.41 35.48 -6.15
C ARG A 637 -11.75 34.34 -6.90
N ALA A 638 -12.09 33.10 -6.53
CA ALA A 638 -11.55 31.94 -7.22
C ALA A 638 -12.00 31.91 -8.68
N ALA A 639 -13.23 32.34 -8.94
CA ALA A 639 -13.71 32.40 -10.32
C ALA A 639 -12.87 33.36 -11.15
N CYS A 640 -12.42 34.47 -10.55
CA CYS A 640 -11.49 35.36 -11.25
C CYS A 640 -10.21 34.64 -11.62
N LEU A 641 -9.66 33.87 -10.68
CA LEU A 641 -8.45 33.12 -10.98
C LEU A 641 -8.68 32.14 -12.11
N ASP A 642 -9.80 31.43 -12.08
CA ASP A 642 -10.09 30.47 -13.13
C ASP A 642 -10.25 31.16 -14.48
N ARG A 643 -10.93 32.32 -14.50
CA ARG A 643 -11.03 33.07 -15.76
C ARG A 643 -9.66 33.52 -16.24
N ALA A 644 -8.80 33.96 -15.32
CA ALA A 644 -7.46 34.35 -15.73
C ALA A 644 -6.69 33.16 -16.30
N ALA A 645 -6.88 31.97 -15.74
CA ALA A 645 -6.23 30.78 -16.28
C ALA A 645 -6.69 30.49 -17.70
N GLU A 646 -7.99 30.57 -17.94
CA GLU A 646 -8.50 30.39 -19.30
C GLU A 646 -7.90 31.42 -20.25
N LEU A 647 -7.79 32.68 -19.79
CA LEU A 647 -7.23 33.71 -20.65
C LEU A 647 -5.75 33.45 -20.94
N MET A 648 -4.99 33.02 -19.92
CA MET A 648 -3.59 32.70 -20.17
C MET A 648 -3.45 31.52 -21.10
N GLN A 649 -4.31 30.51 -20.95
CA GLN A 649 -4.24 29.36 -21.83
C GLN A 649 -4.49 29.75 -23.28
N ALA A 650 -5.49 30.61 -23.50
CA ALA A 650 -5.83 31.04 -24.86
C ALA A 650 -4.72 31.90 -25.44
N ARG A 651 -4.05 32.68 -24.60
CA ARG A 651 -3.02 33.62 -25.03
C ARG A 651 -1.63 33.02 -24.97
N MET A 652 -1.51 31.72 -24.65
CA MET A 652 -0.20 31.12 -24.48
C MET A 652 0.77 31.42 -25.60
N PRO A 653 0.42 31.28 -26.89
CA PRO A 653 1.43 31.51 -27.93
C PRO A 653 2.02 32.91 -27.88
N THR A 654 1.18 33.93 -27.67
CA THR A 654 1.69 35.28 -27.54
C THR A 654 2.53 35.44 -26.29
N LEU A 655 2.09 34.85 -25.17
CA LEU A 655 2.88 34.90 -23.95
C LEU A 655 4.24 34.22 -24.13
N LEU A 656 4.27 33.11 -24.88
CA LEU A 656 5.55 32.45 -25.16
C LEU A 656 6.53 33.40 -25.81
N GLY A 657 6.06 34.13 -26.82
CA GLY A 657 6.95 35.01 -27.54
C GLY A 657 7.54 36.09 -26.66
N LEU A 658 6.72 36.61 -25.74
CA LEU A 658 7.23 37.64 -24.84
C LEU A 658 8.25 37.04 -23.89
N ILE A 659 7.93 35.90 -23.28
CA ILE A 659 8.85 35.26 -22.36
C ILE A 659 10.16 34.90 -23.05
N ILE A 660 10.07 34.37 -24.27
CA ILE A 660 11.26 33.98 -25.02
C ILE A 660 12.19 35.18 -25.17
N ARG A 661 11.65 36.33 -25.55
CA ARG A 661 12.49 37.48 -25.87
C ARG A 661 12.87 38.29 -24.65
N GLU A 662 12.01 38.35 -23.63
CA GLU A 662 12.33 39.16 -22.46
C GLU A 662 13.24 38.44 -21.49
N ALA A 663 13.05 37.13 -21.32
CA ALA A 663 13.68 36.41 -20.21
C ALA A 663 14.70 35.37 -20.67
N GLY A 664 15.04 35.33 -21.96
CA GLY A 664 16.02 34.36 -22.42
C GLY A 664 15.58 32.92 -22.38
N LYS A 665 14.28 32.67 -22.47
CA LYS A 665 13.77 31.31 -22.37
C LYS A 665 13.62 30.68 -23.74
N SER A 666 13.87 29.38 -23.82
CA SER A 666 13.51 28.62 -25.00
C SER A 666 12.00 28.44 -25.06
N ALA A 667 11.50 28.01 -26.22
CA ALA A 667 10.07 27.78 -26.35
C ALA A 667 9.58 26.73 -25.37
N LEU A 668 10.29 25.62 -25.23
CA LEU A 668 9.90 24.59 -24.28
C LEU A 668 9.78 25.17 -22.88
N ASN A 669 10.75 25.97 -22.47
CA ASN A 669 10.71 26.50 -21.11
C ASN A 669 9.65 27.58 -20.98
N ALA A 670 9.38 28.34 -22.03
CA ALA A 670 8.28 29.31 -21.97
C ALA A 670 6.94 28.61 -21.87
N ILE A 671 6.76 27.51 -22.60
CA ILE A 671 5.52 26.73 -22.47
C ILE A 671 5.33 26.30 -21.02
N ALA A 672 6.39 25.74 -20.43
CA ALA A 672 6.31 25.29 -19.05
C ALA A 672 6.02 26.45 -18.12
N GLU A 673 6.61 27.61 -18.40
CA GLU A 673 6.38 28.80 -17.58
C GLU A 673 4.91 29.20 -17.60
N VAL A 674 4.29 29.23 -18.78
CA VAL A 674 2.89 29.63 -18.88
C VAL A 674 2.00 28.55 -18.27
N ARG A 675 2.32 27.28 -18.51
CA ARG A 675 1.53 26.22 -17.89
C ARG A 675 1.55 26.35 -16.39
N GLU A 676 2.72 26.65 -15.82
CA GLU A 676 2.79 26.75 -14.36
C GLU A 676 1.93 27.90 -13.85
N ALA A 677 1.92 29.02 -14.58
CA ALA A 677 1.06 30.13 -14.16
C ALA A 677 -0.40 29.71 -14.18
N ILE A 678 -0.83 29.04 -15.26
CA ILE A 678 -2.19 28.54 -15.36
C ILE A 678 -2.49 27.60 -14.21
N ASP A 679 -1.55 26.70 -13.90
CA ASP A 679 -1.75 25.74 -12.83
C ASP A 679 -1.84 26.40 -11.46
N PHE A 680 -0.99 27.40 -11.20
CA PHE A 680 -1.13 28.17 -9.96
C PHE A 680 -2.53 28.76 -9.84
N LEU A 681 -2.99 29.42 -10.89
CA LEU A 681 -4.30 30.05 -10.84
C LEU A 681 -5.38 29.02 -10.52
N ARG A 682 -5.36 27.89 -11.21
CA ARG A 682 -6.42 26.91 -11.01
C ARG A 682 -6.25 26.19 -9.69
N TYR A 683 -5.02 25.96 -9.25
CA TYR A 683 -4.80 25.28 -7.98
C TYR A 683 -5.24 26.15 -6.81
N TYR A 684 -4.82 27.42 -6.79
CA TYR A 684 -5.23 28.27 -5.67
C TYR A 684 -6.72 28.54 -5.70
N ALA A 685 -7.33 28.60 -6.88
CA ALA A 685 -8.78 28.70 -6.97
C ALA A 685 -9.44 27.49 -6.33
N GLU A 686 -8.97 26.29 -6.67
CA GLU A 686 -9.57 25.09 -6.10
C GLU A 686 -9.32 24.99 -4.60
N GLN A 687 -8.10 25.31 -4.16
CA GLN A 687 -7.83 25.26 -2.73
C GLN A 687 -8.71 26.25 -1.98
N THR A 688 -8.96 27.40 -2.59
CA THR A 688 -9.88 28.36 -2.00
C THR A 688 -11.27 27.78 -1.85
N ARG A 689 -11.77 27.13 -2.91
CA ARG A 689 -13.10 26.55 -2.86
C ARG A 689 -13.19 25.44 -1.83
N ARG A 690 -12.06 24.80 -1.52
CA ARG A 690 -12.04 23.76 -0.50
C ARG A 690 -11.97 24.32 0.92
N THR A 691 -11.52 25.56 1.11
CA THR A 691 -11.16 25.98 2.46
C THR A 691 -11.77 27.29 2.97
N LEU A 692 -11.72 28.36 2.18
CA LEU A 692 -11.86 29.69 2.77
C LEU A 692 -13.31 30.02 3.11
N GLY A 693 -13.50 30.52 4.34
CA GLY A 693 -14.80 30.91 4.84
C GLY A 693 -14.72 32.25 5.53
N PRO A 694 -15.85 32.68 6.12
CA PRO A 694 -15.89 34.03 6.70
C PRO A 694 -14.87 34.28 7.80
N GLY A 695 -14.51 33.25 8.56
CA GLY A 695 -13.56 33.40 9.65
C GLY A 695 -12.11 33.44 9.25
N HIS A 696 -11.80 33.24 7.97
CA HIS A 696 -10.42 33.28 7.50
C HIS A 696 -10.21 34.65 6.88
N GLY A 697 -10.03 35.65 7.74
CA GLY A 697 -9.94 37.01 7.29
C GLY A 697 -8.62 37.28 6.60
N PRO A 698 -8.62 38.11 5.58
CA PRO A 698 -7.37 38.44 4.90
C PRO A 698 -6.43 39.21 5.83
N LEU A 699 -5.12 39.11 5.53
CA LEU A 699 -4.15 39.92 6.26
C LEU A 699 -4.35 41.40 5.97
N GLY A 700 -4.59 41.75 4.72
CA GLY A 700 -4.58 43.12 4.28
C GLY A 700 -3.68 43.23 3.07
N PRO A 701 -3.17 44.42 2.79
CA PRO A 701 -2.34 44.59 1.60
C PRO A 701 -1.10 43.71 1.68
N ILE A 702 -0.89 42.92 0.65
CA ILE A 702 0.26 42.03 0.56
CA ILE A 702 0.25 42.01 0.55
C ILE A 702 1.17 42.53 -0.55
N VAL A 703 2.45 42.64 -0.22
CA VAL A 703 3.47 43.02 -1.19
C VAL A 703 4.04 41.73 -1.76
N CYS A 704 3.91 41.57 -3.08
CA CYS A 704 4.41 40.39 -3.77
C CYS A 704 5.63 40.79 -4.59
N ILE A 705 6.78 40.26 -4.21
CA ILE A 705 8.04 40.59 -4.86
C ILE A 705 8.55 39.30 -5.48
N SER A 706 8.84 39.36 -6.78
CA SER A 706 9.08 38.15 -7.55
C SER A 706 10.42 38.23 -8.27
N PRO A 707 10.98 37.08 -8.63
CA PRO A 707 12.29 37.05 -9.29
C PRO A 707 12.14 37.13 -10.80
N TRP A 708 13.25 37.40 -11.47
CA TRP A 708 13.18 37.53 -12.91
C TRP A 708 13.06 36.19 -13.62
N ASN A 709 13.49 35.10 -12.98
CA ASN A 709 13.81 33.89 -13.75
C ASN A 709 12.60 33.03 -14.07
N PHE A 710 11.53 33.14 -13.28
CA PHE A 710 10.24 32.56 -13.61
C PHE A 710 9.29 33.75 -13.66
N PRO A 711 9.40 34.59 -14.68
CA PRO A 711 8.82 35.95 -14.62
C PRO A 711 7.32 36.00 -14.75
N LEU A 712 6.69 34.92 -15.19
CA LEU A 712 5.25 34.85 -15.18
C LEU A 712 4.71 33.89 -14.13
N ALA A 713 5.34 32.72 -13.98
CA ALA A 713 4.77 31.68 -13.13
C ALA A 713 4.81 32.07 -11.66
N ILE A 714 5.99 32.41 -11.14
CA ILE A 714 6.09 32.76 -9.73
C ILE A 714 5.38 34.07 -9.47
N PHE A 715 5.56 35.02 -10.38
CA PHE A 715 4.82 36.28 -10.30
C PHE A 715 3.32 36.02 -10.14
N THR A 716 2.75 35.20 -11.03
CA THR A 716 1.32 34.93 -10.98
C THR A 716 0.95 34.15 -9.74
N GLY A 717 1.76 33.16 -9.38
CA GLY A 717 1.44 32.32 -8.24
C GLY A 717 1.29 33.13 -6.96
N GLN A 718 2.26 33.98 -6.65
CA GLN A 718 2.19 34.74 -5.41
C GLN A 718 0.98 35.65 -5.41
N ILE A 719 0.78 36.39 -6.49
CA ILE A 719 -0.31 37.35 -6.56
C ILE A 719 -1.65 36.64 -6.49
N ALA A 720 -1.78 35.54 -7.23
CA ALA A 720 -3.06 34.83 -7.27
C ALA A 720 -3.41 34.31 -5.88
N ALA A 721 -2.43 33.76 -5.19
CA ALA A 721 -2.68 33.26 -3.84
C ALA A 721 -3.13 34.38 -2.92
N ALA A 722 -2.40 35.49 -2.93
CA ALA A 722 -2.75 36.62 -2.05
C ALA A 722 -4.15 37.15 -2.38
N LEU A 723 -4.44 37.34 -3.67
CA LEU A 723 -5.74 37.86 -4.09
C LEU A 723 -6.86 36.93 -3.69
N VAL A 724 -6.69 35.63 -3.94
CA VAL A 724 -7.82 34.74 -3.72
C VAL A 724 -8.08 34.58 -2.23
N ALA A 725 -7.05 34.76 -1.41
CA ALA A 725 -7.20 34.79 0.04
C ALA A 725 -7.87 36.07 0.53
N GLY A 726 -8.22 36.98 -0.36
CA GLY A 726 -8.93 38.18 0.00
C GLY A 726 -8.07 39.40 0.23
N ASN A 727 -6.80 39.36 -0.13
CA ASN A 727 -5.90 40.48 0.12
C ASN A 727 -5.69 41.28 -1.15
N PRO A 728 -5.70 42.60 -1.07
CA PRO A 728 -5.24 43.39 -2.21
C PRO A 728 -3.72 43.29 -2.30
N VAL A 729 -3.22 43.40 -3.53
CA VAL A 729 -1.85 43.05 -3.85
C VAL A 729 -1.11 44.24 -4.46
N LEU A 730 0.11 44.46 -3.99
CA LEU A 730 1.08 45.33 -4.64
C LEU A 730 2.08 44.40 -5.29
N ALA A 731 2.08 44.38 -6.62
CA ALA A 731 2.88 43.43 -7.38
C ALA A 731 4.14 44.14 -7.87
N LYS A 732 5.29 43.71 -7.35
CA LYS A 732 6.57 44.31 -7.71
C LYS A 732 7.37 43.27 -8.46
N PRO A 733 7.33 43.25 -9.79
CA PRO A 733 8.10 42.26 -10.53
C PRO A 733 9.56 42.65 -10.59
N ALA A 734 10.40 41.65 -10.85
CA ALA A 734 11.82 41.89 -10.99
C ALA A 734 12.07 42.94 -12.06
N GLU A 735 13.09 43.76 -11.84
CA GLU A 735 13.38 44.84 -12.78
C GLU A 735 13.76 44.32 -14.16
N GLU A 736 14.21 43.07 -14.26
CA GLU A 736 14.65 42.56 -15.55
C GLU A 736 13.47 42.16 -16.43
N THR A 737 12.34 41.78 -15.83
CA THR A 737 11.25 41.15 -16.58
C THR A 737 9.89 41.80 -16.25
N PRO A 738 9.76 43.12 -16.42
CA PRO A 738 8.47 43.75 -16.12
C PRO A 738 7.39 43.51 -17.17
N LEU A 739 7.75 43.22 -18.42
CA LEU A 739 6.74 43.20 -19.48
C LEU A 739 5.76 42.04 -19.31
N ILE A 740 6.28 40.83 -19.11
CA ILE A 740 5.40 39.69 -18.95
C ILE A 740 4.57 39.83 -17.67
N ALA A 741 5.14 40.48 -16.65
CA ALA A 741 4.40 40.74 -15.44
C ALA A 741 3.25 41.70 -15.70
N ALA A 742 3.51 42.76 -16.46
CA ALA A 742 2.44 43.69 -16.81
C ALA A 742 1.34 42.97 -17.58
N GLU A 743 1.71 42.04 -18.46
CA GLU A 743 0.71 41.30 -19.20
C GLU A 743 -0.09 40.37 -18.29
N GLY A 744 0.59 39.74 -17.33
CA GLY A 744 -0.12 38.92 -16.37
C GLY A 744 -1.11 39.73 -15.54
N VAL A 745 -0.71 40.93 -15.13
CA VAL A 745 -1.64 41.81 -14.42
C VAL A 745 -2.80 42.21 -15.31
N ARG A 746 -2.52 42.51 -16.59
CA ARG A 746 -3.60 42.86 -17.50
C ARG A 746 -4.59 41.71 -17.61
N ILE A 747 -4.09 40.48 -17.71
CA ILE A 747 -4.97 39.32 -17.80
C ILE A 747 -5.79 39.15 -16.52
N LEU A 748 -5.16 39.30 -15.35
CA LEU A 748 -5.88 39.17 -14.10
C LEU A 748 -6.95 40.25 -13.98
N ARG A 749 -6.61 41.47 -14.38
CA ARG A 749 -7.60 42.53 -14.36
C ARG A 749 -8.73 42.25 -15.35
N GLU A 750 -8.40 41.75 -16.54
CA GLU A 750 -9.44 41.36 -17.48
C GLU A 750 -10.35 40.27 -16.91
N ALA A 751 -9.77 39.37 -16.13
CA ALA A 751 -10.52 38.26 -15.53
C ALA A 751 -11.44 38.73 -14.40
N GLY A 752 -11.34 39.99 -14.00
CA GLY A 752 -12.24 40.54 -13.01
C GLY A 752 -11.56 41.04 -11.74
N ILE A 753 -10.24 40.94 -11.61
CA ILE A 753 -9.60 41.48 -10.42
C ILE A 753 -9.66 43.00 -10.51
N PRO A 754 -10.26 43.69 -9.55
CA PRO A 754 -10.33 45.16 -9.64
C PRO A 754 -8.95 45.78 -9.58
N ALA A 755 -8.84 46.95 -10.24
CA ALA A 755 -7.58 47.70 -10.23
C ALA A 755 -7.13 48.03 -8.82
N SER A 756 -8.07 48.30 -7.92
CA SER A 756 -7.70 48.61 -6.54
C SER A 756 -7.14 47.39 -5.82
N ALA A 757 -7.51 46.18 -6.25
CA ALA A 757 -7.04 44.96 -5.61
C ALA A 757 -5.71 44.47 -6.17
N LEU A 758 -5.31 44.93 -7.35
CA LEU A 758 -4.08 44.45 -7.98
C LEU A 758 -3.41 45.63 -8.67
N GLN A 759 -2.34 46.11 -8.06
CA GLN A 759 -1.57 47.23 -8.58
C GLN A 759 -0.19 46.75 -8.95
N LEU A 760 0.23 47.07 -10.17
CA LEU A 760 1.53 46.68 -10.68
C LEU A 760 2.50 47.84 -10.45
N LEU A 761 3.63 47.55 -9.82
CA LEU A 761 4.63 48.57 -9.49
CA LEU A 761 4.63 48.57 -9.49
C LEU A 761 5.98 48.12 -10.03
N PRO A 762 6.25 48.37 -11.30
CA PRO A 762 7.56 48.02 -11.86
C PRO A 762 8.66 48.83 -11.21
N GLY A 763 9.86 48.29 -11.22
CA GLY A 763 11.01 48.98 -10.70
C GLY A 763 11.97 48.00 -10.06
N ASP A 764 13.02 48.54 -9.44
CA ASP A 764 14.08 47.72 -8.91
C ASP A 764 13.85 47.42 -7.42
N GLY A 765 14.90 47.02 -6.71
CA GLY A 765 14.78 46.68 -5.31
C GLY A 765 14.32 47.83 -4.44
N ARG A 766 14.59 49.07 -4.86
CA ARG A 766 14.11 50.23 -4.11
C ARG A 766 12.60 50.24 -4.03
N VAL A 767 11.92 49.86 -5.12
CA VAL A 767 10.47 49.82 -5.10
C VAL A 767 9.99 48.71 -4.19
N GLY A 768 10.64 47.54 -4.27
CA GLY A 768 10.31 46.46 -3.36
C GLY A 768 10.48 46.87 -1.91
N ALA A 769 11.60 47.53 -1.60
CA ALA A 769 11.88 47.91 -0.22
C ALA A 769 10.89 48.95 0.27
N ALA A 770 10.53 49.91 -0.59
CA ALA A 770 9.57 50.94 -0.21
C ALA A 770 8.22 50.31 0.10
N LEU A 771 7.85 49.28 -0.67
CA LEU A 771 6.60 48.57 -0.42
C LEU A 771 6.65 47.81 0.90
N VAL A 772 7.76 47.10 1.14
CA VAL A 772 7.90 46.34 2.38
C VAL A 772 7.82 47.25 3.60
N ALA A 773 8.39 48.45 3.50
CA ALA A 773 8.47 49.36 4.62
C ALA A 773 7.18 50.13 4.87
N ALA A 774 6.23 50.09 3.94
CA ALA A 774 5.01 50.89 4.07
C ALA A 774 4.16 50.41 5.23
N ALA A 775 3.62 51.36 6.00
CA ALA A 775 2.98 51.01 7.26
C ALA A 775 1.76 50.12 7.07
N GLU A 776 1.05 50.26 5.95
CA GLU A 776 -0.16 49.47 5.73
C GLU A 776 0.14 48.08 5.15
N THR A 777 1.40 47.77 4.85
CA THR A 777 1.73 46.46 4.33
C THR A 777 1.52 45.40 5.41
N ALA A 778 0.66 44.43 5.12
CA ALA A 778 0.23 43.45 6.11
C ALA A 778 0.89 42.09 5.92
N GLY A 779 1.58 41.89 4.81
CA GLY A 779 2.25 40.64 4.56
C GLY A 779 3.13 40.80 3.35
N VAL A 780 4.17 39.98 3.28
CA VAL A 780 5.16 40.06 2.20
C VAL A 780 5.36 38.66 1.66
N MET A 781 5.22 38.51 0.35
CA MET A 781 5.54 37.25 -0.32
C MET A 781 6.73 37.55 -1.20
N PHE A 782 7.87 36.94 -0.87
CA PHE A 782 9.12 37.17 -1.56
C PHE A 782 9.62 35.87 -2.16
N THR A 783 9.97 35.91 -3.43
CA THR A 783 10.76 34.85 -4.02
C THR A 783 11.95 35.51 -4.70
N GLY A 784 13.15 35.04 -4.38
CA GLY A 784 14.35 35.72 -4.84
C GLY A 784 15.55 35.18 -4.11
N SER A 785 16.62 35.96 -4.14
CA SER A 785 17.86 35.50 -3.52
C SER A 785 17.78 35.52 -1.99
N THR A 786 18.55 34.63 -1.37
CA THR A 786 18.59 34.59 0.09
C THR A 786 19.10 35.91 0.66
N GLU A 787 20.08 36.53 0.00
CA GLU A 787 20.66 37.76 0.50
C GLU A 787 19.62 38.89 0.51
N VAL A 788 18.79 38.96 -0.52
CA VAL A 788 17.75 39.99 -0.52
C VAL A 788 16.68 39.67 0.52
N ALA A 789 16.29 38.40 0.65
CA ALA A 789 15.33 38.03 1.67
C ALA A 789 15.81 38.46 3.04
N ARG A 790 17.11 38.35 3.29
CA ARG A 790 17.66 38.74 4.57
C ARG A 790 17.51 40.25 4.80
N LEU A 791 17.65 41.05 3.74
CA LEU A 791 17.39 42.48 3.86
C LEU A 791 15.92 42.75 4.17
N ILE A 792 15.01 42.03 3.49
CA ILE A 792 13.59 42.18 3.79
C ILE A 792 13.29 41.74 5.22
N GLN A 793 13.88 40.63 5.66
CA GLN A 793 13.71 40.18 7.02
C GLN A 793 14.10 41.28 8.01
N ALA A 794 15.21 41.97 7.73
CA ALA A 794 15.64 43.04 8.62
C ALA A 794 14.66 44.20 8.62
N GLN A 795 14.15 44.58 7.43
CA GLN A 795 13.15 45.64 7.35
C GLN A 795 11.93 45.31 8.19
N LEU A 796 11.42 44.08 8.07
CA LEU A 796 10.19 43.72 8.75
C LEU A 796 10.38 43.53 10.25
N ALA A 797 11.62 43.31 10.71
CA ALA A 797 11.82 43.13 12.14
C ALA A 797 11.54 44.41 12.90
N ASP A 798 11.58 45.56 12.23
CA ASP A 798 11.18 46.84 12.83
C ASP A 798 9.67 46.97 12.98
N ARG A 799 8.89 46.13 12.33
CA ARG A 799 7.47 46.37 12.12
CA ARG A 799 7.47 46.39 12.14
C ARG A 799 6.60 45.38 12.88
N LEU A 800 5.45 45.87 13.32
CA LEU A 800 4.39 45.05 13.89
C LEU A 800 3.07 45.46 13.24
N SER A 801 2.16 44.50 13.14
CA SER A 801 0.82 44.78 12.66
C SER A 801 0.10 45.68 13.67
N PRO A 802 -1.05 46.24 13.29
CA PRO A 802 -1.83 47.03 14.27
C PRO A 802 -2.21 46.24 15.51
N ALA A 803 -2.30 44.91 15.41
CA ALA A 803 -2.55 44.06 16.55
C ALA A 803 -1.27 43.74 17.34
N GLY A 804 -0.12 44.28 16.91
CA GLY A 804 1.12 44.03 17.63
C GLY A 804 1.78 42.69 17.35
N ARG A 805 1.64 42.17 16.14
CA ARG A 805 2.21 40.87 15.80
C ARG A 805 3.10 41.00 14.58
N PRO A 806 4.04 40.07 14.37
CA PRO A 806 4.95 40.20 13.23
C PRO A 806 4.19 40.16 11.90
N ILE A 807 4.72 40.91 10.94
CA ILE A 807 4.19 40.90 9.57
C ILE A 807 4.60 39.59 8.90
N PRO A 808 3.66 38.75 8.47
CA PRO A 808 4.03 37.48 7.84
C PRO A 808 4.90 37.66 6.60
N LEU A 809 5.93 36.84 6.50
CA LEU A 809 6.85 36.85 5.37
C LEU A 809 6.98 35.43 4.87
N ILE A 810 6.63 35.22 3.60
CA ILE A 810 7.01 34.01 2.89
C ILE A 810 8.23 34.39 2.06
N ALA A 811 9.34 33.71 2.31
CA ALA A 811 10.59 34.06 1.64
C ALA A 811 11.15 32.76 1.07
N GLU A 812 11.00 32.61 -0.23
CA GLU A 812 11.40 31.40 -0.94
C GLU A 812 12.65 31.77 -1.72
N THR A 813 13.76 31.13 -1.36
CA THR A 813 15.07 31.66 -1.72
C THR A 813 15.93 30.65 -2.46
N GLY A 814 17.26 30.80 -2.41
CA GLY A 814 18.14 30.08 -3.31
C GLY A 814 18.39 28.63 -2.93
N GLY A 815 19.10 27.93 -3.81
CA GLY A 815 19.42 26.55 -3.59
C GLY A 815 20.88 26.29 -3.86
N GLN A 816 21.37 25.18 -3.33
CA GLN A 816 22.69 24.65 -3.68
C GLN A 816 22.48 23.16 -3.95
N ASN A 817 21.79 22.89 -5.03
CA ASN A 817 21.09 21.63 -5.20
C ASN A 817 22.03 20.56 -5.70
N ALA A 818 22.00 19.40 -5.03
CA ALA A 818 22.85 18.27 -5.36
C ALA A 818 22.03 17.15 -5.98
N MET A 819 22.74 16.33 -6.77
CA MET A 819 22.23 15.05 -7.22
C MET A 819 23.29 14.01 -6.92
N ILE A 820 22.88 12.93 -6.27
CA ILE A 820 23.78 11.83 -5.95
C ILE A 820 23.50 10.70 -6.92
N VAL A 821 24.56 10.17 -7.52
CA VAL A 821 24.45 9.11 -8.51
C VAL A 821 25.34 7.97 -8.05
N ASP A 822 24.76 6.78 -7.90
CA ASP A 822 25.58 5.64 -7.52
C ASP A 822 25.87 4.76 -8.73
N SER A 823 26.62 3.69 -8.49
CA SER A 823 27.05 2.83 -9.58
C SER A 823 25.92 1.97 -10.16
N SER A 824 24.71 2.00 -9.60
CA SER A 824 23.59 1.27 -10.16
C SER A 824 22.79 2.09 -11.15
N ALA A 825 23.05 3.39 -11.24
CA ALA A 825 22.29 4.26 -12.12
C ALA A 825 22.67 4.02 -13.56
N LEU A 826 21.75 4.30 -14.47
CA LEU A 826 22.00 4.17 -15.89
C LEU A 826 22.59 5.48 -16.40
N ALA A 827 23.82 5.42 -16.92
CA ALA A 827 24.56 6.63 -17.24
C ALA A 827 23.80 7.51 -18.22
N GLU A 828 23.23 6.93 -19.28
CA GLU A 828 22.50 7.73 -20.26
C GLU A 828 21.36 8.50 -19.61
N GLN A 829 20.62 7.85 -18.71
CA GLN A 829 19.54 8.51 -17.99
C GLN A 829 20.08 9.63 -17.11
N VAL A 830 21.14 9.33 -16.37
CA VAL A 830 21.75 10.35 -15.52
C VAL A 830 22.15 11.56 -16.33
N VAL A 831 22.85 11.32 -17.44
CA VAL A 831 23.38 12.43 -18.21
C VAL A 831 22.27 13.30 -18.76
N GLY A 832 21.21 12.69 -19.28
CA GLY A 832 20.08 13.47 -19.73
C GLY A 832 19.48 14.31 -18.62
N ASP A 833 19.32 13.73 -17.44
CA ASP A 833 18.71 14.48 -16.35
C ASP A 833 19.65 15.55 -15.82
N VAL A 834 20.96 15.31 -15.89
CA VAL A 834 21.94 16.29 -15.45
C VAL A 834 21.98 17.46 -16.43
N ILE A 835 22.07 17.17 -17.72
CA ILE A 835 22.09 18.21 -18.74
C ILE A 835 20.86 19.09 -18.61
N THR A 836 19.70 18.47 -18.44
CA THR A 836 18.47 19.24 -18.27
C THR A 836 18.51 20.03 -16.96
N SER A 837 18.84 19.37 -15.85
CA SER A 837 18.73 20.04 -14.56
C SER A 837 19.75 21.15 -14.40
N ALA A 838 20.94 20.97 -14.96
CA ALA A 838 22.00 21.94 -14.73
C ALA A 838 21.95 23.09 -15.71
N PHE A 839 21.58 22.81 -16.96
CA PHE A 839 21.79 23.78 -18.01
C PHE A 839 20.53 24.29 -18.70
N ASP A 840 19.38 23.63 -18.52
CA ASP A 840 18.12 24.23 -18.96
C ASP A 840 18.03 25.65 -18.41
N SER A 841 17.58 26.57 -19.26
CA SER A 841 17.47 27.98 -18.88
C SER A 841 18.80 28.56 -18.42
N ALA A 842 19.91 28.01 -18.93
CA ALA A 842 21.25 28.44 -18.54
C ALA A 842 21.44 28.36 -17.02
N GLY A 843 20.87 27.32 -16.42
CA GLY A 843 20.98 27.15 -14.99
C GLY A 843 20.26 28.19 -14.18
N GLN A 844 19.43 29.01 -14.81
CA GLN A 844 18.72 30.08 -14.12
C GLN A 844 17.35 29.61 -13.63
N ARG A 845 17.40 28.51 -12.90
CA ARG A 845 16.28 27.99 -12.14
C ARG A 845 16.74 27.84 -10.70
N CYS A 846 15.89 28.20 -9.76
CA CYS A 846 16.28 28.00 -8.37
C CYS A 846 16.50 26.54 -8.07
N SER A 847 15.81 25.66 -8.79
CA SER A 847 15.90 24.21 -8.64
C SER A 847 17.08 23.61 -9.38
N ALA A 848 17.86 24.41 -10.11
CA ALA A 848 18.86 23.86 -11.00
C ALA A 848 19.90 23.04 -10.25
N LEU A 849 20.39 22.01 -10.94
CA LEU A 849 21.42 21.16 -10.35
C LEU A 849 22.75 21.91 -10.31
N ARG A 850 23.31 22.06 -9.11
CA ARG A 850 24.56 22.77 -8.92
C ARG A 850 25.73 21.85 -8.62
N VAL A 851 25.47 20.72 -7.97
CA VAL A 851 26.53 19.82 -7.54
C VAL A 851 26.11 18.40 -7.90
N LEU A 852 26.80 17.80 -8.86
CA LEU A 852 26.61 16.41 -9.20
C LEU A 852 27.64 15.58 -8.44
N CYS A 853 27.16 14.58 -7.71
CA CYS A 853 28.02 13.74 -6.87
C CYS A 853 28.00 12.34 -7.45
N LEU A 854 29.16 11.90 -7.93
CA LEU A 854 29.28 10.66 -8.67
C LEU A 854 30.07 9.64 -7.85
N GLN A 855 29.50 8.45 -7.73
CA GLN A 855 30.24 7.40 -7.04
C GLN A 855 31.53 7.11 -7.83
N GLU A 856 32.63 6.95 -7.10
CA GLU A 856 33.96 6.95 -7.70
C GLU A 856 34.08 5.95 -8.85
N ASP A 857 33.48 4.76 -8.69
CA ASP A 857 33.65 3.68 -9.67
C ASP A 857 33.03 3.99 -11.01
N VAL A 858 32.08 4.91 -11.08
CA VAL A 858 31.41 5.26 -12.34
C VAL A 858 31.66 6.69 -12.75
N ALA A 859 32.43 7.44 -11.97
CA ALA A 859 32.53 8.89 -12.18
C ALA A 859 33.17 9.21 -13.52
N ASP A 860 34.25 8.49 -13.88
CA ASP A 860 34.93 8.80 -15.13
C ASP A 860 34.03 8.55 -16.33
N ARG A 861 33.34 7.41 -16.34
CA ARG A 861 32.48 7.09 -17.47
C ARG A 861 31.36 8.11 -17.60
N ILE A 862 30.72 8.47 -16.48
CA ILE A 862 29.62 9.43 -16.53
C ILE A 862 30.13 10.81 -16.93
N LEU A 863 31.28 11.21 -16.39
CA LEU A 863 31.82 12.52 -16.72
CA LEU A 863 31.82 12.52 -16.72
C LEU A 863 32.17 12.62 -18.20
N THR A 864 32.77 11.57 -18.75
CA THR A 864 33.05 11.55 -20.18
C THR A 864 31.76 11.72 -20.97
N MET A 865 30.72 10.98 -20.58
CA MET A 865 29.45 11.06 -21.30
C MET A 865 28.84 12.43 -21.12
N LEU A 866 28.92 12.97 -19.90
CA LEU A 866 28.37 14.29 -19.63
C LEU A 866 29.06 15.35 -20.49
N LYS A 867 30.38 15.30 -20.55
CA LYS A 867 31.10 16.29 -21.35
C LYS A 867 30.75 16.16 -22.82
N GLY A 868 30.60 14.93 -23.31
CA GLY A 868 30.19 14.74 -24.69
C GLY A 868 28.81 15.32 -24.96
N ALA A 869 27.89 15.11 -24.02
CA ALA A 869 26.55 15.64 -24.18
C ALA A 869 26.55 17.16 -24.11
N LEU A 870 27.39 17.72 -23.23
CA LEU A 870 27.52 19.18 -23.12
C LEU A 870 27.84 19.80 -24.46
N HIS A 871 28.73 19.16 -25.21
CA HIS A 871 29.17 19.76 -26.47
C HIS A 871 28.14 19.67 -27.58
N GLU A 872 27.02 18.99 -27.36
CA GLU A 872 25.96 18.94 -28.34
C GLU A 872 24.91 20.01 -28.11
N LEU A 873 25.07 20.85 -27.10
CA LEU A 873 24.08 21.88 -26.82
C LEU A 873 24.31 23.09 -27.72
N HIS A 874 23.20 23.69 -28.16
CA HIS A 874 23.24 24.89 -28.99
C HIS A 874 22.88 26.07 -28.09
N ILE A 875 23.81 27.01 -27.97
CA ILE A 875 23.64 28.21 -27.16
C ILE A 875 23.40 29.38 -28.09
N GLY A 876 22.36 30.16 -27.83
CA GLY A 876 22.11 31.30 -28.69
C GLY A 876 20.84 32.02 -28.31
N ARG A 877 20.48 32.99 -29.15
CA ARG A 877 19.23 33.72 -28.98
C ARG A 877 18.08 32.73 -29.13
N THR A 878 17.10 32.83 -28.23
CA THR A 878 16.17 31.72 -28.02
C THR A 878 14.97 31.73 -28.94
N ASP A 879 14.93 32.61 -29.94
CA ASP A 879 13.85 32.60 -30.90
C ASP A 879 14.07 31.62 -32.04
N ARG A 880 14.85 30.58 -31.78
CA ARG A 880 15.02 29.45 -32.69
C ARG A 880 14.77 28.18 -31.89
N LEU A 881 13.93 27.30 -32.44
CA LEU A 881 13.65 26.02 -31.79
C LEU A 881 14.92 25.22 -31.54
N SER A 882 15.94 25.38 -32.38
CA SER A 882 17.17 24.61 -32.24
C SER A 882 18.02 25.06 -31.06
N VAL A 883 17.69 26.15 -30.40
CA VAL A 883 18.50 26.63 -29.28
C VAL A 883 18.13 25.88 -28.01
N ASP A 884 19.14 25.33 -27.35
CA ASP A 884 18.96 24.60 -26.11
C ASP A 884 19.15 25.49 -24.89
N VAL A 885 20.14 26.38 -24.95
CA VAL A 885 20.55 27.17 -23.80
C VAL A 885 20.56 28.62 -24.24
N GLY A 886 19.77 29.45 -23.55
CA GLY A 886 19.73 30.85 -23.86
C GLY A 886 20.72 31.66 -23.07
N PRO A 887 20.52 32.96 -23.03
CA PRO A 887 21.49 33.86 -22.38
C PRO A 887 21.26 33.91 -20.88
N VAL A 888 22.24 34.49 -20.21
CA VAL A 888 22.02 34.95 -18.85
C VAL A 888 21.37 36.34 -18.89
N ILE A 889 20.67 36.68 -17.82
CA ILE A 889 19.68 37.75 -17.90
C ILE A 889 20.34 39.11 -18.09
N THR A 890 21.51 39.33 -17.50
CA THR A 890 22.15 40.64 -17.57
C THR A 890 23.66 40.47 -17.64
N SER A 891 24.34 41.57 -18.01
CA SER A 891 25.79 41.56 -18.00
C SER A 891 26.33 41.43 -16.58
N GLU A 892 25.61 41.95 -15.59
CA GLU A 892 26.06 41.81 -14.21
C GLU A 892 25.94 40.35 -13.76
N ALA A 893 24.86 39.69 -14.14
CA ALA A 893 24.77 38.26 -13.86
C ALA A 893 25.90 37.51 -14.53
N LYS A 894 26.17 37.84 -15.80
CA LYS A 894 27.27 37.21 -16.52
C LYS A 894 28.60 37.44 -15.81
N ASP A 895 28.86 38.68 -15.40
CA ASP A 895 30.11 38.98 -14.72
C ASP A 895 30.24 38.18 -13.42
N ASN A 896 29.15 38.06 -12.68
CA ASN A 896 29.20 37.33 -11.41
C ASN A 896 29.47 35.86 -11.64
N ILE A 897 28.83 35.26 -12.65
CA ILE A 897 29.06 33.85 -12.95
C ILE A 897 30.49 33.63 -13.43
N GLU A 898 30.97 34.49 -14.33
CA GLU A 898 32.31 34.31 -14.85
C GLU A 898 33.37 34.52 -13.78
N LYS A 899 33.14 35.45 -12.85
CA LYS A 899 34.08 35.61 -11.74
C LYS A 899 34.20 34.32 -10.95
N HIS A 900 33.07 33.62 -10.76
CA HIS A 900 33.11 32.34 -10.06
C HIS A 900 33.88 31.31 -10.86
N ILE A 901 33.63 31.24 -12.17
CA ILE A 901 34.31 30.25 -13.01
C ILE A 901 35.82 30.48 -12.98
N GLU A 902 36.24 31.75 -13.07
CA GLU A 902 37.67 32.03 -13.11
C GLU A 902 38.32 31.80 -11.75
N ARG A 903 37.59 32.04 -10.66
CA ARG A 903 38.11 31.68 -9.34
C ARG A 903 38.37 30.18 -9.24
N MET A 904 37.38 29.38 -9.63
CA MET A 904 37.57 27.93 -9.65
C MET A 904 38.72 27.54 -10.56
N ARG A 905 38.76 28.11 -11.77
CA ARG A 905 39.84 27.82 -12.70
C ARG A 905 41.19 28.23 -12.10
N GLY A 906 41.22 29.34 -11.38
CA GLY A 906 42.45 29.78 -10.75
C GLY A 906 42.91 28.89 -9.61
N LEU A 907 41.99 28.14 -9.00
CA LEU A 907 42.34 27.20 -7.94
C LEU A 907 42.84 25.87 -8.48
N GLY A 908 42.92 25.70 -9.79
CA GLY A 908 43.38 24.46 -10.40
C GLY A 908 42.29 23.51 -10.81
N ARG A 909 41.03 23.86 -10.61
CA ARG A 909 39.94 22.93 -10.90
C ARG A 909 39.75 22.76 -12.41
N LYS A 910 39.44 21.54 -12.81
CA LYS A 910 39.22 21.23 -14.22
C LYS A 910 37.89 21.82 -14.69
N VAL A 911 37.93 22.60 -15.77
CA VAL A 911 36.79 23.38 -16.24
C VAL A 911 36.53 23.02 -17.70
N GLU A 912 35.34 22.49 -17.98
CA GLU A 912 34.90 22.17 -19.33
C GLU A 912 33.85 23.20 -19.74
N GLN A 913 34.04 23.80 -20.90
CA GLN A 913 33.11 24.82 -21.38
C GLN A 913 32.82 24.62 -22.86
N ILE A 914 31.55 24.81 -23.23
CA ILE A 914 31.15 24.86 -24.62
C ILE A 914 31.75 26.11 -25.26
N GLY A 915 32.15 25.99 -26.53
CA GLY A 915 32.53 27.18 -27.29
C GLY A 915 31.28 27.90 -27.77
N LEU A 916 31.26 29.22 -27.56
CA LEU A 916 30.10 30.02 -27.92
C LEU A 916 30.25 30.57 -29.32
N ALA A 917 29.14 30.60 -30.06
CA ALA A 917 29.14 31.15 -31.41
C ALA A 917 29.38 32.66 -31.35
N SER A 918 29.85 33.19 -32.48
CA SER A 918 30.09 34.64 -32.55
C SER A 918 28.80 35.43 -32.36
N GLU A 919 27.66 34.86 -32.77
CA GLU A 919 26.38 35.55 -32.66
C GLU A 919 26.02 35.88 -31.23
N THR A 920 26.59 35.18 -30.25
CA THR A 920 26.28 35.46 -28.87
C THR A 920 26.82 36.80 -28.41
N GLY A 921 27.77 37.40 -29.15
CA GLY A 921 28.39 38.63 -28.71
C GLY A 921 27.42 39.78 -28.52
N VAL A 922 26.28 39.75 -29.20
CA VAL A 922 25.29 40.82 -29.07
C VAL A 922 24.43 40.67 -27.82
N GLY A 923 24.52 39.54 -27.12
CA GLY A 923 23.80 39.37 -25.88
C GLY A 923 24.73 39.05 -24.73
N THR A 924 24.19 38.54 -23.62
CA THR A 924 25.00 38.20 -22.45
C THR A 924 24.87 36.70 -22.23
N PHE A 925 25.87 35.96 -22.69
CA PHE A 925 25.83 34.49 -22.60
C PHE A 925 27.00 34.01 -21.77
N VAL A 926 26.75 32.95 -21.02
CA VAL A 926 27.79 32.18 -20.33
C VAL A 926 27.68 30.75 -20.84
N PRO A 927 28.75 30.15 -21.32
CA PRO A 927 28.64 28.79 -21.84
C PRO A 927 28.37 27.82 -20.70
N PRO A 928 27.54 26.81 -20.95
CA PRO A 928 27.44 25.70 -20.00
C PRO A 928 28.83 25.22 -19.61
N THR A 929 29.00 25.05 -18.31
CA THR A 929 30.31 24.85 -17.72
C THR A 929 30.21 23.70 -16.74
N ILE A 930 31.22 22.84 -16.75
CA ILE A 930 31.36 21.76 -15.77
C ILE A 930 32.65 22.03 -15.03
N ILE A 931 32.57 22.07 -13.70
CA ILE A 931 33.71 22.32 -12.84
C ILE A 931 33.86 21.13 -11.90
N GLU A 932 35.01 20.48 -11.94
CA GLU A 932 35.25 19.33 -11.09
C GLU A 932 35.87 19.81 -9.79
N LEU A 933 35.18 19.57 -8.68
CA LEU A 933 35.62 20.01 -7.37
C LEU A 933 36.24 18.87 -6.58
N GLU A 934 37.03 19.25 -5.57
CA GLU A 934 37.59 18.29 -4.62
C GLU A 934 36.62 18.02 -3.47
N LYS A 935 36.06 19.08 -2.89
CA LYS A 935 35.13 18.97 -1.77
C LYS A 935 33.93 19.86 -2.03
N LEU A 936 32.79 19.49 -1.44
CA LEU A 936 31.60 20.34 -1.53
C LEU A 936 31.81 21.68 -0.82
N SER A 937 32.71 21.72 0.16
CA SER A 937 33.05 22.98 0.83
C SER A 937 33.72 23.97 -0.11
N ASP A 938 34.15 23.56 -1.30
CA ASP A 938 34.69 24.49 -2.27
C ASP A 938 33.66 25.52 -2.72
N LEU A 939 32.37 25.22 -2.58
CA LEU A 939 31.32 26.17 -2.94
C LEU A 939 30.95 27.01 -1.73
N GLN A 940 30.71 28.30 -1.97
CA GLN A 940 30.34 29.23 -0.92
C GLN A 940 28.85 29.57 -0.98
N ARG A 941 28.40 30.20 -2.07
CA ARG A 941 27.01 30.59 -2.22
C ARG A 941 26.49 30.09 -3.56
N GLU A 942 25.17 30.18 -3.72
CA GLU A 942 24.52 29.83 -4.98
C GLU A 942 25.12 30.64 -6.12
N VAL A 943 25.48 29.94 -7.21
CA VAL A 943 25.92 30.58 -8.45
C VAL A 943 24.83 30.35 -9.48
N PHE A 944 24.09 31.42 -9.78
CA PHE A 944 22.84 31.30 -10.53
C PHE A 944 23.13 31.42 -12.02
N GLY A 945 23.69 30.34 -12.55
CA GLY A 945 24.08 30.30 -13.94
C GLY A 945 24.34 28.88 -14.38
N PRO A 946 24.85 28.72 -15.60
CA PRO A 946 25.00 27.37 -16.17
C PRO A 946 26.31 26.72 -15.75
N VAL A 947 26.46 26.50 -14.44
CA VAL A 947 27.72 26.04 -13.88
C VAL A 947 27.45 24.83 -13.01
N LEU A 948 27.81 23.66 -13.52
CA LEU A 948 27.65 22.41 -12.80
C LEU A 948 28.97 22.05 -12.14
N HIS A 949 28.92 21.75 -10.86
CA HIS A 949 30.09 21.28 -10.14
C HIS A 949 29.97 19.78 -9.94
N VAL A 950 31.10 19.09 -10.03
CA VAL A 950 31.13 17.64 -9.97
C VAL A 950 32.07 17.22 -8.85
N ILE A 951 31.56 16.41 -7.93
CA ILE A 951 32.40 15.80 -6.91
C ILE A 951 32.24 14.30 -7.00
N ARG A 952 33.26 13.58 -6.54
CA ARG A 952 33.29 12.14 -6.54
C ARG A 952 33.26 11.65 -5.10
N TYR A 953 32.66 10.48 -4.89
CA TYR A 953 32.60 9.93 -3.54
C TYR A 953 32.75 8.41 -3.58
N ARG A 954 33.36 7.88 -2.52
CA ARG A 954 33.44 6.43 -2.33
C ARG A 954 32.14 5.96 -1.68
N ARG A 955 31.68 4.77 -2.08
CA ARG A 955 30.37 4.29 -1.64
C ARG A 955 30.22 4.31 -0.12
N ASP A 956 31.27 3.92 0.61
CA ASP A 956 31.15 3.90 2.06
C ASP A 956 31.00 5.29 2.66
N ASP A 957 31.34 6.33 1.89
CA ASP A 957 31.23 7.71 2.37
C ASP A 957 29.91 8.35 1.99
N LEU A 958 28.93 7.57 1.55
CA LEU A 958 27.66 8.15 1.12
C LEU A 958 27.01 8.94 2.25
N ASP A 959 27.01 8.41 3.48
CA ASP A 959 26.36 9.13 4.56
C ASP A 959 27.07 10.44 4.85
N ARG A 960 28.41 10.42 4.83
CA ARG A 960 29.17 11.65 5.00
C ARG A 960 28.83 12.65 3.90
N LEU A 961 28.69 12.16 2.67
CA LEU A 961 28.37 13.03 1.54
C LEU A 961 27.03 13.71 1.75
N VAL A 962 26.01 12.94 2.17
CA VAL A 962 24.71 13.56 2.47
C VAL A 962 24.85 14.62 3.54
N ASP A 963 25.67 14.36 4.56
CA ASP A 963 25.97 15.41 5.54
C ASP A 963 26.56 16.64 4.86
N ASP A 964 27.51 16.43 3.94
CA ASP A 964 28.12 17.56 3.24
C ASP A 964 27.09 18.35 2.44
N VAL A 965 26.15 17.66 1.80
CA VAL A 965 25.09 18.37 1.08
C VAL A 965 24.26 19.19 2.05
N ASN A 966 23.87 18.59 3.18
CA ASN A 966 23.08 19.32 4.17
C ASN A 966 23.86 20.47 4.76
N ALA A 967 25.18 20.33 4.84
CA ALA A 967 26.02 21.29 5.53
C ALA A 967 26.10 22.65 4.84
N THR A 968 25.67 22.75 3.58
CA THR A 968 25.66 24.06 2.95
C THR A 968 24.66 25.01 3.61
N GLY A 969 23.64 24.47 4.27
CA GLY A 969 22.56 25.27 4.81
C GLY A 969 21.39 25.44 3.89
N TYR A 970 21.56 25.16 2.60
CA TYR A 970 20.44 25.19 1.67
C TYR A 970 19.65 23.91 1.79
N GLY A 971 18.52 23.86 1.10
CA GLY A 971 17.66 22.71 1.19
C GLY A 971 16.49 22.80 0.24
N LEU A 972 16.79 23.03 -1.03
CA LEU A 972 15.73 23.25 -2.00
C LEU A 972 15.42 21.97 -2.76
N THR A 973 16.14 21.70 -3.86
CA THR A 973 15.92 20.47 -4.58
C THR A 973 17.09 19.52 -4.37
N PHE A 974 16.80 18.24 -4.55
CA PHE A 974 17.80 17.21 -4.39
C PHE A 974 17.40 16.02 -5.25
N GLY A 975 18.38 15.45 -5.94
CA GLY A 975 18.14 14.29 -6.78
C GLY A 975 18.97 13.10 -6.37
N LEU A 976 18.41 11.92 -6.58
CA LEU A 976 19.14 10.69 -6.36
C LEU A 976 18.87 9.76 -7.52
N HIS A 977 19.94 9.27 -8.14
CA HIS A 977 19.83 8.25 -9.18
C HIS A 977 20.42 6.96 -8.63
N THR A 978 19.55 5.99 -8.43
CA THR A 978 19.95 4.67 -7.96
C THR A 978 18.80 3.72 -8.23
N ARG A 979 19.14 2.45 -8.40
CA ARG A 979 18.13 1.42 -8.48
C ARG A 979 17.90 0.71 -7.15
N LEU A 980 18.62 1.08 -6.11
CA LEU A 980 18.71 0.26 -4.90
C LEU A 980 17.86 0.86 -3.77
N ASP A 981 16.88 0.07 -3.31
CA ASP A 981 15.98 0.54 -2.27
C ASP A 981 16.72 0.94 -0.99
N GLU A 982 17.78 0.20 -0.62
CA GLU A 982 18.50 0.55 0.59
C GLU A 982 19.09 1.95 0.47
N THR A 983 19.62 2.27 -0.71
CA THR A 983 20.21 3.58 -0.92
C THR A 983 19.14 4.66 -0.93
N ILE A 984 18.00 4.39 -1.57
CA ILE A 984 16.90 5.34 -1.55
C ILE A 984 16.47 5.62 -0.12
N ALA A 985 16.28 4.56 0.67
CA ALA A 985 15.81 4.74 2.03
C ALA A 985 16.83 5.52 2.85
N HIS A 986 18.10 5.17 2.72
CA HIS A 986 19.15 5.86 3.47
C HIS A 986 19.19 7.33 3.08
N VAL A 987 19.36 7.60 1.79
CA VAL A 987 19.58 8.97 1.35
C VAL A 987 18.37 9.84 1.64
N THR A 988 17.16 9.34 1.34
CA THR A 988 15.99 10.21 1.53
C THR A 988 15.69 10.42 3.01
N SER A 989 16.10 9.49 3.87
CA SER A 989 15.89 9.69 5.29
C SER A 989 16.86 10.71 5.87
N ARG A 990 18.02 10.90 5.25
CA ARG A 990 19.07 11.74 5.81
C ARG A 990 19.17 13.11 5.15
N ILE A 991 18.77 13.23 3.89
CA ILE A 991 18.81 14.52 3.23
C ILE A 991 17.76 15.43 3.83
N LYS A 992 18.08 16.72 3.87
CA LYS A 992 17.17 17.76 4.38
C LYS A 992 16.93 18.76 3.25
N ALA A 993 15.98 18.44 2.39
CA ALA A 993 15.60 19.32 1.30
C ALA A 993 14.11 19.22 1.08
N GLY A 994 13.53 20.29 0.50
CA GLY A 994 12.08 20.33 0.39
C GLY A 994 11.54 19.57 -0.80
N ASN A 995 12.34 19.39 -1.85
CA ASN A 995 11.87 18.74 -3.06
C ASN A 995 12.90 17.69 -3.44
N LEU A 996 12.50 16.43 -3.35
CA LEU A 996 13.36 15.31 -3.67
C LEU A 996 12.90 14.69 -4.97
N TYR A 997 13.86 14.17 -5.73
CA TYR A 997 13.55 13.59 -7.03
C TYR A 997 14.39 12.33 -7.18
N ILE A 998 13.74 11.24 -7.52
CA ILE A 998 14.39 9.93 -7.59
CA ILE A 998 14.39 9.94 -7.60
C ILE A 998 14.34 9.48 -9.05
N ASN A 999 15.51 9.29 -9.64
CA ASN A 999 15.64 8.73 -11.01
C ASN A 999 14.99 9.61 -12.07
N ARG A 1000 15.12 10.92 -11.90
CA ARG A 1000 14.58 11.88 -12.85
C ARG A 1000 15.30 13.19 -12.62
N ASN A 1001 14.97 14.20 -13.44
CA ASN A 1001 15.60 15.49 -13.23
C ASN A 1001 15.06 16.13 -11.95
N ILE A 1002 15.70 17.21 -11.52
N ILE A 1002 15.67 17.23 -11.55
CA ILE A 1002 15.39 17.82 -10.23
CA ILE A 1002 15.29 17.90 -10.32
C ILE A 1002 14.74 19.18 -10.38
C ILE A 1002 14.58 19.22 -10.59
N ILE A 1003 14.14 19.45 -11.54
N ILE A 1003 14.07 19.43 -11.80
CA ILE A 1003 13.55 20.77 -11.79
CA ILE A 1003 13.52 20.74 -12.18
C ILE A 1003 12.03 20.74 -11.72
C ILE A 1003 12.09 20.57 -12.68
N GLY A 1004 11.45 19.65 -11.24
N GLY A 1004 11.44 21.71 -12.89
CA GLY A 1004 10.00 19.51 -11.25
CA GLY A 1004 10.07 21.73 -13.39
C GLY A 1004 9.35 20.38 -10.20
C GLY A 1004 9.02 21.15 -12.46
N ALA A 1005 8.38 21.18 -10.62
N ALA A 1005 9.11 21.46 -11.17
CA ALA A 1005 7.62 22.01 -9.70
CA ALA A 1005 8.09 21.01 -10.22
C ALA A 1005 6.17 22.04 -10.10
C ALA A 1005 6.70 21.47 -10.67
N VAL A 1006 5.66 20.89 -10.57
N VAL A 1006 5.73 20.58 -10.53
CA VAL A 1006 4.29 20.78 -11.07
CA VAL A 1006 4.37 20.81 -11.01
C VAL A 1006 3.34 21.11 -9.92
C VAL A 1006 3.49 21.23 -9.83
N VAL A 1007 2.63 22.23 -10.07
CA VAL A 1007 1.77 22.73 -9.01
C VAL A 1007 0.83 21.63 -8.54
N GLY A 1008 0.73 21.47 -7.22
CA GLY A 1008 -0.15 20.47 -6.65
C GLY A 1008 0.29 19.04 -6.85
N VAL A 1009 1.45 18.82 -7.45
CA VAL A 1009 2.00 17.50 -7.69
C VAL A 1009 3.37 17.36 -7.05
N GLN A 1010 4.25 18.33 -7.31
CA GLN A 1010 5.43 18.57 -6.49
C GLN A 1010 5.30 19.99 -5.95
N PRO A 1011 4.48 20.18 -4.91
CA PRO A 1011 4.51 21.46 -4.19
C PRO A 1011 5.95 21.81 -3.90
N PHE A 1012 6.31 23.05 -4.17
CA PHE A 1012 7.70 23.41 -4.35
C PHE A 1012 8.12 24.38 -3.27
N GLY A 1013 9.25 24.11 -2.66
CA GLY A 1013 9.83 25.04 -1.73
C GLY A 1013 10.70 24.29 -0.77
N GLY A 1014 11.75 24.96 -0.31
CA GLY A 1014 12.73 24.33 0.54
C GLY A 1014 12.83 24.91 1.93
N ARG A 1015 13.91 24.56 2.60
CA ARG A 1015 14.11 24.88 3.99
C ARG A 1015 15.49 25.49 4.16
N GLY A 1016 15.81 25.87 5.39
CA GLY A 1016 17.13 26.45 5.62
C GLY A 1016 17.28 27.75 4.87
N LEU A 1017 18.44 27.92 4.24
CA LEU A 1017 18.70 29.09 3.42
C LEU A 1017 17.81 29.15 2.18
N SER A 1018 17.04 28.09 1.92
CA SER A 1018 16.22 28.01 0.71
C SER A 1018 14.78 28.44 0.92
N GLY A 1019 14.31 28.61 2.15
CA GLY A 1019 12.94 29.02 2.28
C GLY A 1019 12.42 29.03 3.70
N THR A 1020 11.39 29.83 3.93
CA THR A 1020 10.61 29.76 5.15
C THR A 1020 9.43 28.81 5.01
N GLY A 1021 8.97 28.58 3.79
CA GLY A 1021 7.70 27.96 3.59
C GLY A 1021 6.58 28.90 3.97
N PRO A 1022 5.33 28.46 3.83
CA PRO A 1022 4.92 27.17 3.27
C PRO A 1022 5.22 27.09 1.78
N LYS A 1023 5.14 25.90 1.22
CA LYS A 1023 5.44 25.69 -0.19
C LYS A 1023 4.39 26.34 -1.09
N ALA A 1024 4.85 27.07 -2.10
CA ALA A 1024 4.00 27.43 -3.21
C ALA A 1024 3.49 26.17 -3.92
N GLY A 1025 2.27 26.26 -4.43
CA GLY A 1025 1.71 25.12 -5.14
C GLY A 1025 1.38 23.98 -4.22
N GLY A 1026 1.28 24.26 -2.92
CA GLY A 1026 0.92 23.27 -1.94
C GLY A 1026 -0.22 23.76 -1.06
N PRO A 1027 -0.72 22.87 -0.19
CA PRO A 1027 -2.01 23.13 0.46
C PRO A 1027 -1.91 23.99 1.70
N LEU A 1028 -0.72 24.29 2.17
CA LEU A 1028 -0.56 25.17 3.33
C LEU A 1028 -0.39 26.62 2.93
N TYR A 1029 -0.30 26.90 1.63
CA TYR A 1029 0.11 28.22 1.17
C TYR A 1029 -0.94 29.27 1.50
N LEU A 1030 -2.18 29.04 1.09
CA LEU A 1030 -3.20 30.07 1.27
C LEU A 1030 -3.40 30.39 2.74
N GLY A 1031 -3.24 29.40 3.61
CA GLY A 1031 -3.46 29.62 5.03
C GLY A 1031 -2.51 30.60 5.66
N ARG A 1032 -1.36 30.85 5.03
CA ARG A 1032 -0.43 31.84 5.52
C ARG A 1032 -0.89 33.26 5.20
N LEU A 1033 -1.83 33.41 4.28
CA LEU A 1033 -2.25 34.70 3.76
C LEU A 1033 -3.57 35.18 4.37
N VAL A 1034 -4.01 34.53 5.44
CA VAL A 1034 -5.19 34.92 6.18
C VAL A 1034 -4.82 34.95 7.66
N THR A 1035 -5.63 35.66 8.45
CA THR A 1035 -5.27 35.82 9.85
C THR A 1035 -5.48 34.55 10.66
N THR A 1036 -6.47 33.72 10.29
CA THR A 1036 -6.73 32.44 10.93
C THR A 1036 -6.68 31.39 9.84
N ALA A 1037 -5.73 30.47 9.95
CA ALA A 1037 -5.52 29.51 8.87
C ALA A 1037 -6.65 28.49 8.84
N PRO A 1038 -7.17 28.17 7.67
CA PRO A 1038 -8.14 27.08 7.56
C PRO A 1038 -7.42 25.73 7.67
N VAL A 1039 -8.22 24.68 7.73
CA VAL A 1039 -7.70 23.31 7.70
C VAL A 1039 -7.56 22.92 6.24
N PRO A 1040 -6.35 22.69 5.73
CA PRO A 1040 -6.20 22.36 4.32
C PRO A 1040 -6.84 21.02 4.02
N PRO A 1041 -7.20 20.78 2.75
CA PRO A 1041 -7.66 19.45 2.37
C PRO A 1041 -6.62 18.41 2.75
N GLN A 1042 -7.10 17.28 3.24
CA GLN A 1042 -6.30 16.10 3.55
C GLN A 1042 -5.29 16.32 4.67
N HIS A 1043 -5.38 17.44 5.38
CA HIS A 1043 -4.35 17.84 6.33
C HIS A 1043 -4.74 17.33 7.71
N SER A 1044 -4.18 16.18 8.08
CA SER A 1044 -4.37 15.59 9.40
C SER A 1044 -3.36 14.47 9.52
N SER A 1045 -3.19 13.98 10.73
CA SER A 1045 -2.33 12.82 10.95
C SER A 1045 -2.84 12.04 12.14
N VAL A 1046 -2.88 10.72 11.99
CA VAL A 1046 -3.28 9.88 13.12
C VAL A 1046 -2.14 9.63 14.08
N HIS A 1047 -0.94 10.11 13.78
CA HIS A 1047 0.22 9.83 14.59
C HIS A 1047 0.42 10.92 15.62
N THR A 1048 0.83 10.51 16.82
CA THR A 1048 1.07 11.45 17.89
C THR A 1048 2.55 11.37 18.26
N ASP A 1049 3.20 12.51 18.33
CA ASP A 1049 4.60 12.52 18.68
C ASP A 1049 4.79 11.95 20.08
N PRO A 1050 5.69 10.99 20.26
CA PRO A 1050 5.79 10.32 21.57
C PRO A 1050 6.46 11.20 22.61
N VAL A 1051 7.31 12.13 22.19
CA VAL A 1051 7.90 13.06 23.15
C VAL A 1051 6.85 14.05 23.63
N LEU A 1052 5.98 14.50 22.73
CA LEU A 1052 4.81 15.28 23.15
C LEU A 1052 4.03 14.52 24.21
N LEU A 1053 3.74 13.24 23.95
CA LEU A 1053 3.00 12.45 24.93
C LEU A 1053 3.73 12.40 26.27
N ASP A 1054 5.05 12.21 26.23
CA ASP A 1054 5.81 12.16 27.48
C ASP A 1054 5.77 13.51 28.18
N PHE A 1055 5.83 14.60 27.42
CA PHE A 1055 5.74 15.92 28.03
C PHE A 1055 4.37 16.14 28.67
N ALA A 1056 3.31 15.71 27.99
CA ALA A 1056 1.97 15.85 28.55
C ALA A 1056 1.84 15.11 29.88
N LYS A 1057 2.41 13.90 29.96
CA LYS A 1057 2.37 13.17 31.23
C LYS A 1057 3.19 13.89 32.28
N TRP A 1058 4.34 14.45 31.89
CA TRP A 1058 5.16 15.21 32.82
C TRP A 1058 4.41 16.42 33.34
N LEU A 1059 3.71 17.14 32.46
CA LEU A 1059 2.91 18.29 32.87
C LEU A 1059 1.87 17.87 33.90
N ASP A 1060 1.17 16.78 33.64
CA ASP A 1060 0.18 16.29 34.60
C ASP A 1060 0.84 15.94 35.93
N GLY A 1061 2.02 15.31 35.88
CA GLY A 1061 2.72 14.99 37.11
C GLY A 1061 3.15 16.22 37.89
N LYS A 1062 3.42 17.32 37.19
CA LYS A 1062 3.74 18.60 37.83
C LYS A 1062 2.49 19.34 38.28
N GLY A 1063 1.30 18.83 37.99
CA GLY A 1063 0.06 19.50 38.34
C GLY A 1063 -0.40 20.55 37.35
N ALA A 1064 0.27 20.67 36.20
CA ALA A 1064 -0.10 21.64 35.17
C ALA A 1064 -1.18 21.03 34.27
N ARG A 1065 -2.36 20.87 34.88
CA ARG A 1065 -3.42 20.08 34.26
C ARG A 1065 -3.91 20.74 32.97
N ALA A 1066 -4.12 22.06 32.99
CA ALA A 1066 -4.59 22.71 31.77
C ALA A 1066 -3.56 22.64 30.65
N GLU A 1067 -2.27 22.82 30.98
CA GLU A 1067 -1.25 22.74 29.95
C GLU A 1067 -1.09 21.32 29.43
N ALA A 1068 -1.26 20.32 30.31
CA ALA A 1068 -1.22 18.93 29.86
C ALA A 1068 -2.33 18.66 28.87
N GLU A 1069 -3.53 19.18 29.13
CA GLU A 1069 -4.62 19.03 28.18
C GLU A 1069 -4.31 19.73 26.88
N ALA A 1070 -3.74 20.93 26.95
CA ALA A 1070 -3.37 21.66 25.75
C ALA A 1070 -2.30 20.90 24.99
N ALA A 1071 -1.39 20.26 25.71
CA ALA A 1071 -0.36 19.47 25.07
C ALA A 1071 -0.98 18.28 24.34
N ARG A 1072 -1.90 17.57 24.99
CA ARG A 1072 -2.55 16.47 24.31
C ARG A 1072 -3.31 16.96 23.09
N ASN A 1073 -3.97 18.12 23.19
CA ASN A 1073 -4.69 18.67 22.04
C ASN A 1073 -3.73 19.00 20.91
N ALA A 1074 -2.57 19.55 21.24
CA ALA A 1074 -1.55 19.83 20.23
C ALA A 1074 -1.09 18.54 19.57
N GLY A 1075 -0.92 17.48 20.36
CA GLY A 1075 -0.50 16.20 19.80
C GLY A 1075 -1.48 15.69 18.77
N SER A 1076 -2.79 15.82 19.04
CA SER A 1076 -3.80 15.39 18.08
C SER A 1076 -3.90 16.34 16.89
N SER A 1077 -3.80 17.65 17.15
CA SER A 1077 -4.00 18.63 16.09
CA SER A 1077 -3.99 18.64 16.10
C SER A 1077 -2.83 18.65 15.12
N SER A 1078 -1.65 18.28 15.57
CA SER A 1078 -0.48 18.27 14.71
C SER A 1078 -0.72 17.34 13.52
N ALA A 1079 -0.28 17.79 12.35
CA ALA A 1079 -0.32 16.95 11.17
C ALA A 1079 1.02 16.32 10.86
N LEU A 1080 1.97 16.41 11.79
CA LEU A 1080 3.22 15.67 11.68
C LEU A 1080 2.94 14.21 11.34
N GLY A 1081 3.60 13.71 10.30
CA GLY A 1081 3.38 12.34 9.90
C GLY A 1081 2.41 12.17 8.75
N LEU A 1082 1.74 13.24 8.34
CA LEU A 1082 0.96 13.20 7.10
CA LEU A 1082 0.96 13.20 7.10
C LEU A 1082 1.83 12.65 5.99
N ASP A 1083 1.25 11.76 5.18
CA ASP A 1083 2.01 11.08 4.14
C ASP A 1083 1.02 10.74 3.04
N LEU A 1084 1.06 11.51 1.95
CA LEU A 1084 0.06 11.41 0.91
C LEU A 1084 0.73 11.18 -0.42
N GLU A 1085 0.00 10.52 -1.31
CA GLU A 1085 0.38 10.46 -2.71
C GLU A 1085 -0.54 11.40 -3.47
N LEU A 1086 0.06 12.31 -4.24
CA LEU A 1086 -0.70 13.30 -4.99
C LEU A 1086 -0.95 12.81 -6.41
N PRO A 1087 -2.16 13.04 -6.92
CA PRO A 1087 -2.48 12.61 -8.29
C PRO A 1087 -1.56 13.28 -9.29
N GLY A 1088 -1.11 12.50 -10.26
CA GLY A 1088 -0.25 13.01 -11.29
C GLY A 1088 -0.17 12.08 -12.47
N PRO A 1089 0.88 12.23 -13.26
CA PRO A 1089 1.02 11.41 -14.47
C PRO A 1089 1.35 9.97 -14.12
N VAL A 1090 1.05 9.08 -15.06
CA VAL A 1090 1.49 7.70 -14.92
C VAL A 1090 3.01 7.65 -14.91
N GLY A 1091 3.53 6.55 -14.39
CA GLY A 1091 4.97 6.36 -14.39
C GLY A 1091 5.70 7.22 -13.40
N GLU A 1092 4.99 7.81 -12.45
CA GLU A 1092 5.62 8.63 -11.44
C GLU A 1092 4.80 8.49 -10.17
N ARG A 1093 5.49 8.53 -9.04
CA ARG A 1093 4.84 8.59 -7.74
CA ARG A 1093 4.85 8.57 -7.73
C ARG A 1093 5.25 9.89 -7.08
N ASN A 1094 4.26 10.69 -6.74
CA ASN A 1094 4.51 12.01 -6.20
C ASN A 1094 3.96 12.05 -4.80
N LEU A 1095 4.87 12.22 -3.84
CA LEU A 1095 4.55 12.03 -2.43
C LEU A 1095 4.70 13.35 -1.73
N TYR A 1096 3.92 13.53 -0.68
CA TYR A 1096 3.90 14.78 0.06
C TYR A 1096 3.80 14.40 1.51
N THR A 1097 4.75 14.86 2.32
CA THR A 1097 4.83 14.41 3.70
C THR A 1097 5.12 15.61 4.59
N LEU A 1098 4.68 15.53 5.83
CA LEU A 1098 4.95 16.57 6.82
C LEU A 1098 5.91 16.01 7.87
N HIS A 1099 7.02 16.70 8.05
CA HIS A 1099 8.07 16.33 8.98
C HIS A 1099 8.26 17.46 9.98
N ALA A 1100 9.10 17.19 10.97
CA ALA A 1100 9.50 18.25 11.87
C ALA A 1100 10.35 19.26 11.12
N ARG A 1101 10.31 20.50 11.57
CA ARG A 1101 11.15 21.53 10.98
CA ARG A 1101 11.15 21.53 10.99
C ARG A 1101 12.60 21.39 11.44
N GLY A 1102 12.80 21.02 12.70
CA GLY A 1102 14.14 20.92 13.23
C GLY A 1102 14.19 21.46 14.64
N ARG A 1103 15.08 22.41 14.91
CA ARG A 1103 15.17 22.98 16.24
C ARG A 1103 14.50 24.34 16.23
N ILE A 1104 13.48 24.49 17.08
CA ILE A 1104 12.71 25.72 17.17
C ILE A 1104 13.26 26.52 18.33
N LEU A 1105 13.55 27.80 18.09
CA LEU A 1105 13.90 28.72 19.16
C LEU A 1105 12.65 29.11 19.92
N LEU A 1106 12.64 28.87 21.22
CA LEU A 1106 11.53 29.28 22.08
C LEU A 1106 11.97 30.48 22.90
N VAL A 1107 11.19 31.55 22.83
CA VAL A 1107 11.45 32.74 23.62
C VAL A 1107 10.23 32.97 24.49
N PRO A 1108 10.14 32.29 25.62
CA PRO A 1108 8.97 32.43 26.49
C PRO A 1108 9.13 33.61 27.43
N ALA A 1109 8.01 34.00 28.01
CA ALA A 1109 7.96 34.99 29.07
C ALA A 1109 7.42 34.43 30.38
N THR A 1110 6.53 33.46 30.33
CA THR A 1110 5.89 32.91 31.51
C THR A 1110 5.99 31.40 31.47
N GLU A 1111 5.84 30.78 32.64
CA GLU A 1111 5.90 29.33 32.70
C GLU A 1111 4.81 28.70 31.83
N SER A 1112 3.57 29.19 31.95
CA SER A 1112 2.50 28.65 31.12
C SER A 1112 2.79 28.87 29.64
N GLY A 1113 3.30 30.05 29.29
CA GLY A 1113 3.68 30.28 27.90
C GLY A 1113 4.74 29.30 27.42
N LEU A 1114 5.73 29.04 28.26
CA LEU A 1114 6.75 28.06 27.90
C LEU A 1114 6.15 26.68 27.68
N TYR A 1115 5.25 26.27 28.56
CA TYR A 1115 4.64 24.95 28.40
C TYR A 1115 3.85 24.87 27.11
N HIS A 1116 3.12 25.93 26.78
CA HIS A 1116 2.38 25.96 25.51
C HIS A 1116 3.33 25.94 24.32
N GLN A 1117 4.42 26.72 24.38
CA GLN A 1117 5.37 26.72 23.28
C GLN A 1117 5.99 25.34 23.11
N LEU A 1118 6.40 24.72 24.22
CA LEU A 1118 7.00 23.40 24.14
CA LEU A 1118 6.99 23.40 24.15
C LEU A 1118 6.00 22.38 23.60
N ALA A 1119 4.75 22.45 24.05
CA ALA A 1119 3.75 21.53 23.52
C ALA A 1119 3.61 21.66 22.02
N ALA A 1120 3.53 22.90 21.52
CA ALA A 1120 3.38 23.11 20.08
C ALA A 1120 4.58 22.56 19.33
N ALA A 1121 5.79 22.84 19.82
CA ALA A 1121 7.00 22.42 19.14
C ALA A 1121 7.16 20.90 19.19
N LEU A 1122 6.94 20.30 20.36
CA LEU A 1122 7.10 18.86 20.48
C LEU A 1122 6.04 18.12 19.68
N ALA A 1123 4.80 18.62 19.68
CA ALA A 1123 3.73 17.96 18.95
C ALA A 1123 4.01 17.89 17.47
N THR A 1124 4.85 18.78 16.96
CA THR A 1124 5.22 18.83 15.56
C THR A 1124 6.59 18.22 15.31
N GLY A 1125 7.12 17.48 16.30
CA GLY A 1125 8.30 16.66 16.12
C GLY A 1125 9.62 17.37 16.30
N ASN A 1126 9.59 18.63 16.71
CA ASN A 1126 10.79 19.44 16.76
C ASN A 1126 11.51 19.29 18.08
N SER A 1127 12.80 19.62 18.05
CA SER A 1127 13.53 19.94 19.26
C SER A 1127 13.45 21.45 19.48
N VAL A 1128 13.91 21.89 20.64
CA VAL A 1128 13.81 23.30 20.98
C VAL A 1128 15.10 23.78 21.61
N ALA A 1129 15.36 25.07 21.41
CA ALA A 1129 16.35 25.79 22.20
C ALA A 1129 15.58 26.90 22.91
N ILE A 1130 15.60 26.88 24.23
CA ILE A 1130 14.82 27.82 25.02
C ILE A 1130 15.74 28.95 25.45
N ASP A 1131 15.27 30.18 25.25
CA ASP A 1131 16.01 31.36 25.69
C ASP A 1131 16.33 31.28 27.18
N ALA A 1132 17.61 31.18 27.51
CA ALA A 1132 18.01 31.12 28.90
C ALA A 1132 17.76 32.44 29.62
N ALA A 1133 17.71 33.56 28.89
CA ALA A 1133 17.44 34.84 29.53
C ALA A 1133 16.01 34.95 30.02
N SER A 1134 15.14 34.00 29.71
CA SER A 1134 13.78 34.01 30.23
C SER A 1134 13.76 33.74 31.73
N GLY A 1135 14.83 33.14 32.27
CA GLY A 1135 14.85 32.79 33.67
C GLY A 1135 13.91 31.68 34.06
N LEU A 1136 13.41 30.91 33.10
CA LEU A 1136 12.38 29.92 33.38
C LEU A 1136 12.94 28.51 33.55
N GLN A 1137 14.26 28.38 33.75
CA GLN A 1137 14.88 27.07 33.91
C GLN A 1137 14.17 26.23 34.98
N ALA A 1138 13.80 26.84 36.10
CA ALA A 1138 13.17 26.08 37.18
C ALA A 1138 11.80 25.54 36.80
N SER A 1139 11.21 25.98 35.69
CA SER A 1139 9.93 25.46 35.26
C SER A 1139 10.04 24.12 34.56
N LEU A 1140 11.24 23.68 34.22
CA LEU A 1140 11.45 22.44 33.47
C LEU A 1140 12.32 21.45 34.23
N LYS A 1141 12.12 21.35 35.53
CA LYS A 1141 12.88 20.42 36.34
C LYS A 1141 12.37 19.00 36.17
N ASN A 1142 13.31 18.05 36.11
CA ASN A 1142 12.99 16.62 36.16
C ASN A 1142 12.26 16.14 34.90
N LEU A 1143 12.60 16.70 33.74
CA LEU A 1143 11.97 16.25 32.51
C LEU A 1143 12.29 14.77 32.29
N PRO A 1144 11.36 14.02 31.70
CA PRO A 1144 11.71 12.69 31.19
C PRO A 1144 12.88 12.82 30.23
N GLN A 1145 13.75 11.79 30.24
CA GLN A 1145 14.90 11.81 29.33
C GLN A 1145 14.50 12.00 27.87
N THR A 1146 13.36 11.43 27.46
CA THR A 1146 12.93 11.60 26.07
C THR A 1146 12.70 13.06 25.73
N VAL A 1147 12.12 13.81 26.66
CA VAL A 1147 11.89 15.23 26.43
C VAL A 1147 13.18 16.01 26.60
N GLY A 1148 13.98 15.66 27.61
CA GLY A 1148 15.26 16.32 27.79
C GLY A 1148 16.15 16.25 26.56
N LEU A 1149 16.10 15.13 25.84
CA LEU A 1149 16.89 15.00 24.62
C LEU A 1149 16.50 16.05 23.59
N ARG A 1150 15.26 16.52 23.63
CA ARG A 1150 14.80 17.51 22.67
C ARG A 1150 14.95 18.93 23.16
N VAL A 1151 15.36 19.14 24.40
CA VAL A 1151 15.35 20.45 25.03
C VAL A 1151 16.79 20.88 25.28
N SER A 1152 17.16 22.05 24.78
CA SER A 1152 18.39 22.71 25.16
C SER A 1152 18.04 24.13 25.59
N TRP A 1153 18.92 24.74 26.35
CA TRP A 1153 18.79 26.13 26.77
C TRP A 1153 19.88 26.95 26.11
N SER A 1154 19.52 28.12 25.62
CA SER A 1154 20.42 28.93 24.80
C SER A 1154 20.60 30.29 25.43
N LYS A 1155 21.84 30.61 25.79
CA LYS A 1155 22.17 31.97 26.21
C LYS A 1155 22.65 32.83 25.05
N ASP A 1156 23.21 32.21 24.01
CA ASP A 1156 23.71 32.92 22.83
C ASP A 1156 23.02 32.28 21.63
N TRP A 1157 21.90 32.88 21.21
CA TRP A 1157 21.08 32.26 20.17
C TRP A 1157 21.88 32.07 18.88
N ALA A 1158 22.75 33.02 18.55
CA ALA A 1158 23.51 32.93 17.31
C ALA A 1158 24.49 31.75 17.32
N ALA A 1159 24.94 31.33 18.50
CA ALA A 1159 25.86 30.21 18.58
C ALA A 1159 25.15 28.87 18.45
N ASP A 1160 23.87 28.82 18.78
CA ASP A 1160 23.16 27.55 18.94
C ASP A 1160 22.25 27.21 17.77
N GLY A 1161 22.28 28.01 16.70
CA GLY A 1161 21.50 27.72 15.53
C GLY A 1161 22.22 26.77 14.60
N PRO A 1162 21.73 26.63 13.36
CA PRO A 1162 20.56 27.31 12.79
C PRO A 1162 19.27 26.76 13.39
N PHE A 1163 18.30 27.64 13.59
CA PHE A 1163 16.98 27.22 13.98
C PHE A 1163 16.11 27.06 12.74
N ALA A 1164 14.96 26.42 12.91
CA ALA A 1164 14.03 26.21 11.80
C ALA A 1164 12.72 26.95 12.02
N GLY A 1165 12.63 27.78 13.05
CA GLY A 1165 11.45 28.56 13.36
C GLY A 1165 11.61 29.09 14.76
N ALA A 1166 10.65 29.90 15.17
CA ALA A 1166 10.71 30.44 16.52
C ALA A 1166 9.29 30.66 17.02
N LEU A 1167 9.15 30.53 18.34
CA LEU A 1167 7.92 30.86 19.05
C LEU A 1167 8.27 31.88 20.12
N VAL A 1168 7.54 32.99 20.14
CA VAL A 1168 7.86 34.12 21.00
C VAL A 1168 6.62 34.46 21.82
N GLU A 1169 6.83 34.73 23.10
CA GLU A 1169 5.78 35.18 23.99
C GLU A 1169 6.16 36.55 24.53
N GLY A 1170 5.24 37.49 24.47
CA GLY A 1170 5.49 38.77 25.10
C GLY A 1170 4.50 39.81 24.66
N ASP A 1171 4.61 40.98 25.27
CA ASP A 1171 3.84 42.12 24.79
C ASP A 1171 4.44 42.62 23.48
N ALA A 1172 3.79 43.62 22.89
CA ALA A 1172 4.15 44.06 21.54
C ALA A 1172 5.62 44.48 21.45
N GLU A 1173 6.08 45.26 22.43
CA GLU A 1173 7.47 45.74 22.34
C GLU A 1173 8.46 44.63 22.61
N ARG A 1174 8.12 43.67 23.47
CA ARG A 1174 8.96 42.50 23.63
C ARG A 1174 9.04 41.71 22.33
N ILE A 1175 7.90 41.52 21.67
CA ILE A 1175 7.89 40.82 20.39
C ILE A 1175 8.77 41.54 19.38
N ARG A 1176 8.67 42.87 19.33
CA ARG A 1176 9.46 43.63 18.37
C ARG A 1176 10.94 43.45 18.64
N ALA A 1177 11.35 43.55 19.91
CA ALA A 1177 12.75 43.40 20.27
C ALA A 1177 13.24 42.00 19.92
N VAL A 1178 12.47 40.98 20.27
CA VAL A 1178 12.86 39.61 19.96
C VAL A 1178 12.97 39.41 18.46
N ASN A 1179 12.02 39.97 17.71
CA ASN A 1179 12.02 39.83 16.26
C ASN A 1179 13.29 40.42 15.66
N LYS A 1180 13.74 41.56 16.20
CA LYS A 1180 15.00 42.14 15.74
C LYS A 1180 16.18 41.25 16.09
N ALA A 1181 16.20 40.70 17.31
CA ALA A 1181 17.27 39.80 17.69
C ALA A 1181 17.27 38.54 16.83
N ILE A 1182 16.08 38.03 16.50
CA ILE A 1182 16.01 36.84 15.66
C ILE A 1182 16.49 37.14 14.25
N ALA A 1183 16.08 38.29 13.69
CA ALA A 1183 16.52 38.63 12.35
C ALA A 1183 18.04 38.76 12.27
N ALA A 1184 18.69 39.11 13.38
CA ALA A 1184 20.13 39.28 13.39
C ALA A 1184 20.89 37.96 13.45
N LEU A 1185 20.19 36.86 13.69
CA LEU A 1185 20.88 35.58 13.75
C LEU A 1185 21.43 35.24 12.37
N PRO A 1186 22.62 34.63 12.31
CA PRO A 1186 23.16 34.26 11.00
C PRO A 1186 22.34 33.15 10.36
N GLY A 1187 22.41 33.10 9.04
CA GLY A 1187 21.87 31.98 8.31
C GLY A 1187 20.42 32.15 7.88
N PRO A 1188 19.61 31.13 8.11
CA PRO A 1188 18.30 31.09 7.48
C PRO A 1188 17.35 32.09 8.10
N LEU A 1189 16.41 32.57 7.29
CA LEU A 1189 15.29 33.33 7.82
C LEU A 1189 14.43 32.39 8.64
N LEU A 1190 13.97 32.86 9.79
CA LEU A 1190 13.16 32.04 10.68
C LEU A 1190 11.71 32.45 10.57
N LEU A 1191 10.83 31.46 10.42
CA LEU A 1191 9.39 31.71 10.51
C LEU A 1191 9.06 31.84 11.98
N VAL A 1192 8.80 33.07 12.40
CA VAL A 1192 8.57 33.42 13.80
C VAL A 1192 7.06 33.53 14.01
N GLN A 1193 6.57 32.93 15.08
CA GLN A 1193 5.20 33.16 15.53
C GLN A 1193 5.26 33.75 16.92
N ALA A 1194 4.50 34.82 17.14
CA ALA A 1194 4.51 35.50 18.42
C ALA A 1194 3.10 35.56 18.97
N ALA A 1195 3.00 35.61 20.29
CA ALA A 1195 1.72 35.75 20.96
C ALA A 1195 1.97 36.39 22.31
N SER A 1196 0.99 37.13 22.79
CA SER A 1196 1.04 37.62 24.16
C SER A 1196 0.67 36.50 25.11
N SER A 1197 0.98 36.70 26.39
CA SER A 1197 0.55 35.73 27.39
C SER A 1197 -0.96 35.60 27.40
N GLY A 1198 -1.68 36.72 27.28
CA GLY A 1198 -3.13 36.66 27.25
C GLY A 1198 -3.65 35.91 26.04
N GLU A 1199 -3.00 36.08 24.89
CA GLU A 1199 -3.41 35.36 23.69
C GLU A 1199 -3.19 33.86 23.88
N ILE A 1200 -2.08 33.46 24.48
CA ILE A 1200 -1.85 32.05 24.77
C ILE A 1200 -2.97 31.52 25.66
N ALA A 1201 -3.44 32.33 26.61
CA ALA A 1201 -4.49 31.87 27.51
C ALA A 1201 -5.82 31.76 26.80
N ARG A 1202 -6.10 32.68 25.87
CA ARG A 1202 -7.41 32.74 25.24
C ARG A 1202 -7.52 31.86 24.01
N ASN A 1203 -6.44 31.69 23.26
CA ASN A 1203 -6.52 31.07 21.94
C ASN A 1203 -5.68 29.81 21.91
N PRO A 1204 -6.30 28.62 21.90
CA PRO A 1204 -5.52 27.39 21.79
C PRO A 1204 -4.65 27.33 20.54
N ASP A 1205 -4.98 28.09 19.50
CA ASP A 1205 -4.19 28.14 18.27
C ASP A 1205 -3.31 29.38 18.19
N ALA A 1206 -2.99 30.00 19.34
CA ALA A 1206 -2.11 31.16 19.36
C ALA A 1206 -0.87 30.91 18.54
N TYR A 1207 -0.28 29.73 18.69
CA TYR A 1207 0.80 29.27 17.82
C TYR A 1207 0.22 28.24 16.87
N CYS A 1208 0.33 28.49 15.59
CA CYS A 1208 -0.30 27.63 14.60
C CYS A 1208 0.64 26.49 14.24
N LEU A 1209 0.14 25.25 14.35
CA LEU A 1209 0.98 24.11 14.08
C LEU A 1209 1.32 23.95 12.61
N ASN A 1210 0.58 24.60 11.71
CA ASN A 1210 0.90 24.53 10.28
C ASN A 1210 2.34 24.94 10.02
N TRP A 1211 2.84 25.93 10.77
CA TRP A 1211 4.14 26.53 10.48
C TRP A 1211 5.25 25.92 11.30
N LEU A 1212 4.96 24.86 12.06
CA LEU A 1212 5.94 24.15 12.85
C LEU A 1212 6.28 22.78 12.28
N VAL A 1213 5.67 22.43 11.15
CA VAL A 1213 6.09 21.26 10.38
C VAL A 1213 6.74 21.75 9.10
N GLU A 1214 7.46 20.84 8.48
CA GLU A 1214 8.17 21.09 7.23
C GLU A 1214 7.57 20.17 6.18
N GLU A 1215 7.19 20.74 5.05
CA GLU A 1215 6.67 19.95 3.95
C GLU A 1215 7.82 19.40 3.12
N VAL A 1216 7.70 18.15 2.73
CA VAL A 1216 8.67 17.54 1.82
C VAL A 1216 7.90 16.89 0.68
N SER A 1217 8.30 17.20 -0.54
CA SER A 1217 7.74 16.61 -1.73
C SER A 1217 8.79 15.67 -2.30
N ALA A 1218 8.35 14.50 -2.73
CA ALA A 1218 9.25 13.55 -3.36
C ALA A 1218 8.62 13.04 -4.64
N SER A 1219 9.35 13.14 -5.74
CA SER A 1219 8.86 12.69 -7.03
C SER A 1219 9.75 11.55 -7.49
N ILE A 1220 9.15 10.38 -7.66
CA ILE A 1220 9.86 9.16 -8.00
C ILE A 1220 9.46 8.75 -9.40
N ASN A 1221 10.43 8.67 -10.29
CA ASN A 1221 10.18 8.16 -11.63
C ASN A 1221 10.10 6.64 -11.55
N THR A 1222 8.88 6.09 -11.65
CA THR A 1222 8.68 4.65 -11.53
C THR A 1222 8.76 3.95 -12.87
N ALA A 1223 9.01 4.70 -13.94
CA ALA A 1223 9.27 4.10 -15.24
C ALA A 1223 10.76 3.99 -15.55
N ALA A 1224 11.63 4.33 -14.58
CA ALA A 1224 13.06 4.45 -14.86
C ALA A 1224 13.69 3.11 -15.23
N ALA A 1225 13.13 2.00 -14.76
CA ALA A 1225 13.68 0.69 -15.09
C ALA A 1225 13.46 0.30 -16.54
N GLY A 1226 12.67 1.07 -17.29
CA GLY A 1226 12.43 0.81 -18.70
C GLY A 1226 10.97 0.61 -19.05
N GLY A 1227 10.08 0.52 -18.06
CA GLY A 1227 8.66 0.35 -18.34
C GLY A 1227 7.84 0.71 -17.13
N ASN A 1228 6.52 0.66 -17.32
CA ASN A 1228 5.54 1.04 -16.31
C ASN A 1228 4.80 -0.23 -15.87
N ALA A 1229 5.05 -0.65 -14.63
CA ALA A 1229 4.43 -1.87 -14.11
C ALA A 1229 2.92 -1.74 -14.06
N SER A 1230 2.41 -0.62 -13.53
CA SER A 1230 0.97 -0.45 -13.37
C SER A 1230 0.28 -0.47 -14.73
N LEU A 1231 0.91 0.10 -15.76
CA LEU A 1231 0.33 0.09 -17.10
C LEU A 1231 0.45 -1.25 -17.80
N MET A 1232 1.26 -2.18 -17.28
CA MET A 1232 1.27 -3.54 -17.82
C MET A 1232 -0.08 -4.22 -17.67
N ALA A 1233 -0.93 -3.76 -16.75
CA ALA A 1233 -2.26 -4.30 -16.54
C ALA A 1233 -3.35 -3.48 -17.23
N ILE A 1234 -2.97 -2.48 -18.04
CA ILE A 1234 -3.93 -1.63 -18.73
C ILE A 1234 -3.89 -2.00 -20.21
N GLY A 1235 -4.91 -2.74 -20.65
CA GLY A 1235 -5.05 -3.10 -22.04
C GLY A 1235 -6.49 -2.87 -22.46
N ALA B 16 -20.89 -42.06 38.25
CA ALA B 16 -20.40 -41.07 37.30
C ALA B 16 -20.91 -41.39 35.91
N PRO B 17 -21.34 -40.37 35.18
CA PRO B 17 -21.80 -40.60 33.80
C PRO B 17 -20.65 -41.09 32.92
N ALA B 18 -20.97 -42.02 32.03
CA ALA B 18 -19.96 -42.55 31.13
C ALA B 18 -19.42 -41.43 30.25
N PRO B 19 -18.13 -41.42 29.97
CA PRO B 19 -17.57 -40.33 29.16
C PRO B 19 -18.22 -40.25 27.78
N PHE B 20 -18.62 -39.03 27.42
CA PHE B 20 -19.17 -38.72 26.10
C PHE B 20 -20.51 -39.37 25.83
N ALA B 21 -21.17 -39.95 26.84
CA ALA B 21 -22.45 -40.60 26.62
C ALA B 21 -23.54 -39.61 26.21
N ASP B 22 -23.38 -38.33 26.53
CA ASP B 22 -24.35 -37.31 26.18
C ASP B 22 -23.67 -36.17 25.45
N PHE B 23 -22.71 -36.50 24.60
CA PHE B 23 -21.85 -35.46 24.03
C PHE B 23 -22.65 -34.46 23.21
N ALA B 24 -23.35 -34.94 22.19
CA ALA B 24 -24.10 -34.01 21.35
C ALA B 24 -25.26 -34.73 20.66
N PRO B 25 -26.20 -35.30 21.40
CA PRO B 25 -27.31 -35.99 20.77
C PRO B 25 -28.13 -35.02 19.93
N PRO B 26 -28.55 -35.43 18.74
CA PRO B 26 -29.36 -34.54 17.91
C PRO B 26 -30.72 -34.31 18.52
N VAL B 27 -31.35 -33.19 18.12
CA VAL B 27 -32.69 -32.87 18.59
C VAL B 27 -33.67 -33.99 18.22
N ARG B 28 -33.52 -34.55 17.02
CA ARG B 28 -34.40 -35.62 16.57
C ARG B 28 -33.59 -36.53 15.66
N PRO B 29 -34.05 -37.77 15.47
CA PRO B 29 -33.41 -38.61 14.45
C PRO B 29 -33.49 -37.94 13.10
N GLN B 30 -32.39 -38.01 12.36
CA GLN B 30 -32.28 -37.29 11.09
C GLN B 30 -32.94 -38.11 9.99
N SER B 31 -33.97 -37.53 9.37
CA SER B 31 -34.67 -38.18 8.28
C SER B 31 -33.77 -38.22 7.04
N THR B 32 -34.23 -38.98 6.03
CA THR B 32 -33.53 -39.00 4.75
C THR B 32 -33.36 -37.58 4.21
N LEU B 33 -34.44 -36.78 4.26
CA LEU B 33 -34.35 -35.42 3.75
C LEU B 33 -33.40 -34.57 4.59
N ARG B 34 -33.44 -34.71 5.91
CA ARG B 34 -32.50 -33.94 6.73
C ARG B 34 -31.07 -34.37 6.45
N ARG B 35 -30.84 -35.66 6.26
CA ARG B 35 -29.49 -36.13 5.98
C ARG B 35 -28.99 -35.61 4.64
N ALA B 36 -29.89 -35.45 3.67
CA ALA B 36 -29.45 -34.93 2.38
C ALA B 36 -29.03 -33.47 2.49
N ILE B 37 -29.67 -32.73 3.39
CA ILE B 37 -29.23 -31.36 3.68
C ILE B 37 -27.82 -31.39 4.24
N THR B 38 -27.60 -32.16 5.31
CA THR B 38 -26.31 -32.17 5.95
C THR B 38 -25.22 -32.61 5.00
N ALA B 39 -25.53 -33.59 4.13
CA ALA B 39 -24.55 -34.10 3.18
C ALA B 39 -24.04 -33.01 2.25
N ALA B 40 -24.83 -31.96 2.02
CA ALA B 40 -24.47 -30.92 1.08
C ALA B 40 -23.72 -29.77 1.71
N TYR B 41 -23.56 -29.78 3.04
CA TYR B 41 -23.15 -28.61 3.81
C TYR B 41 -21.92 -27.94 3.18
N ARG B 42 -20.88 -28.72 2.88
CA ARG B 42 -19.66 -28.17 2.33
C ARG B 42 -19.27 -28.86 1.03
N ARG B 43 -20.27 -29.26 0.26
CA ARG B 43 -20.03 -29.97 -0.99
C ARG B 43 -19.18 -29.13 -1.92
N PRO B 44 -18.21 -29.72 -2.61
CA PRO B 44 -17.40 -28.94 -3.55
C PRO B 44 -18.26 -28.17 -4.54
N GLU B 45 -17.82 -26.95 -4.84
CA GLU B 45 -18.58 -26.07 -5.72
C GLU B 45 -18.76 -26.71 -7.10
N THR B 46 -17.77 -27.47 -7.58
CA THR B 46 -17.92 -28.13 -8.87
C THR B 46 -18.94 -29.24 -8.85
N GLU B 47 -19.26 -29.79 -7.68
CA GLU B 47 -20.34 -30.76 -7.62
C GLU B 47 -21.69 -30.10 -7.47
N CYS B 48 -21.75 -28.94 -6.82
CA CYS B 48 -23.03 -28.28 -6.60
C CYS B 48 -23.60 -27.70 -7.88
N LEU B 49 -22.75 -27.16 -8.72
CA LEU B 49 -23.24 -26.33 -9.81
C LEU B 49 -23.96 -27.07 -10.94
N PRO B 50 -23.48 -28.22 -11.42
CA PRO B 50 -24.12 -28.86 -12.58
C PRO B 50 -25.60 -29.14 -12.36
N PRO B 51 -26.02 -29.71 -11.23
CA PRO B 51 -27.48 -29.89 -11.06
C PRO B 51 -28.24 -28.58 -10.98
N LEU B 52 -27.63 -27.52 -10.44
CA LEU B 52 -28.30 -26.23 -10.42
C LEU B 52 -28.44 -25.65 -11.82
N VAL B 53 -27.38 -25.73 -12.62
CA VAL B 53 -27.46 -25.30 -14.02
C VAL B 53 -28.60 -26.00 -14.73
N GLU B 54 -28.70 -27.33 -14.55
CA GLU B 54 -29.78 -28.08 -15.18
C GLU B 54 -31.15 -27.58 -14.73
N ALA B 55 -31.32 -27.41 -13.41
CA ALA B 55 -32.62 -26.97 -12.90
C ALA B 55 -32.95 -25.55 -13.31
N ALA B 56 -31.95 -24.70 -13.52
CA ALA B 56 -32.16 -23.31 -13.88
C ALA B 56 -32.30 -23.10 -15.38
N THR B 57 -32.18 -24.15 -16.17
CA THR B 57 -32.22 -24.01 -17.63
C THR B 57 -33.62 -23.62 -18.09
N GLN B 58 -33.67 -22.65 -19.01
CA GLN B 58 -34.92 -22.22 -19.63
C GLN B 58 -34.73 -22.20 -21.14
N SER B 59 -35.85 -22.29 -21.85
CA SER B 59 -35.84 -22.29 -23.31
C SER B 59 -35.29 -20.96 -23.84
N LYS B 60 -34.88 -20.97 -25.12
CA LYS B 60 -34.42 -19.74 -25.75
C LYS B 60 -35.52 -18.68 -25.75
N GLU B 61 -36.77 -19.11 -25.95
CA GLU B 61 -37.88 -18.15 -25.98
C GLU B 61 -38.01 -17.44 -24.64
N ILE B 62 -38.01 -18.21 -23.55
CA ILE B 62 -38.13 -17.61 -22.22
C ILE B 62 -36.90 -16.74 -21.92
N ARG B 63 -35.72 -17.21 -22.29
CA ARG B 63 -34.50 -16.46 -22.01
C ARG B 63 -34.48 -15.14 -22.77
N ASP B 64 -34.95 -15.13 -24.02
CA ASP B 64 -35.04 -13.88 -24.75
C ASP B 64 -36.09 -12.96 -24.12
N ALA B 65 -37.24 -13.52 -23.75
CA ALA B 65 -38.30 -12.71 -23.14
C ALA B 65 -37.85 -12.13 -21.81
N ALA B 66 -37.10 -12.91 -21.02
CA ALA B 66 -36.61 -12.40 -19.74
C ALA B 66 -35.52 -11.35 -19.94
N ALA B 67 -34.69 -11.51 -20.97
CA ALA B 67 -33.68 -10.49 -21.24
C ALA B 67 -34.32 -9.17 -21.63
N SER B 68 -35.40 -9.23 -22.41
CA SER B 68 -36.13 -8.01 -22.77
C SER B 68 -36.79 -7.38 -21.55
N THR B 69 -37.41 -8.20 -20.70
CA THR B 69 -38.04 -7.66 -19.49
C THR B 69 -37.02 -7.05 -18.55
N ALA B 70 -35.87 -7.73 -18.38
CA ALA B 70 -34.81 -7.16 -17.56
C ALA B 70 -34.32 -5.83 -18.13
N ARG B 71 -34.17 -5.75 -19.46
CA ARG B 71 -33.76 -4.50 -20.09
CA ARG B 71 -33.75 -4.49 -20.06
C ARG B 71 -34.77 -3.39 -19.81
N LYS B 72 -36.06 -3.69 -19.96
CA LYS B 72 -37.10 -2.70 -19.69
C LYS B 72 -37.04 -2.22 -18.25
N LEU B 73 -36.82 -3.13 -17.30
CA LEU B 73 -36.72 -2.71 -15.91
C LEU B 73 -35.50 -1.84 -15.67
N ILE B 74 -34.36 -2.21 -16.26
CA ILE B 74 -33.10 -1.52 -15.99
C ILE B 74 -33.09 -0.14 -16.62
N GLU B 75 -33.57 -0.04 -17.85
CA GLU B 75 -33.72 1.27 -18.48
C GLU B 75 -34.63 2.18 -17.65
N ALA B 76 -35.75 1.64 -17.18
CA ALA B 76 -36.61 2.38 -16.27
C ALA B 76 -35.87 2.80 -15.00
N LEU B 77 -35.08 1.90 -14.41
CA LEU B 77 -34.32 2.25 -13.23
C LEU B 77 -33.31 3.36 -13.53
N ARG B 78 -32.55 3.21 -14.62
CA ARG B 78 -31.52 4.19 -14.93
C ARG B 78 -32.09 5.50 -15.43
N GLY B 79 -33.35 5.51 -15.85
CA GLY B 79 -33.96 6.72 -16.34
C GLY B 79 -34.44 7.69 -15.28
N LYS B 80 -34.56 7.24 -14.03
CA LYS B 80 -35.16 8.07 -12.99
C LYS B 80 -34.24 8.30 -11.79
N GLY B 85 -30.18 11.78 -2.25
CA GLY B 85 -30.19 12.95 -1.39
C GLY B 85 -28.80 13.36 -0.93
N VAL B 86 -27.99 12.37 -0.55
CA VAL B 86 -26.65 12.67 -0.08
C VAL B 86 -25.79 13.21 -1.21
N GLU B 87 -25.95 12.67 -2.42
CA GLU B 87 -25.22 13.21 -3.57
C GLU B 87 -25.53 14.68 -3.80
N GLY B 88 -26.80 15.06 -3.69
CA GLY B 88 -27.17 16.46 -3.90
C GLY B 88 -26.59 17.37 -2.84
N LEU B 89 -26.54 16.88 -1.59
CA LEU B 89 -25.93 17.66 -0.52
C LEU B 89 -24.43 17.83 -0.74
N VAL B 90 -23.76 16.75 -1.12
CA VAL B 90 -22.32 16.81 -1.41
C VAL B 90 -22.05 17.77 -2.57
N GLN B 91 -22.91 17.72 -3.59
CA GLN B 91 -22.72 18.62 -4.73
C GLN B 91 -22.99 20.07 -4.36
N GLU B 92 -24.06 20.33 -3.61
CA GLU B 92 -24.43 21.70 -3.30
C GLU B 92 -23.36 22.40 -2.47
N TYR B 93 -22.77 21.70 -1.51
CA TYR B 93 -21.77 22.30 -0.64
C TYR B 93 -20.35 21.92 -1.02
N SER B 94 -20.16 21.29 -2.17
CA SER B 94 -18.84 20.92 -2.67
C SER B 94 -18.06 20.15 -1.60
N LEU B 95 -18.74 19.18 -0.99
CA LEU B 95 -18.12 18.41 0.07
C LEU B 95 -17.18 17.36 -0.51
N SER B 96 -16.05 17.18 0.16
CA SER B 96 -15.27 15.98 -0.08
C SER B 96 -15.99 14.80 0.56
N SER B 97 -15.52 13.59 0.24
CA SER B 97 -16.09 12.39 0.85
C SER B 97 -15.99 12.45 2.37
N GLN B 98 -14.80 12.79 2.88
CA GLN B 98 -14.61 12.83 4.32
C GLN B 98 -15.48 13.91 4.95
N GLU B 99 -15.68 15.02 4.25
CA GLU B 99 -16.57 16.05 4.77
C GLU B 99 -18.01 15.56 4.79
N GLY B 100 -18.43 14.84 3.76
CA GLY B 100 -19.77 14.26 3.77
C GLY B 100 -19.96 13.29 4.92
N VAL B 101 -18.96 12.44 5.17
CA VAL B 101 -19.05 11.50 6.29
C VAL B 101 -19.08 12.25 7.61
N ALA B 102 -18.16 13.20 7.77
CA ALA B 102 -18.10 13.95 9.02
C ALA B 102 -19.40 14.69 9.28
N LEU B 103 -19.99 15.25 8.23
CA LEU B 103 -21.24 15.98 8.38
C LEU B 103 -22.35 15.06 8.86
N MET B 104 -22.45 13.87 8.28
CA MET B 104 -23.50 12.95 8.68
C MET B 104 -23.29 12.49 10.12
N CYS B 105 -22.04 12.30 10.52
CA CYS B 105 -21.75 11.98 11.91
C CYS B 105 -22.22 13.10 12.83
N LEU B 106 -21.90 14.35 12.48
CA LEU B 106 -22.39 15.48 13.24
C LEU B 106 -23.92 15.49 13.27
N ALA B 107 -24.54 15.27 12.11
CA ALA B 107 -26.00 15.28 12.04
C ALA B 107 -26.58 14.18 12.92
N GLU B 108 -26.00 12.98 12.88
CA GLU B 108 -26.42 11.89 13.74
C GLU B 108 -26.37 12.29 15.21
N ALA B 109 -25.28 12.94 15.62
CA ALA B 109 -25.15 13.34 17.02
C ALA B 109 -26.19 14.41 17.38
N LEU B 110 -26.41 15.38 16.49
CA LEU B 110 -27.39 16.42 16.75
C LEU B 110 -28.81 15.86 16.83
N LEU B 111 -29.08 14.77 16.10
CA LEU B 111 -30.39 14.15 16.17
C LEU B 111 -30.60 13.35 17.45
N ARG B 112 -29.55 13.07 18.21
CA ARG B 112 -29.72 12.48 19.52
C ARG B 112 -30.25 13.49 20.53
N ILE B 113 -30.24 14.78 20.18
CA ILE B 113 -30.92 15.80 20.97
C ILE B 113 -32.39 15.75 20.55
N PRO B 114 -33.29 15.29 21.43
CA PRO B 114 -34.69 15.12 21.00
C PRO B 114 -35.45 16.42 20.84
N ASP B 115 -35.14 17.45 21.62
CA ASP B 115 -35.87 18.70 21.57
C ASP B 115 -35.37 19.53 20.39
N THR B 116 -36.27 19.79 19.43
CA THR B 116 -35.88 20.53 18.23
C THR B 116 -35.32 21.91 18.57
N ALA B 117 -35.89 22.57 19.58
CA ALA B 117 -35.44 23.91 19.92
C ALA B 117 -34.03 23.90 20.51
N THR B 118 -33.76 22.94 21.39
CA THR B 118 -32.43 22.85 21.99
C THR B 118 -31.39 22.51 20.91
N ARG B 119 -31.75 21.65 19.98
CA ARG B 119 -30.85 21.26 18.91
C ARG B 119 -30.56 22.45 18.00
N ASP B 120 -31.61 23.15 17.56
CA ASP B 120 -31.42 24.31 16.71
C ASP B 120 -30.64 25.41 17.42
N ALA B 121 -30.84 25.57 18.74
CA ALA B 121 -30.08 26.57 19.46
C ALA B 121 -28.60 26.19 19.52
N LEU B 122 -28.31 24.91 19.73
CA LEU B 122 -26.92 24.48 19.78
C LEU B 122 -26.23 24.67 18.43
N ILE B 123 -26.95 24.40 17.34
CA ILE B 123 -26.39 24.58 16.00
C ILE B 123 -26.03 26.05 15.77
N ARG B 124 -27.01 26.95 16.01
CA ARG B 124 -26.81 28.36 15.69
C ARG B 124 -25.84 29.04 16.65
N ASP B 125 -25.79 28.61 17.90
CA ASP B 125 -25.01 29.31 18.92
C ASP B 125 -23.66 28.67 19.23
N LYS B 126 -23.50 27.38 18.95
CA LYS B 126 -22.24 26.72 19.31
C LYS B 126 -21.60 25.96 18.17
N ILE B 127 -22.38 25.27 17.34
CA ILE B 127 -21.77 24.42 16.32
C ILE B 127 -21.34 25.23 15.10
N ALA B 128 -22.20 26.15 14.64
CA ALA B 128 -21.89 26.94 13.46
C ALA B 128 -20.69 27.85 13.67
N ASP B 129 -20.37 28.17 14.93
CA ASP B 129 -19.16 28.91 15.27
C ASP B 129 -17.94 28.00 15.41
N GLY B 130 -18.01 26.77 14.90
CA GLY B 130 -16.89 25.86 14.89
C GLY B 130 -16.58 25.18 16.21
N ASN B 131 -17.17 25.63 17.32
CA ASN B 131 -16.86 25.03 18.62
C ASN B 131 -17.56 23.69 18.78
N TRP B 132 -17.44 22.82 17.78
CA TRP B 132 -18.19 21.57 17.78
C TRP B 132 -17.55 20.51 18.66
N LYS B 133 -16.24 20.59 18.88
CA LYS B 133 -15.57 19.58 19.70
C LYS B 133 -16.10 19.59 21.13
N SER B 134 -16.12 20.78 21.75
CA SER B 134 -16.56 20.89 23.14
C SER B 134 -18.04 20.54 23.28
N HIS B 135 -18.89 21.18 22.48
CA HIS B 135 -20.34 21.06 22.68
C HIS B 135 -20.83 19.63 22.49
N LEU B 136 -20.18 18.85 21.63
CA LEU B 136 -20.61 17.47 21.40
C LEU B 136 -19.48 16.47 21.64
N ARG B 140 -17.65 10.51 24.09
CA ARG B 140 -17.76 9.63 22.93
C ARG B 140 -17.50 10.41 21.64
N SER B 141 -16.65 9.84 20.79
CA SER B 141 -16.31 10.48 19.54
C SER B 141 -17.57 10.75 18.72
N LEU B 142 -17.60 11.90 18.06
CA LEU B 142 -18.63 12.16 17.06
C LEU B 142 -18.61 11.12 15.97
N PHE B 143 -17.47 10.46 15.73
CA PHE B 143 -17.27 9.65 14.55
C PHE B 143 -17.37 8.16 14.83
N VAL B 144 -17.99 7.77 15.95
CA VAL B 144 -18.13 6.35 16.30
C VAL B 144 -18.74 5.54 15.17
N ASN B 145 -19.75 6.10 14.49
CA ASN B 145 -20.45 5.39 13.43
C ASN B 145 -20.03 5.84 12.05
N ALA B 146 -18.83 6.41 11.92
CA ALA B 146 -18.41 6.94 10.63
C ALA B 146 -18.21 5.86 9.58
N ALA B 147 -17.92 4.62 9.97
CA ALA B 147 -17.83 3.58 8.96
C ALA B 147 -19.17 3.38 8.27
N THR B 148 -20.25 3.49 9.04
CA THR B 148 -21.58 3.36 8.43
C THR B 148 -21.86 4.54 7.51
N TRP B 149 -21.56 5.76 7.96
CA TRP B 149 -21.77 6.91 7.09
C TRP B 149 -20.82 6.90 5.92
N GLY B 150 -19.61 6.35 6.10
CA GLY B 150 -18.71 6.18 4.97
C GLY B 150 -19.32 5.31 3.89
N LEU B 151 -19.98 4.23 4.30
CA LEU B 151 -20.69 3.40 3.33
CA LEU B 151 -20.69 3.40 3.33
C LEU B 151 -21.81 4.18 2.64
N VAL B 152 -22.54 4.99 3.41
CA VAL B 152 -23.62 5.78 2.84
C VAL B 152 -23.08 6.79 1.83
N VAL B 153 -21.96 7.44 2.17
CA VAL B 153 -21.48 8.56 1.36
C VAL B 153 -20.65 8.07 0.18
N THR B 154 -19.80 7.08 0.40
CA THR B 154 -18.82 6.67 -0.60
C THR B 154 -19.10 5.31 -1.20
N GLY B 155 -19.96 4.51 -0.58
CA GLY B 155 -20.17 3.15 -1.03
C GLY B 155 -19.09 2.18 -0.60
N LYS B 156 -18.11 2.63 0.18
CA LYS B 156 -17.01 1.79 0.60
C LYS B 156 -17.02 1.65 2.12
N LEU B 157 -16.63 0.47 2.60
CA LEU B 157 -16.63 0.17 4.03
C LEU B 157 -15.19 0.08 4.53
N THR B 158 -14.98 0.59 5.74
CA THR B 158 -13.76 0.33 6.49
C THR B 158 -14.14 -0.18 7.86
N SER B 159 -13.22 -0.91 8.50
CA SER B 159 -13.49 -1.42 9.84
C SER B 159 -13.28 -0.34 10.88
N THR B 160 -12.38 0.60 10.64
CA THR B 160 -12.08 1.66 11.57
C THR B 160 -12.03 2.99 10.82
N VAL B 161 -11.96 4.06 11.59
CA VAL B 161 -12.33 5.40 11.18
C VAL B 161 -11.11 6.29 11.37
N ASN B 162 -10.77 7.09 10.36
CA ASN B 162 -9.72 8.07 10.54
C ASN B 162 -10.33 9.30 11.18
N ASP B 163 -10.37 9.27 12.52
CA ASP B 163 -11.02 10.34 13.26
C ASP B 163 -10.28 11.67 13.17
N ARG B 164 -8.97 11.66 12.92
CA ARG B 164 -8.29 12.93 12.71
C ARG B 164 -8.66 13.54 11.37
N SER B 165 -8.77 12.70 10.34
CA SER B 165 -9.20 13.20 9.03
C SER B 165 -10.63 13.71 9.11
N LEU B 166 -11.48 13.00 9.86
CA LEU B 166 -12.88 13.43 9.97
C LEU B 166 -13.00 14.72 10.77
N ALA B 167 -12.23 14.83 11.86
CA ALA B 167 -12.26 16.07 12.64
C ALA B 167 -11.80 17.25 11.79
N ALA B 168 -10.74 17.07 11.02
CA ALA B 168 -10.27 18.11 10.12
C ALA B 168 -11.35 18.45 9.10
N ALA B 169 -11.99 17.42 8.53
CA ALA B 169 -13.01 17.66 7.51
C ALA B 169 -14.22 18.38 8.10
N LEU B 170 -14.60 18.05 9.33
CA LEU B 170 -15.77 18.72 9.92
C LEU B 170 -15.45 20.17 10.23
N THR B 171 -14.28 20.45 10.78
CA THR B 171 -13.86 21.82 10.99
C THR B 171 -13.83 22.59 9.67
N ARG B 172 -13.30 21.96 8.63
CA ARG B 172 -13.20 22.63 7.35
C ARG B 172 -14.57 22.96 6.79
N LEU B 173 -15.49 22.00 6.81
CA LEU B 173 -16.78 22.24 6.20
C LEU B 173 -17.59 23.27 6.99
N ILE B 174 -17.52 23.22 8.32
CA ILE B 174 -18.27 24.21 9.10
C ILE B 174 -17.69 25.60 8.91
N SER B 175 -16.37 25.71 8.94
CA SER B 175 -15.75 27.02 8.77
C SER B 175 -15.98 27.56 7.36
N ARG B 176 -16.18 26.68 6.39
CA ARG B 176 -16.42 27.11 5.02
C ARG B 176 -17.88 27.43 4.76
N CYS B 177 -18.80 26.60 5.29
CA CYS B 177 -20.20 26.70 4.92
C CYS B 177 -21.14 27.05 6.06
N GLY B 178 -20.70 26.91 7.32
CA GLY B 178 -21.49 27.49 8.39
C GLY B 178 -22.79 26.75 8.66
N GLU B 179 -23.71 27.46 9.30
CA GLU B 179 -24.98 26.84 9.69
C GLU B 179 -25.76 26.22 8.53
N PRO B 180 -25.82 26.82 7.34
CA PRO B 180 -26.63 26.18 6.27
C PRO B 180 -26.24 24.74 5.96
N VAL B 181 -24.96 24.40 5.98
CA VAL B 181 -24.62 23.01 5.68
C VAL B 181 -25.00 22.09 6.84
N ILE B 182 -24.88 22.58 8.08
CA ILE B 182 -25.29 21.79 9.23
C ILE B 182 -26.78 21.51 9.17
N ARG B 183 -27.58 22.54 8.88
CA ARG B 183 -29.02 22.37 8.75
C ARG B 183 -29.37 21.35 7.68
N ARG B 184 -28.75 21.46 6.50
CA ARG B 184 -28.99 20.49 5.45
C ARG B 184 -28.60 19.08 5.87
N GLY B 185 -27.45 18.94 6.55
CA GLY B 185 -27.03 17.63 7.01
C GLY B 185 -27.99 17.03 8.02
N VAL B 186 -28.46 17.84 8.97
CA VAL B 186 -29.40 17.36 9.97
C VAL B 186 -30.69 16.88 9.31
N ASP B 187 -31.25 17.73 8.43
CA ASP B 187 -32.49 17.34 7.76
C ASP B 187 -32.29 16.11 6.90
N MET B 188 -31.11 15.97 6.29
CA MET B 188 -30.83 14.80 5.47
C MET B 188 -30.74 13.55 6.31
N ALA B 189 -30.03 13.61 7.44
CA ALA B 189 -29.91 12.43 8.29
C ALA B 189 -31.25 12.07 8.92
N MET B 190 -32.04 13.09 9.27
CA MET B 190 -33.38 12.83 9.83
C MET B 190 -34.23 12.04 8.84
N ARG B 191 -34.23 12.46 7.57
CA ARG B 191 -35.01 11.75 6.55
C ARG B 191 -34.45 10.35 6.32
N MET B 192 -33.13 10.23 6.20
CA MET B 192 -32.56 8.91 5.95
C MET B 192 -32.83 7.96 7.10
N MET B 193 -32.57 8.40 8.32
CA MET B 193 -32.72 7.52 9.48
CA MET B 193 -32.71 7.50 9.46
C MET B 193 -34.16 7.33 9.89
N GLY B 194 -35.06 8.23 9.48
CA GLY B 194 -36.44 8.13 9.90
C GLY B 194 -37.38 7.60 8.84
N GLU B 195 -36.97 7.65 7.58
CA GLU B 195 -37.89 7.35 6.48
C GLU B 195 -37.33 6.39 5.45
N GLN B 196 -36.00 6.33 5.31
CA GLN B 196 -35.37 5.48 4.31
C GLN B 196 -34.79 4.20 4.90
N PHE B 197 -33.94 4.32 5.92
CA PHE B 197 -33.38 3.13 6.56
C PHE B 197 -34.44 2.35 7.32
N VAL B 198 -35.48 3.03 7.79
CA VAL B 198 -36.61 2.37 8.43
C VAL B 198 -37.88 2.90 7.79
N THR B 199 -38.92 2.06 7.85
CA THR B 199 -40.24 2.52 7.43
C THR B 199 -40.82 3.47 8.46
N GLY B 200 -40.52 3.25 9.73
CA GLY B 200 -40.94 4.16 10.77
C GLY B 200 -40.15 3.88 12.02
N GLU B 201 -40.19 4.85 12.94
CA GLU B 201 -39.49 4.65 14.21
C GLU B 201 -40.25 3.71 15.12
N THR B 202 -41.57 3.69 15.03
CA THR B 202 -42.43 2.80 15.81
C THR B 202 -43.32 2.03 14.85
N ILE B 203 -43.89 0.93 15.34
CA ILE B 203 -44.80 0.14 14.51
C ILE B 203 -46.00 0.97 14.09
N ARG B 204 -46.46 1.85 14.97
CA ARG B 204 -47.59 2.73 14.65
C ARG B 204 -47.26 3.59 13.43
N GLU B 205 -46.08 4.22 13.45
CA GLU B 205 -45.69 5.07 12.33
C GLU B 205 -45.49 4.24 11.07
N ALA B 206 -44.84 3.07 11.21
CA ALA B 206 -44.58 2.25 10.03
C ALA B 206 -45.88 1.78 9.39
N LEU B 207 -46.84 1.35 10.20
CA LEU B 207 -48.14 0.95 9.68
C LEU B 207 -48.83 2.11 8.97
N LYS B 208 -48.78 3.31 9.55
CA LYS B 208 -49.41 4.46 8.91
C LYS B 208 -48.78 4.75 7.56
N ARG B 209 -47.45 4.66 7.47
CA ARG B 209 -46.75 4.95 6.23
C ARG B 209 -46.89 3.83 5.21
N SER B 210 -47.41 2.68 5.60
CA SER B 210 -47.53 1.56 4.69
C SER B 210 -48.76 1.65 3.81
N LYS B 211 -49.75 2.46 4.17
CA LYS B 211 -51.01 2.49 3.44
C LYS B 211 -50.80 2.89 1.99
N GLU B 212 -49.88 3.84 1.75
CA GLU B 212 -49.70 4.37 0.40
C GLU B 212 -49.34 3.28 -0.60
N LEU B 213 -48.32 2.49 -0.29
CA LEU B 213 -47.92 1.43 -1.22
C LEU B 213 -48.85 0.22 -1.16
N GLU B 214 -49.49 -0.04 -0.01
CA GLU B 214 -50.48 -1.10 0.04
C GLU B 214 -51.62 -0.84 -0.93
N GLU B 215 -52.07 0.41 -1.04
CA GLU B 215 -53.14 0.75 -1.97
C GLU B 215 -52.71 0.51 -3.43
N LYS B 216 -51.41 0.52 -3.70
CA LYS B 216 -50.90 0.22 -5.05
C LYS B 216 -50.73 -1.28 -5.29
N GLY B 217 -50.86 -2.12 -4.27
CA GLY B 217 -50.70 -3.55 -4.42
C GLY B 217 -49.49 -4.14 -3.75
N PHE B 218 -48.69 -3.33 -3.06
CA PHE B 218 -47.62 -3.88 -2.25
C PHE B 218 -48.19 -4.43 -0.95
N SER B 219 -47.42 -5.29 -0.30
CA SER B 219 -47.68 -5.74 1.05
C SER B 219 -46.42 -5.51 1.87
N TYR B 220 -46.48 -5.85 3.15
CA TYR B 220 -45.40 -5.53 4.07
C TYR B 220 -45.08 -6.71 4.97
N SER B 221 -43.81 -6.79 5.35
CA SER B 221 -43.35 -7.64 6.43
C SER B 221 -42.46 -6.79 7.32
N TYR B 222 -42.84 -6.64 8.59
CA TYR B 222 -42.15 -5.73 9.48
C TYR B 222 -41.04 -6.42 10.24
N ASP B 223 -39.90 -5.73 10.33
CA ASP B 223 -38.71 -6.20 11.02
C ASP B 223 -38.47 -5.24 12.18
N MET B 224 -38.71 -5.71 13.41
CA MET B 224 -38.52 -4.86 14.58
C MET B 224 -37.06 -4.72 14.99
N LEU B 225 -36.13 -5.18 14.16
CA LEU B 225 -34.70 -4.93 14.28
C LEU B 225 -34.02 -5.72 15.41
N GLY B 226 -34.71 -6.67 16.02
CA GLY B 226 -34.07 -7.49 17.06
C GLY B 226 -33.14 -8.52 16.43
N GLU B 227 -31.98 -8.70 17.05
CA GLU B 227 -31.01 -9.64 16.52
C GLU B 227 -29.97 -9.94 17.59
N ALA B 228 -29.50 -11.19 17.61
CA ALA B 228 -28.34 -11.59 18.40
C ALA B 228 -28.42 -11.08 19.84
N ALA B 229 -29.44 -11.60 20.55
CA ALA B 229 -29.50 -11.37 21.98
C ALA B 229 -28.20 -11.81 22.63
N THR B 230 -27.67 -10.95 23.51
CA THR B 230 -26.48 -11.25 24.28
C THR B 230 -26.81 -11.73 25.69
N THR B 231 -27.92 -11.26 26.23
CA THR B 231 -28.33 -11.58 27.59
C THR B 231 -29.77 -12.05 27.57
N ALA B 232 -30.17 -12.69 28.67
CA ALA B 232 -31.56 -13.06 28.86
C ALA B 232 -32.48 -11.85 28.75
N ALA B 233 -32.07 -10.72 29.33
CA ALA B 233 -32.89 -9.52 29.26
C ALA B 233 -33.07 -9.06 27.82
N ASP B 234 -32.02 -9.18 27.00
CA ASP B 234 -32.15 -8.83 25.59
C ASP B 234 -33.21 -9.67 24.93
N ALA B 235 -33.13 -10.99 25.12
CA ALA B 235 -34.05 -11.91 24.46
C ALA B 235 -35.47 -11.69 24.95
N GLU B 236 -35.65 -11.45 26.24
CA GLU B 236 -36.99 -11.18 26.75
C GLU B 236 -37.55 -9.90 26.17
N ARG B 237 -36.72 -8.86 26.04
CA ARG B 237 -37.20 -7.62 25.46
C ARG B 237 -37.57 -7.82 24.01
N TYR B 238 -36.73 -8.51 23.24
CA TYR B 238 -37.04 -8.73 21.83
C TYR B 238 -38.32 -9.52 21.68
N TYR B 239 -38.52 -10.52 22.55
CA TYR B 239 -39.76 -11.28 22.55
C TYR B 239 -40.95 -10.37 22.77
N ARG B 240 -40.90 -9.55 23.82
CA ARG B 240 -42.03 -8.67 24.12
C ARG B 240 -42.23 -7.66 23.01
N ASP B 241 -41.15 -7.20 22.37
CA ASP B 241 -41.27 -6.27 21.25
C ASP B 241 -41.93 -6.93 20.05
N TYR B 242 -41.59 -8.18 19.76
CA TYR B 242 -42.29 -8.89 18.69
C TYR B 242 -43.75 -9.10 19.03
N GLU B 243 -44.02 -9.46 20.28
CA GLU B 243 -45.40 -9.69 20.70
C GLU B 243 -46.23 -8.44 20.52
N SER B 244 -45.71 -7.29 20.98
CA SER B 244 -46.40 -6.02 20.83
CA SER B 244 -46.42 -6.03 20.83
C SER B 244 -46.61 -5.69 19.36
N ALA B 245 -45.59 -5.91 18.54
CA ALA B 245 -45.71 -5.62 17.13
C ALA B 245 -46.74 -6.52 16.47
N ILE B 246 -46.79 -7.80 16.84
CA ILE B 246 -47.80 -8.69 16.25
C ILE B 246 -49.19 -8.19 16.53
N HIS B 247 -49.46 -7.75 17.76
CA HIS B 247 -50.77 -7.18 18.06
C HIS B 247 -51.07 -5.99 17.16
N ALA B 248 -50.08 -5.11 16.96
CA ALA B 248 -50.32 -3.93 16.16
C ALA B 248 -50.51 -4.30 14.69
N ILE B 249 -49.63 -5.15 14.16
CA ILE B 249 -49.72 -5.58 12.78
C ILE B 249 -51.00 -6.38 12.55
N GLY B 250 -51.33 -7.28 13.49
CA GLY B 250 -52.53 -8.08 13.34
C GLY B 250 -53.79 -7.25 13.34
N LYS B 251 -53.86 -6.27 14.24
CA LYS B 251 -55.02 -5.40 14.24
C LYS B 251 -55.11 -4.59 12.96
N ALA B 252 -53.96 -4.09 12.48
CA ALA B 252 -53.94 -3.34 11.23
C ALA B 252 -54.31 -4.21 10.03
N SER B 253 -53.86 -5.47 10.04
CA SER B 253 -54.22 -6.38 8.96
C SER B 253 -55.74 -6.46 8.80
N ALA B 254 -56.46 -6.52 9.91
CA ALA B 254 -57.92 -6.43 9.92
C ALA B 254 -58.56 -7.51 9.04
N GLY B 255 -58.00 -8.71 9.07
CA GLY B 255 -58.55 -9.81 8.31
C GLY B 255 -58.17 -9.84 6.85
N ARG B 256 -57.19 -9.06 6.41
CA ARG B 256 -56.77 -9.12 5.02
C ARG B 256 -56.10 -10.44 4.66
N GLY B 257 -55.69 -11.23 5.65
CA GLY B 257 -55.07 -12.51 5.38
C GLY B 257 -53.58 -12.37 5.15
N ILE B 258 -52.95 -13.53 4.92
CA ILE B 258 -51.49 -13.57 4.90
C ILE B 258 -50.88 -13.06 3.60
N TYR B 259 -51.66 -12.96 2.52
CA TYR B 259 -51.11 -12.53 1.23
C TYR B 259 -51.26 -11.04 1.01
N GLU B 260 -52.49 -10.52 1.12
CA GLU B 260 -52.69 -9.09 0.98
C GLU B 260 -52.20 -8.34 2.21
N GLY B 261 -52.40 -8.92 3.38
CA GLY B 261 -52.16 -8.22 4.62
C GLY B 261 -50.73 -8.34 5.07
N PRO B 262 -50.36 -7.50 6.04
CA PRO B 262 -48.97 -7.45 6.49
C PRO B 262 -48.61 -8.64 7.35
N GLY B 263 -47.31 -8.90 7.43
CA GLY B 263 -46.79 -9.90 8.32
C GLY B 263 -45.63 -9.36 9.12
N ILE B 264 -44.97 -10.24 9.85
CA ILE B 264 -43.81 -9.88 10.66
C ILE B 264 -42.70 -10.85 10.33
N SER B 265 -41.46 -10.39 10.47
CA SER B 265 -40.28 -11.22 10.32
C SER B 265 -39.53 -11.20 11.65
N ILE B 266 -39.05 -12.36 12.08
CA ILE B 266 -38.32 -12.46 13.33
C ILE B 266 -36.99 -13.14 13.06
N LYS B 267 -36.05 -12.93 13.98
CA LYS B 267 -34.78 -13.65 13.97
C LYS B 267 -34.72 -14.50 15.22
N LEU B 268 -34.49 -15.80 15.04
CA LEU B 268 -34.38 -16.67 16.21
C LEU B 268 -33.26 -16.23 17.13
N SER B 269 -32.18 -15.66 16.60
CA SER B 269 -31.10 -15.23 17.48
C SER B 269 -31.52 -14.09 18.40
N ALA B 270 -32.58 -13.37 18.06
CA ALA B 270 -33.09 -12.35 18.95
C ALA B 270 -33.77 -12.95 20.17
N LEU B 271 -34.20 -14.20 20.09
CA LEU B 271 -35.08 -14.76 21.10
C LEU B 271 -34.37 -15.62 22.13
N HIS B 272 -33.06 -15.79 21.98
CA HIS B 272 -32.34 -16.56 22.98
C HIS B 272 -30.88 -16.18 22.92
N PRO B 273 -30.20 -15.99 24.05
CA PRO B 273 -28.79 -15.60 24.01
C PRO B 273 -27.84 -16.71 23.61
N ARG B 274 -28.30 -17.95 23.57
CA ARG B 274 -27.47 -19.09 23.20
C ARG B 274 -28.11 -19.88 22.07
N TYR B 275 -28.47 -19.16 21.01
CA TYR B 275 -29.07 -19.80 19.83
C TYR B 275 -27.95 -20.44 19.01
N SER B 276 -27.69 -21.72 19.29
CA SER B 276 -26.59 -22.41 18.62
C SER B 276 -26.81 -23.90 18.76
N ARG B 277 -26.21 -24.65 17.82
CA ARG B 277 -26.29 -26.10 17.89
C ARG B 277 -25.68 -26.62 19.18
N ALA B 278 -24.64 -25.96 19.69
CA ALA B 278 -24.03 -26.42 20.94
C ALA B 278 -25.01 -26.38 22.09
N GLN B 279 -26.03 -25.52 22.01
CA GLN B 279 -27.02 -25.37 23.06
C GLN B 279 -28.40 -25.80 22.57
N ALA B 280 -28.44 -26.80 21.69
CA ALA B 280 -29.68 -27.17 21.06
C ALA B 280 -30.76 -27.51 22.08
N ALA B 281 -30.40 -28.14 23.19
CA ALA B 281 -31.41 -28.48 24.19
C ALA B 281 -32.06 -27.23 24.75
N ARG B 282 -31.27 -26.21 25.07
CA ARG B 282 -31.84 -24.95 25.55
C ARG B 282 -32.63 -24.26 24.47
N VAL B 283 -32.21 -24.39 23.22
CA VAL B 283 -32.97 -23.80 22.12
C VAL B 283 -34.35 -24.43 22.04
N MET B 284 -34.42 -25.76 22.05
CA MET B 284 -35.71 -26.41 21.98
C MET B 284 -36.54 -26.19 23.23
N GLY B 285 -35.88 -26.09 24.39
CA GLY B 285 -36.62 -25.96 25.63
C GLY B 285 -37.07 -24.56 25.94
N GLU B 286 -36.32 -23.55 25.48
CA GLU B 286 -36.54 -22.16 25.87
C GLU B 286 -36.86 -21.24 24.72
N LEU B 287 -36.18 -21.39 23.59
CA LEU B 287 -36.44 -20.55 22.43
C LEU B 287 -37.73 -20.98 21.73
N LEU B 288 -37.88 -22.28 21.48
CA LEU B 288 -39.05 -22.77 20.75
C LEU B 288 -40.37 -22.35 21.36
N PRO B 289 -40.61 -22.48 22.68
CA PRO B 289 -41.88 -21.98 23.23
C PRO B 289 -42.13 -20.51 22.93
N ARG B 290 -41.08 -19.69 22.86
CA ARG B 290 -41.28 -18.28 22.53
C ARG B 290 -41.75 -18.12 21.10
N VAL B 291 -41.13 -18.85 20.16
CA VAL B 291 -41.58 -18.77 18.79
C VAL B 291 -43.00 -19.28 18.66
N LYS B 292 -43.31 -20.37 19.36
CA LYS B 292 -44.67 -20.90 19.28
C LYS B 292 -45.67 -19.86 19.76
N ALA B 293 -45.34 -19.15 20.84
CA ALA B 293 -46.26 -18.14 21.36
C ALA B 293 -46.48 -17.02 20.35
N LEU B 294 -45.41 -16.57 19.70
CA LEU B 294 -45.55 -15.54 18.68
C LEU B 294 -46.32 -16.08 17.48
N ALA B 295 -46.05 -17.32 17.08
CA ALA B 295 -46.76 -17.89 15.94
C ALA B 295 -48.24 -18.03 16.24
N LEU B 296 -48.58 -18.41 17.47
CA LEU B 296 -49.98 -18.51 17.85
C LEU B 296 -50.67 -17.15 17.77
N LEU B 297 -49.99 -16.10 18.19
CA LEU B 297 -50.56 -14.76 18.04
C LEU B 297 -50.75 -14.43 16.58
N ALA B 298 -49.72 -14.69 15.75
CA ALA B 298 -49.84 -14.41 14.32
C ALA B 298 -50.98 -15.20 13.70
N LYS B 299 -51.11 -16.48 14.08
CA LYS B 299 -52.23 -17.28 13.60
C LYS B 299 -53.57 -16.67 14.00
N ASN B 300 -53.67 -16.21 15.25
CA ASN B 300 -54.95 -15.67 15.70
C ASN B 300 -55.37 -14.43 14.91
N TYR B 301 -54.40 -13.65 14.44
CA TYR B 301 -54.69 -12.51 13.58
C TYR B 301 -54.65 -12.86 12.10
N ASP B 302 -54.30 -14.11 11.76
CA ASP B 302 -54.10 -14.55 10.38
C ASP B 302 -53.15 -13.63 9.62
N ILE B 303 -51.95 -13.43 10.19
CA ILE B 303 -50.87 -12.74 9.52
C ILE B 303 -49.74 -13.72 9.32
N GLY B 304 -48.81 -13.35 8.44
CA GLY B 304 -47.62 -14.15 8.24
C GLY B 304 -46.59 -13.85 9.32
N LEU B 305 -45.89 -14.91 9.74
CA LEU B 305 -44.75 -14.78 10.65
C LEU B 305 -43.60 -15.52 10.00
N ASN B 306 -42.55 -14.78 9.65
CA ASN B 306 -41.43 -15.31 8.89
C ASN B 306 -40.20 -15.42 9.77
N ILE B 307 -39.51 -16.55 9.67
CA ILE B 307 -38.26 -16.76 10.37
C ILE B 307 -37.14 -16.42 9.39
N ASP B 308 -36.44 -15.32 9.67
CA ASP B 308 -35.31 -14.93 8.84
C ASP B 308 -34.20 -15.94 8.98
N ALA B 309 -33.38 -16.03 7.94
CA ALA B 309 -32.27 -16.97 7.93
C ALA B 309 -30.99 -16.23 8.32
N GLU B 310 -30.17 -16.88 9.14
CA GLU B 310 -29.00 -16.21 9.69
C GLU B 310 -27.74 -16.94 9.24
N GLU B 311 -26.80 -17.17 10.15
CA GLU B 311 -25.53 -17.78 9.76
C GLU B 311 -25.74 -19.24 9.34
N ALA B 312 -24.78 -19.74 8.56
CA ALA B 312 -24.91 -21.08 8.02
C ALA B 312 -24.99 -22.13 9.12
N ASP B 313 -24.32 -21.90 10.26
CA ASP B 313 -24.36 -22.89 11.33
C ASP B 313 -25.64 -22.86 12.14
N ARG B 314 -26.60 -22.02 11.77
CA ARG B 314 -27.91 -22.01 12.39
C ARG B 314 -29.00 -22.55 11.50
N LEU B 315 -28.68 -22.86 10.23
CA LEU B 315 -29.69 -23.28 9.28
C LEU B 315 -30.40 -24.54 9.77
N GLU B 316 -29.65 -25.62 9.98
CA GLU B 316 -30.31 -26.88 10.29
C GLU B 316 -30.97 -26.86 11.65
N LEU B 317 -30.35 -26.18 12.62
CA LEU B 317 -31.01 -25.99 13.92
C LEU B 317 -32.39 -25.35 13.74
N SER B 318 -32.49 -24.31 12.90
CA SER B 318 -33.78 -23.66 12.70
C SER B 318 -34.83 -24.62 12.13
N LEU B 319 -34.40 -25.62 11.35
CA LEU B 319 -35.36 -26.57 10.79
C LEU B 319 -36.02 -27.41 11.87
N ASP B 320 -35.32 -27.66 12.97
CA ASP B 320 -35.95 -28.40 14.05
C ASP B 320 -37.08 -27.62 14.69
N LEU B 321 -36.97 -26.28 14.72
CA LEU B 321 -38.08 -25.48 15.20
C LEU B 321 -39.20 -25.45 14.17
N LEU B 322 -38.85 -25.29 12.90
CA LEU B 322 -39.87 -25.25 11.86
C LEU B 322 -40.68 -26.53 11.88
N GLU B 323 -40.00 -27.68 12.06
CA GLU B 323 -40.69 -28.96 12.10
C GLU B 323 -41.74 -28.99 13.20
N VAL B 324 -41.35 -28.58 14.42
CA VAL B 324 -42.29 -28.62 15.55
C VAL B 324 -43.47 -27.70 15.29
N LEU B 325 -43.20 -26.49 14.79
CA LEU B 325 -44.28 -25.53 14.58
C LEU B 325 -45.27 -26.04 13.55
N CYS B 326 -44.79 -26.67 12.47
CA CYS B 326 -45.69 -27.15 11.44
C CYS B 326 -46.54 -28.33 11.89
N LEU B 327 -46.08 -29.07 12.91
CA LEU B 327 -46.82 -30.20 13.46
C LEU B 327 -47.62 -29.85 14.69
N ASP B 328 -47.59 -28.58 15.12
CA ASP B 328 -48.28 -28.16 16.33
C ASP B 328 -49.74 -27.88 16.00
N GLY B 329 -50.65 -28.70 16.53
CA GLY B 329 -52.06 -28.53 16.25
C GLY B 329 -52.65 -27.21 16.69
N ASP B 330 -52.01 -26.52 17.63
CA ASP B 330 -52.47 -25.18 18.00
C ASP B 330 -52.40 -24.22 16.82
N LEU B 331 -51.58 -24.51 15.82
CA LEU B 331 -51.45 -23.66 14.64
C LEU B 331 -52.23 -24.23 13.46
N SER B 332 -53.18 -25.11 13.73
CA SER B 332 -53.92 -25.83 12.69
C SER B 332 -54.47 -24.88 11.62
N GLY B 333 -54.21 -25.22 10.36
CA GLY B 333 -54.77 -24.51 9.23
C GLY B 333 -54.15 -23.16 8.93
N TRP B 334 -53.15 -22.74 9.70
CA TRP B 334 -52.51 -21.45 9.47
C TRP B 334 -51.44 -21.60 8.40
N ASN B 335 -51.58 -20.86 7.31
CA ASN B 335 -50.63 -20.93 6.21
C ASN B 335 -49.63 -19.78 6.26
N GLY B 336 -49.55 -19.09 7.38
CA GLY B 336 -48.68 -17.95 7.50
C GLY B 336 -47.30 -18.22 8.05
N MET B 337 -46.92 -19.47 8.31
CA MET B 337 -45.57 -19.73 8.76
C MET B 337 -44.62 -19.49 7.60
N GLY B 338 -43.65 -18.60 7.82
CA GLY B 338 -42.70 -18.23 6.80
C GLY B 338 -41.29 -18.65 7.18
N PHE B 339 -40.49 -18.99 6.18
CA PHE B 339 -39.15 -19.48 6.45
C PHE B 339 -38.27 -19.06 5.29
N VAL B 340 -37.14 -18.44 5.60
CA VAL B 340 -36.19 -17.97 4.60
C VAL B 340 -35.23 -19.10 4.27
N VAL B 341 -34.92 -19.25 3.00
CA VAL B 341 -33.83 -20.12 2.54
C VAL B 341 -32.88 -19.29 1.69
N GLN B 342 -31.58 -19.47 1.92
CA GLN B 342 -30.54 -18.66 1.31
C GLN B 342 -29.93 -19.40 0.13
N ALA B 343 -30.15 -18.87 -1.07
CA ALA B 343 -29.66 -19.52 -2.27
C ALA B 343 -28.15 -19.44 -2.41
N TYR B 344 -27.47 -18.57 -1.65
CA TYR B 344 -26.02 -18.64 -1.68
C TYR B 344 -25.48 -19.85 -0.94
N GLY B 345 -26.36 -20.61 -0.27
CA GLY B 345 -25.93 -21.76 0.50
C GLY B 345 -26.05 -23.03 -0.33
N LYS B 346 -25.07 -23.91 -0.15
CA LYS B 346 -25.01 -25.15 -0.90
C LYS B 346 -26.15 -26.10 -0.55
N ARG B 347 -26.74 -25.95 0.63
CA ARG B 347 -27.82 -26.83 1.03
C ARG B 347 -29.18 -26.39 0.51
N CYS B 348 -29.25 -25.22 -0.12
CA CYS B 348 -30.54 -24.60 -0.43
C CYS B 348 -31.54 -25.53 -1.10
N PRO B 349 -31.23 -26.20 -2.22
CA PRO B 349 -32.25 -27.05 -2.84
C PRO B 349 -32.68 -28.20 -1.94
N PHE B 350 -31.77 -28.73 -1.13
CA PHE B 350 -32.10 -29.82 -0.22
C PHE B 350 -32.96 -29.32 0.95
N VAL B 351 -32.71 -28.10 1.40
CA VAL B 351 -33.59 -27.50 2.41
C VAL B 351 -34.98 -27.30 1.83
N LEU B 352 -35.07 -26.82 0.58
CA LEU B 352 -36.36 -26.67 -0.05
C LEU B 352 -37.09 -28.01 -0.15
N ASP B 353 -36.37 -29.07 -0.53
CA ASP B 353 -36.99 -30.39 -0.59
C ASP B 353 -37.55 -30.77 0.77
N PHE B 354 -36.79 -30.49 1.84
CA PHE B 354 -37.26 -30.78 3.19
C PHE B 354 -38.51 -29.97 3.51
N ILE B 355 -38.52 -28.68 3.15
CA ILE B 355 -39.65 -27.83 3.49
C ILE B 355 -40.88 -28.21 2.69
N ILE B 356 -40.71 -28.50 1.40
CA ILE B 356 -41.83 -28.91 0.58
C ILE B 356 -42.45 -30.19 1.12
N ASP B 357 -41.61 -31.15 1.53
CA ASP B 357 -42.13 -32.38 2.10
C ASP B 357 -42.83 -32.11 3.42
N LEU B 358 -42.23 -31.26 4.27
CA LEU B 358 -42.87 -30.94 5.54
C LEU B 358 -44.23 -30.29 5.32
N ALA B 359 -44.33 -29.37 4.35
CA ALA B 359 -45.60 -28.75 4.05
C ALA B 359 -46.62 -29.79 3.64
N ARG B 360 -46.21 -30.73 2.79
CA ARG B 360 -47.13 -31.76 2.30
CA ARG B 360 -47.14 -31.76 2.30
C ARG B 360 -47.63 -32.64 3.42
N ARG B 361 -46.72 -33.11 4.29
CA ARG B 361 -47.15 -34.04 5.30
C ARG B 361 -47.86 -33.38 6.48
N SER B 362 -47.66 -32.07 6.66
CA SER B 362 -48.26 -31.36 7.79
C SER B 362 -49.56 -30.65 7.43
N GLY B 363 -49.90 -30.57 6.16
CA GLY B 363 -51.12 -29.83 5.82
C GLY B 363 -50.99 -28.35 6.06
N ARG B 364 -49.81 -27.78 5.85
CA ARG B 364 -49.56 -26.36 6.01
C ARG B 364 -48.96 -25.86 4.71
N ARG B 365 -49.50 -24.80 4.16
CA ARG B 365 -48.73 -24.10 3.15
C ARG B 365 -47.70 -23.27 3.89
N ILE B 366 -46.44 -23.44 3.53
CA ILE B 366 -45.36 -22.71 4.16
C ILE B 366 -44.92 -21.61 3.21
N MET B 367 -44.80 -20.39 3.74
CA MET B 367 -44.31 -19.28 2.93
C MET B 367 -42.80 -19.36 2.92
N VAL B 368 -42.21 -19.47 1.74
CA VAL B 368 -40.77 -19.67 1.64
C VAL B 368 -40.17 -18.45 0.97
N ARG B 369 -39.39 -17.68 1.71
CA ARG B 369 -38.73 -16.53 1.13
C ARG B 369 -37.38 -17.01 0.62
N LEU B 370 -37.21 -16.95 -0.69
CA LEU B 370 -35.92 -17.27 -1.28
C LEU B 370 -35.11 -16.00 -1.37
N VAL B 371 -33.96 -15.98 -0.73
CA VAL B 371 -33.02 -14.87 -0.77
C VAL B 371 -31.71 -15.40 -1.29
N LYS B 372 -30.82 -14.48 -1.64
CA LYS B 372 -29.46 -14.94 -1.91
C LYS B 372 -28.71 -15.17 -0.60
N GLY B 373 -28.51 -14.13 0.21
CA GLY B 373 -27.97 -14.35 1.54
C GLY B 373 -27.15 -13.17 2.01
N ALA B 374 -27.22 -12.87 3.31
CA ALA B 374 -26.70 -11.61 3.83
C ALA B 374 -25.37 -11.72 4.55
N TYR B 375 -24.83 -12.93 4.71
CA TYR B 375 -23.66 -13.11 5.56
C TYR B 375 -22.44 -13.58 4.78
N TRP B 376 -22.35 -13.26 3.49
CA TRP B 376 -21.37 -13.93 2.64
C TRP B 376 -19.94 -13.76 3.14
N ASP B 377 -19.51 -12.50 3.34
CA ASP B 377 -18.14 -12.26 3.77
C ASP B 377 -17.83 -12.99 5.05
N ALA B 378 -18.78 -12.98 5.99
CA ALA B 378 -18.55 -13.61 7.28
C ALA B 378 -18.46 -15.12 7.14
N GLU B 379 -19.20 -15.69 6.19
CA GLU B 379 -19.14 -17.13 6.02
C GLU B 379 -17.80 -17.54 5.45
N ILE B 380 -17.24 -16.74 4.53
CA ILE B 380 -15.91 -17.04 4.00
C ILE B 380 -14.89 -17.00 5.13
N LYS B 381 -14.91 -15.93 5.91
CA LYS B 381 -13.95 -15.78 6.99
C LYS B 381 -14.07 -16.93 7.97
N ARG B 382 -15.31 -17.28 8.36
CA ARG B 382 -15.48 -18.27 9.41
C ARG B 382 -14.96 -19.63 8.95
N ALA B 383 -15.25 -20.02 7.72
CA ALA B 383 -14.80 -21.31 7.27
C ALA B 383 -13.28 -21.36 7.19
N GLN B 384 -12.66 -20.24 6.78
CA GLN B 384 -11.22 -20.19 6.76
C GLN B 384 -10.64 -20.27 8.16
N LEU B 385 -11.19 -19.49 9.10
CA LEU B 385 -10.69 -19.54 10.47
C LEU B 385 -10.79 -20.94 11.04
N ASP B 386 -11.88 -21.65 10.72
CA ASP B 386 -12.15 -22.95 11.33
C ASP B 386 -11.50 -24.09 10.58
N GLY B 387 -10.82 -23.82 9.47
CA GLY B 387 -10.11 -24.87 8.75
C GLY B 387 -11.04 -25.95 8.23
N LEU B 388 -12.24 -25.56 7.80
CA LEU B 388 -13.20 -26.58 7.40
C LEU B 388 -13.00 -26.97 5.95
N ALA B 389 -13.69 -28.03 5.55
CA ALA B 389 -13.38 -28.68 4.28
C ALA B 389 -13.65 -27.75 3.10
N ASP B 390 -14.69 -26.93 3.20
CA ASP B 390 -15.07 -26.04 2.12
C ASP B 390 -15.96 -24.98 2.75
N PHE B 391 -16.44 -24.10 1.93
CA PHE B 391 -17.39 -23.11 2.40
C PHE B 391 -18.80 -23.67 2.36
N PRO B 392 -19.69 -23.15 3.20
CA PRO B 392 -21.10 -23.53 3.13
C PRO B 392 -21.90 -22.64 2.18
N VAL B 393 -21.20 -21.72 1.52
CA VAL B 393 -21.78 -20.84 0.53
C VAL B 393 -20.93 -20.92 -0.73
N PHE B 394 -21.50 -20.45 -1.83
CA PHE B 394 -20.75 -20.32 -3.07
C PHE B 394 -19.73 -19.20 -2.95
N THR B 395 -18.72 -19.27 -3.81
CA THR B 395 -17.65 -18.27 -3.81
C THR B 395 -17.64 -17.39 -5.04
N ARG B 396 -18.40 -17.73 -6.09
CA ARG B 396 -18.60 -16.85 -7.23
C ARG B 396 -20.03 -16.35 -7.17
N LYS B 397 -20.19 -15.04 -7.33
CA LYS B 397 -21.52 -14.46 -7.23
C LYS B 397 -22.46 -15.07 -8.27
N ILE B 398 -21.95 -15.36 -9.47
CA ILE B 398 -22.78 -15.95 -10.51
C ILE B 398 -23.31 -17.32 -10.09
N HIS B 399 -22.58 -18.02 -9.20
CA HIS B 399 -23.08 -19.31 -8.72
C HIS B 399 -24.30 -19.13 -7.83
N THR B 400 -24.26 -18.13 -6.96
CA THR B 400 -25.44 -17.83 -6.16
C THR B 400 -26.62 -17.47 -7.06
N ASP B 401 -26.36 -16.73 -8.13
CA ASP B 401 -27.43 -16.35 -9.05
C ASP B 401 -28.04 -17.59 -9.72
N VAL B 402 -27.20 -18.51 -10.17
CA VAL B 402 -27.71 -19.75 -10.75
C VAL B 402 -28.45 -20.56 -9.71
N SER B 403 -27.90 -20.64 -8.50
CA SER B 403 -28.57 -21.36 -7.43
C SER B 403 -29.95 -20.78 -7.15
N TYR B 404 -30.04 -19.44 -7.15
CA TYR B 404 -31.33 -18.80 -6.91
C TYR B 404 -32.34 -19.18 -7.97
N ILE B 405 -31.94 -19.12 -9.24
CA ILE B 405 -32.86 -19.45 -10.32
C ILE B 405 -33.26 -20.91 -10.28
N ALA B 406 -32.30 -21.80 -9.99
CA ALA B 406 -32.61 -23.22 -9.87
C ALA B 406 -33.57 -23.48 -8.72
N CYS B 407 -33.37 -22.77 -7.60
CA CYS B 407 -34.28 -22.94 -6.47
C CYS B 407 -35.64 -22.32 -6.76
N ALA B 408 -35.66 -21.23 -7.53
CA ALA B 408 -36.94 -20.66 -7.94
C ALA B 408 -37.71 -21.65 -8.81
N ALA B 409 -37.00 -22.37 -9.69
CA ALA B 409 -37.66 -23.37 -10.51
C ALA B 409 -38.32 -24.42 -9.63
N LYS B 410 -37.63 -24.86 -8.58
CA LYS B 410 -38.19 -25.86 -7.69
C LYS B 410 -39.39 -25.29 -6.93
N LEU B 411 -39.25 -24.05 -6.46
CA LEU B 411 -40.37 -23.41 -5.77
C LEU B 411 -41.56 -23.21 -6.69
N LEU B 412 -41.31 -22.74 -7.93
CA LEU B 412 -42.43 -22.48 -8.84
C LEU B 412 -43.15 -23.75 -9.24
N ALA B 413 -42.46 -24.89 -9.23
CA ALA B 413 -43.13 -26.15 -9.48
C ALA B 413 -43.89 -26.66 -8.27
N ALA B 414 -43.79 -25.97 -7.14
CA ALA B 414 -44.43 -26.41 -5.91
C ALA B 414 -45.38 -25.36 -5.33
N THR B 415 -45.90 -24.45 -6.15
CA THR B 415 -46.76 -23.38 -5.61
C THR B 415 -48.06 -23.94 -5.04
N ASP B 416 -48.43 -25.17 -5.41
CA ASP B 416 -49.56 -25.81 -4.76
C ASP B 416 -49.26 -26.21 -3.33
N VAL B 417 -47.99 -26.19 -2.92
CA VAL B 417 -47.59 -26.75 -1.64
C VAL B 417 -46.95 -25.70 -0.74
N VAL B 418 -46.23 -24.76 -1.34
CA VAL B 418 -45.59 -23.68 -0.61
C VAL B 418 -45.91 -22.38 -1.33
N PHE B 419 -45.68 -21.28 -0.62
CA PHE B 419 -45.91 -19.95 -1.19
C PHE B 419 -44.55 -19.31 -1.44
N PRO B 420 -44.05 -19.31 -2.66
CA PRO B 420 -42.71 -18.78 -2.90
C PRO B 420 -42.71 -17.26 -2.86
N GLN B 421 -41.70 -16.71 -2.21
CA GLN B 421 -41.55 -15.27 -2.04
C GLN B 421 -40.14 -14.95 -2.53
N PHE B 422 -40.02 -14.32 -3.68
CA PHE B 422 -38.72 -14.14 -4.31
C PHE B 422 -38.16 -12.77 -3.94
N ALA B 423 -37.31 -12.76 -2.92
CA ALA B 423 -36.68 -11.54 -2.43
C ALA B 423 -35.44 -11.28 -3.26
N THR B 424 -35.46 -10.21 -4.05
CA THR B 424 -34.29 -9.83 -4.81
C THR B 424 -34.46 -8.41 -5.31
N HIS B 425 -33.35 -7.68 -5.40
CA HIS B 425 -33.36 -6.37 -6.04
C HIS B 425 -32.75 -6.41 -7.43
N ASN B 426 -32.42 -7.61 -7.90
CA ASN B 426 -31.73 -7.79 -9.18
C ASN B 426 -32.79 -7.95 -10.26
N ALA B 427 -32.83 -6.99 -11.20
CA ALA B 427 -33.81 -7.01 -12.27
C ALA B 427 -33.63 -8.21 -13.19
N GLN B 428 -32.39 -8.68 -13.36
CA GLN B 428 -32.19 -9.87 -14.18
C GLN B 428 -32.75 -11.10 -13.49
N THR B 429 -32.49 -11.25 -12.19
CA THR B 429 -33.06 -12.36 -11.44
C THR B 429 -34.58 -12.31 -11.49
N LEU B 430 -35.15 -11.14 -11.23
CA LEU B 430 -36.60 -10.98 -11.25
C LEU B 430 -37.18 -11.34 -12.60
N ALA B 431 -36.58 -10.81 -13.68
CA ALA B 431 -37.11 -11.08 -15.02
C ALA B 431 -37.08 -12.57 -15.32
N ALA B 432 -36.03 -13.26 -14.89
CA ALA B 432 -35.93 -14.70 -15.13
C ALA B 432 -37.07 -15.44 -14.45
N ILE B 433 -37.33 -15.11 -13.19
CA ILE B 433 -38.40 -15.78 -12.45
C ILE B 433 -39.77 -15.37 -12.98
N TYR B 434 -39.93 -14.09 -13.32
CA TYR B 434 -41.19 -13.63 -13.86
C TYR B 434 -41.61 -14.44 -15.07
N HIS B 435 -40.66 -14.73 -15.96
CA HIS B 435 -41.00 -15.51 -17.14
C HIS B 435 -41.02 -17.01 -16.85
N MET B 436 -40.15 -17.48 -15.95
CA MET B 436 -40.17 -18.88 -15.58
C MET B 436 -41.53 -19.29 -15.01
N ALA B 437 -42.20 -18.37 -14.31
CA ALA B 437 -43.48 -18.67 -13.67
C ALA B 437 -44.63 -18.80 -14.67
N GLY B 438 -44.43 -18.37 -15.91
CA GLY B 438 -45.44 -18.54 -16.93
C GLY B 438 -46.52 -17.46 -16.89
N LYS B 439 -47.45 -17.59 -17.84
CA LYS B 439 -48.48 -16.58 -18.02
C LYS B 439 -49.54 -16.60 -16.94
N ASP B 440 -49.73 -17.74 -16.26
CA ASP B 440 -50.82 -17.88 -15.30
C ASP B 440 -50.38 -17.30 -13.96
N PHE B 441 -51.14 -16.34 -13.44
CA PHE B 441 -50.81 -15.76 -12.15
C PHE B 441 -52.07 -15.34 -11.40
N HIS B 442 -52.01 -15.50 -10.09
CA HIS B 442 -53.02 -14.97 -9.19
C HIS B 442 -52.34 -14.65 -7.87
N VAL B 443 -52.88 -13.65 -7.17
CA VAL B 443 -52.35 -13.35 -5.84
C VAL B 443 -52.50 -14.58 -4.97
N GLY B 444 -51.44 -14.94 -4.27
CA GLY B 444 -51.38 -16.17 -3.53
C GLY B 444 -50.57 -17.26 -4.19
N LYS B 445 -50.27 -17.13 -5.48
CA LYS B 445 -49.43 -18.12 -6.15
C LYS B 445 -47.98 -17.97 -5.72
N TYR B 446 -47.43 -16.77 -5.88
CA TYR B 446 -46.11 -16.41 -5.40
C TYR B 446 -46.07 -14.90 -5.33
N GLU B 447 -45.03 -14.36 -4.72
CA GLU B 447 -44.84 -12.92 -4.73
C GLU B 447 -43.35 -12.64 -4.85
N PHE B 448 -43.04 -11.40 -5.14
CA PHE B 448 -41.70 -10.89 -4.97
C PHE B 448 -41.60 -10.20 -3.61
N GLN B 449 -40.37 -9.94 -3.19
CA GLN B 449 -40.14 -9.17 -1.99
C GLN B 449 -38.94 -8.26 -2.21
N CYS B 450 -38.93 -7.15 -1.48
CA CYS B 450 -37.82 -6.22 -1.55
C CYS B 450 -37.67 -5.54 -0.21
N LEU B 451 -36.60 -4.78 -0.08
CA LEU B 451 -36.30 -4.04 1.14
C LEU B 451 -36.88 -2.64 1.01
N HIS B 452 -37.50 -2.16 2.09
CA HIS B 452 -37.96 -0.78 2.15
C HIS B 452 -36.82 0.17 1.81
N GLY B 453 -37.12 1.19 1.02
CA GLY B 453 -36.15 2.23 0.74
C GLY B 453 -34.97 1.77 -0.07
N MET B 454 -35.07 0.63 -0.73
CA MET B 454 -34.04 0.13 -1.64
C MET B 454 -34.73 -0.45 -2.86
N GLY B 455 -35.77 -1.24 -2.63
CA GLY B 455 -36.41 -1.97 -3.70
C GLY B 455 -37.55 -1.28 -4.41
N GLU B 456 -38.06 -0.17 -3.87
CA GLU B 456 -39.20 0.50 -4.49
C GLU B 456 -38.96 0.90 -5.95
N PRO B 457 -37.83 1.50 -6.32
CA PRO B 457 -37.64 1.87 -7.73
C PRO B 457 -37.81 0.70 -8.69
N LEU B 458 -37.33 -0.47 -8.32
CA LEU B 458 -37.52 -1.65 -9.17
C LEU B 458 -38.96 -2.10 -9.15
N TYR B 459 -39.53 -2.24 -7.96
CA TYR B 459 -40.84 -2.87 -7.87
C TYR B 459 -41.98 -1.94 -8.23
N GLU B 460 -41.75 -0.64 -8.29
CA GLU B 460 -42.77 0.22 -8.88
C GLU B 460 -42.88 -0.01 -10.38
N GLU B 461 -41.90 -0.69 -10.98
CA GLU B 461 -41.98 -1.16 -12.37
C GLU B 461 -42.54 -2.56 -12.47
N VAL B 462 -43.01 -3.14 -11.35
CA VAL B 462 -43.47 -4.51 -11.29
C VAL B 462 -44.90 -4.59 -10.78
N VAL B 463 -45.18 -3.97 -9.64
CA VAL B 463 -46.52 -4.01 -9.06
C VAL B 463 -47.47 -3.15 -9.88
N GLY B 464 -48.67 -3.67 -10.12
CA GLY B 464 -49.71 -2.89 -10.78
C GLY B 464 -50.12 -3.45 -12.12
N ARG B 465 -51.40 -3.27 -12.47
CA ARG B 465 -51.89 -3.76 -13.76
C ARG B 465 -51.11 -3.14 -14.92
N GLY B 466 -50.67 -1.89 -14.77
CA GLY B 466 -49.89 -1.20 -15.78
C GLY B 466 -48.44 -1.59 -15.86
N LYS B 467 -47.98 -2.47 -14.96
CA LYS B 467 -46.62 -2.95 -14.98
C LYS B 467 -46.59 -4.45 -15.27
N LEU B 468 -45.96 -5.24 -14.41
CA LEU B 468 -45.98 -6.69 -14.58
C LEU B 468 -47.12 -7.35 -13.83
N ASP B 469 -47.89 -6.59 -13.06
CA ASP B 469 -49.03 -7.13 -12.31
C ASP B 469 -48.61 -8.27 -11.39
N ARG B 470 -47.50 -8.06 -10.70
CA ARG B 470 -46.99 -9.00 -9.72
C ARG B 470 -46.82 -8.30 -8.38
N PRO B 471 -47.25 -8.92 -7.29
CA PRO B 471 -47.17 -8.27 -5.99
C PRO B 471 -45.75 -8.32 -5.46
N CYS B 472 -45.47 -7.40 -4.54
CA CYS B 472 -44.19 -7.34 -3.87
C CYS B 472 -44.44 -7.03 -2.41
N ARG B 473 -43.85 -7.82 -1.53
CA ARG B 473 -43.89 -7.57 -0.10
C ARG B 473 -42.64 -6.82 0.32
N ILE B 474 -42.84 -5.69 0.99
CA ILE B 474 -41.74 -4.84 1.41
C ILE B 474 -41.32 -5.26 2.81
N TYR B 475 -40.05 -5.63 2.95
CA TYR B 475 -39.44 -5.90 4.25
C TYR B 475 -39.15 -4.53 4.87
N ALA B 476 -39.83 -4.23 5.97
CA ALA B 476 -39.90 -2.87 6.48
C ALA B 476 -39.26 -2.82 7.86
N PRO B 477 -38.03 -2.34 7.98
CA PRO B 477 -37.41 -2.18 9.29
C PRO B 477 -38.17 -1.13 10.09
N VAL B 478 -38.27 -1.38 11.39
CA VAL B 478 -38.97 -0.48 12.30
C VAL B 478 -38.09 -0.34 13.52
N GLY B 479 -37.70 0.88 13.84
CA GLY B 479 -36.93 1.09 15.04
C GLY B 479 -36.24 2.44 15.04
N THR B 480 -35.52 2.67 16.14
CA THR B 480 -34.89 3.93 16.45
C THR B 480 -33.57 4.07 15.69
N HIS B 481 -32.96 5.24 15.82
CA HIS B 481 -31.67 5.49 15.17
C HIS B 481 -30.62 4.51 15.66
N GLU B 482 -30.56 4.30 16.98
CA GLU B 482 -29.55 3.40 17.53
C GLU B 482 -29.74 1.97 17.02
N THR B 483 -30.99 1.50 16.97
CA THR B 483 -31.24 0.13 16.54
C THR B 483 -30.87 -0.08 15.09
N LEU B 484 -31.23 0.86 14.21
CA LEU B 484 -30.98 0.66 12.78
C LEU B 484 -29.50 0.75 12.45
N LEU B 485 -28.76 1.61 13.15
CA LEU B 485 -27.34 1.75 12.89
C LEU B 485 -26.56 0.49 13.23
N ALA B 486 -27.10 -0.36 14.11
CA ALA B 486 -26.36 -1.50 14.63
C ALA B 486 -26.05 -2.56 13.58
N TYR B 487 -26.86 -2.65 12.51
CA TYR B 487 -26.56 -3.60 11.45
C TYR B 487 -26.79 -2.99 10.07
N LEU B 488 -26.73 -1.67 9.95
CA LEU B 488 -26.87 -1.05 8.63
C LEU B 488 -25.72 -1.42 7.72
N VAL B 489 -24.53 -1.67 8.30
CA VAL B 489 -23.38 -2.08 7.49
C VAL B 489 -23.74 -3.28 6.62
N ARG B 490 -24.24 -4.34 7.26
CA ARG B 490 -24.57 -5.56 6.53
C ARG B 490 -25.68 -5.32 5.52
N ARG B 491 -26.67 -4.49 5.89
CA ARG B 491 -27.80 -4.24 4.99
C ARG B 491 -27.34 -3.49 3.74
N LEU B 492 -26.44 -2.53 3.90
CA LEU B 492 -25.98 -1.72 2.77
C LEU B 492 -25.05 -2.52 1.86
N LEU B 493 -24.21 -3.38 2.45
CA LEU B 493 -23.32 -4.21 1.64
C LEU B 493 -24.09 -5.12 0.70
N GLU B 494 -25.35 -5.43 1.01
CA GLU B 494 -26.18 -6.26 0.15
C GLU B 494 -26.53 -5.51 -1.13
N GLY B 496 -24.56 -2.79 -1.92
CA GLY B 496 -23.63 -1.73 -2.24
C GLY B 496 -22.22 -2.20 -2.56
N ALA B 497 -22.01 -3.52 -2.50
CA ALA B 497 -20.73 -4.10 -2.89
C ALA B 497 -20.58 -4.08 -4.41
N ASN B 498 -19.32 -4.10 -4.87
CA ASN B 498 -19.04 -3.95 -6.30
C ASN B 498 -19.80 -4.95 -7.15
N SER B 499 -19.96 -6.17 -6.64
CA SER B 499 -20.69 -7.21 -7.36
C SER B 499 -22.20 -7.09 -7.22
N SER B 500 -22.68 -6.22 -6.33
CA SER B 500 -24.11 -6.12 -6.09
C SER B 500 -24.82 -5.41 -7.23
N PHE B 501 -26.02 -5.91 -7.57
CA PHE B 501 -26.83 -5.24 -8.58
C PHE B 501 -27.11 -3.79 -8.19
N VAL B 502 -27.29 -3.52 -6.89
CA VAL B 502 -27.63 -2.17 -6.46
C VAL B 502 -26.47 -1.20 -6.59
N HIS B 503 -25.23 -1.68 -6.57
CA HIS B 503 -24.11 -0.83 -6.90
C HIS B 503 -23.90 -0.75 -8.41
N ARG B 504 -24.07 -1.87 -9.11
CA ARG B 504 -23.81 -1.92 -10.54
C ARG B 504 -24.82 -1.10 -11.32
N ILE B 505 -26.07 -1.02 -10.85
CA ILE B 505 -27.09 -0.25 -11.55
C ILE B 505 -26.70 1.22 -11.63
N ASN B 506 -25.96 1.72 -10.65
CA ASN B 506 -25.54 3.11 -10.60
C ASN B 506 -24.13 3.32 -11.13
N ASP B 507 -23.51 2.29 -11.70
CA ASP B 507 -22.19 2.43 -12.28
C ASP B 507 -22.35 2.61 -13.79
N PRO B 508 -22.00 3.77 -14.35
CA PRO B 508 -22.16 3.95 -15.80
C PRO B 508 -21.20 3.11 -16.63
N LYS B 509 -20.15 2.57 -16.02
CA LYS B 509 -19.23 1.69 -16.74
C LYS B 509 -19.89 0.34 -17.03
N VAL B 510 -20.85 -0.08 -16.22
CA VAL B 510 -21.57 -1.33 -16.43
C VAL B 510 -22.74 -1.06 -17.35
N SER B 511 -22.77 -1.76 -18.48
CA SER B 511 -23.83 -1.56 -19.46
C SER B 511 -25.05 -2.40 -19.11
N ILE B 512 -26.15 -2.14 -19.80
CA ILE B 512 -27.37 -2.92 -19.60
C ILE B 512 -27.18 -4.34 -20.12
N ASP B 513 -26.44 -4.49 -21.21
CA ASP B 513 -26.13 -5.83 -21.72
C ASP B 513 -25.45 -6.66 -20.64
N GLU B 514 -24.47 -6.07 -19.94
CA GLU B 514 -23.83 -6.78 -18.84
C GLU B 514 -24.83 -7.14 -17.75
N LEU B 515 -25.72 -6.20 -17.40
CA LEU B 515 -26.65 -6.43 -16.31
C LEU B 515 -27.68 -7.49 -16.65
N ILE B 516 -28.01 -7.65 -17.93
CA ILE B 516 -28.99 -8.65 -18.36
C ILE B 516 -28.35 -9.96 -18.75
N ALA B 517 -27.03 -10.09 -18.63
CA ALA B 517 -26.37 -11.36 -18.87
C ALA B 517 -27.03 -12.46 -18.05
N ASP B 518 -27.24 -13.61 -18.69
CA ASP B 518 -27.89 -14.74 -18.04
C ASP B 518 -26.84 -15.52 -17.26
N PRO B 519 -26.91 -15.53 -15.93
CA PRO B 519 -25.90 -16.27 -15.17
C PRO B 519 -25.87 -17.75 -15.51
N VAL B 520 -27.03 -18.33 -15.84
CA VAL B 520 -27.10 -19.76 -16.12
C VAL B 520 -26.26 -20.11 -17.34
N GLU B 521 -26.42 -19.35 -18.42
CA GLU B 521 -25.67 -19.65 -19.62
C GLU B 521 -24.19 -19.29 -19.47
N VAL B 522 -23.88 -18.25 -18.71
CA VAL B 522 -22.48 -17.92 -18.47
C VAL B 522 -21.79 -19.04 -17.68
N VAL B 523 -22.45 -19.55 -16.64
CA VAL B 523 -21.88 -20.67 -15.89
C VAL B 523 -21.78 -21.91 -16.76
N ARG B 524 -22.78 -22.14 -17.61
CA ARG B 524 -22.77 -23.35 -18.43
C ARG B 524 -21.53 -23.40 -19.32
N ALA B 525 -21.08 -22.25 -19.79
CA ALA B 525 -20.01 -22.18 -20.78
C ALA B 525 -18.62 -22.06 -20.17
N MET B 526 -18.51 -22.02 -18.85
CA MET B 526 -17.21 -21.97 -18.21
CA MET B 526 -17.21 -21.96 -18.21
C MET B 526 -16.46 -23.28 -18.46
N PRO B 527 -15.12 -23.22 -18.52
CA PRO B 527 -14.37 -24.46 -18.82
C PRO B 527 -14.54 -25.53 -17.76
N VAL B 528 -14.63 -25.13 -16.50
CA VAL B 528 -14.92 -26.03 -15.39
C VAL B 528 -16.15 -25.48 -14.69
N VAL B 529 -17.30 -26.09 -14.93
CA VAL B 529 -18.53 -25.60 -14.32
C VAL B 529 -18.40 -25.64 -12.80
N GLY B 530 -18.67 -24.51 -12.16
CA GLY B 530 -18.70 -24.45 -10.72
C GLY B 530 -17.36 -24.33 -10.04
N ALA B 531 -16.30 -23.96 -10.76
CA ALA B 531 -15.01 -23.79 -10.13
C ALA B 531 -15.07 -22.69 -9.08
N LYS B 532 -14.37 -22.92 -7.98
CA LYS B 532 -14.26 -21.93 -6.91
C LYS B 532 -13.70 -20.64 -7.48
N HIS B 533 -14.02 -19.52 -6.82
CA HIS B 533 -13.40 -18.25 -7.15
C HIS B 533 -11.89 -18.40 -7.11
N ASP B 534 -11.21 -17.87 -8.13
CA ASP B 534 -9.76 -17.97 -8.22
C ASP B 534 -9.07 -17.26 -7.08
N ARG B 535 -9.71 -16.25 -6.49
CA ARG B 535 -9.03 -15.39 -5.52
C ARG B 535 -9.51 -15.61 -4.09
N ILE B 536 -10.25 -16.68 -3.83
CA ILE B 536 -10.68 -17.04 -2.49
C ILE B 536 -10.09 -18.40 -2.18
N ALA B 537 -9.26 -18.46 -1.15
CA ALA B 537 -8.60 -19.71 -0.81
C ALA B 537 -9.55 -20.63 -0.04
N LEU B 538 -9.57 -21.89 -0.43
CA LEU B 538 -10.15 -22.88 0.47
C LEU B 538 -9.40 -22.80 1.79
N PRO B 539 -10.07 -23.15 2.90
CA PRO B 539 -9.39 -23.10 4.19
C PRO B 539 -8.08 -23.87 4.19
N ALA B 540 -8.05 -25.03 3.53
CA ALA B 540 -6.82 -25.82 3.50
C ALA B 540 -5.70 -25.10 2.79
N GLU B 541 -6.02 -24.13 1.93
CA GLU B 541 -5.05 -23.53 1.03
C GLU B 541 -4.68 -22.10 1.42
N LEU B 542 -4.95 -21.70 2.67
CA LEU B 542 -4.65 -20.34 3.11
C LEU B 542 -3.20 -19.96 2.91
N PHE B 543 -2.28 -20.94 2.99
CA PHE B 543 -0.86 -20.67 2.91
C PHE B 543 -0.29 -21.04 1.56
N GLY B 544 -1.17 -21.39 0.62
CA GLY B 544 -0.72 -21.67 -0.73
C GLY B 544 0.29 -22.80 -0.74
N ASP B 545 1.38 -22.59 -1.50
CA ASP B 545 2.36 -23.64 -1.70
C ASP B 545 3.24 -23.89 -0.49
N ALA B 546 3.23 -22.99 0.50
CA ALA B 546 4.13 -23.14 1.64
C ALA B 546 3.79 -24.40 2.44
N ARG B 547 2.51 -24.61 2.72
CA ARG B 547 2.11 -25.73 3.57
C ARG B 547 0.60 -25.82 3.55
N THR B 548 0.10 -26.97 3.95
CA THR B 548 -1.33 -27.19 4.04
C THR B 548 -1.81 -26.78 5.41
N ASN B 549 -2.87 -25.97 5.45
CA ASN B 549 -3.44 -25.53 6.70
C ASN B 549 -4.03 -26.73 7.44
N SER B 550 -3.91 -26.73 8.77
CA SER B 550 -4.59 -27.76 9.53
C SER B 550 -6.10 -27.65 9.31
N ALA B 551 -6.78 -28.77 9.40
CA ALA B 551 -8.22 -28.81 9.27
C ALA B 551 -8.87 -29.01 10.62
N GLY B 552 -9.99 -28.34 10.84
CA GLY B 552 -10.81 -28.54 12.01
C GLY B 552 -11.94 -29.51 11.77
N LEU B 553 -12.95 -29.41 12.62
CA LEU B 553 -14.13 -30.25 12.54
C LEU B 553 -15.32 -29.34 12.76
N ASP B 554 -16.38 -29.56 12.00
CA ASP B 554 -17.56 -28.70 12.04
C ASP B 554 -18.51 -29.25 13.09
N LEU B 555 -18.56 -28.61 14.26
CA LEU B 555 -19.42 -29.06 15.34
C LEU B 555 -20.86 -28.64 15.15
N SER B 556 -21.22 -28.07 14.00
CA SER B 556 -22.60 -27.87 13.63
C SER B 556 -23.10 -28.90 12.64
N ASN B 557 -22.24 -29.81 12.19
CA ASN B 557 -22.60 -30.81 11.19
C ASN B 557 -23.01 -32.08 11.92
N GLU B 558 -24.25 -32.54 11.70
CA GLU B 558 -24.72 -33.70 12.44
C GLU B 558 -23.95 -34.96 12.11
N GLU B 559 -23.49 -35.12 10.86
CA GLU B 559 -22.65 -36.28 10.54
C GLU B 559 -21.37 -36.22 11.37
N THR B 560 -20.75 -35.04 11.43
CA THR B 560 -19.52 -34.90 12.19
C THR B 560 -19.77 -35.18 13.66
N LEU B 561 -20.86 -34.64 14.20
CA LEU B 561 -21.15 -34.85 15.62
C LEU B 561 -21.39 -36.32 15.91
N ALA B 562 -22.06 -37.03 15.01
CA ALA B 562 -22.32 -38.45 15.22
C ALA B 562 -21.05 -39.26 15.15
N SER B 563 -20.18 -38.97 14.18
CA SER B 563 -18.94 -39.73 14.09
C SER B 563 -17.99 -39.35 15.20
N LEU B 564 -17.97 -38.06 15.57
CA LEU B 564 -17.12 -37.65 16.66
C LEU B 564 -17.57 -38.28 17.96
N THR B 565 -18.87 -38.30 18.21
CA THR B 565 -19.39 -38.95 19.41
C THR B 565 -18.83 -40.37 19.54
N GLU B 566 -18.86 -41.14 18.45
CA GLU B 566 -18.38 -42.51 18.52
C GLU B 566 -16.87 -42.54 18.74
N ALA B 567 -16.12 -41.68 18.06
CA ALA B 567 -14.67 -41.65 18.26
C ALA B 567 -14.31 -41.21 19.66
N LEU B 568 -15.07 -40.27 20.23
CA LEU B 568 -14.78 -39.83 21.58
C LEU B 568 -15.09 -40.94 22.58
N ARG B 569 -16.23 -41.60 22.42
CA ARG B 569 -16.54 -42.73 23.29
C ARG B 569 -15.47 -43.79 23.20
N GLU B 570 -15.03 -44.11 21.99
CA GLU B 570 -14.00 -45.12 21.82
C GLU B 570 -12.69 -44.69 22.44
N SER B 571 -12.38 -43.39 22.42
CA SER B 571 -11.14 -42.93 23.00
C SER B 571 -11.14 -43.16 24.50
N ALA B 572 -12.30 -43.08 25.12
CA ALA B 572 -12.37 -43.29 26.56
C ALA B 572 -12.23 -44.76 26.94
N ALA B 573 -12.41 -45.67 26.00
CA ALA B 573 -12.21 -47.09 26.26
C ALA B 573 -10.78 -47.56 26.07
N MET B 574 -9.89 -46.71 25.56
CA MET B 574 -8.51 -47.11 25.33
C MET B 574 -7.73 -47.03 26.63
N LYS B 575 -6.71 -47.88 26.73
CA LYS B 575 -5.77 -47.80 27.86
C LYS B 575 -4.72 -46.78 27.50
N TRP B 576 -4.82 -45.59 28.09
CA TRP B 576 -3.87 -44.52 27.87
C TRP B 576 -2.81 -44.56 28.93
N THR B 577 -1.56 -44.59 28.49
CA THR B 577 -0.42 -44.64 29.40
C THR B 577 0.61 -43.64 28.94
N ALA B 578 1.49 -43.28 29.86
CA ALA B 578 2.64 -42.46 29.54
C ALA B 578 3.78 -43.01 30.37
N LEU B 579 4.87 -43.35 29.71
CA LEU B 579 5.99 -44.04 30.34
C LEU B 579 7.27 -43.27 30.07
N PRO B 580 8.32 -43.48 30.86
CA PRO B 580 9.63 -42.97 30.46
C PRO B 580 10.10 -43.76 29.26
N GLN B 581 9.98 -43.16 28.09
CA GLN B 581 10.31 -43.82 26.83
C GLN B 581 11.72 -43.42 26.46
N LEU B 582 12.68 -44.23 26.88
CA LEU B 582 14.07 -43.99 26.56
C LEU B 582 14.40 -44.66 25.24
N ALA B 583 15.60 -44.36 24.71
CA ALA B 583 15.98 -44.91 23.42
C ALA B 583 15.97 -46.43 23.43
N THR B 584 16.24 -47.03 24.59
CA THR B 584 16.37 -48.47 24.74
C THR B 584 15.05 -49.12 25.14
N GLY B 585 13.98 -48.35 25.25
CA GLY B 585 12.68 -48.88 25.61
C GLY B 585 12.14 -48.18 26.83
N PRO B 586 10.92 -48.53 27.23
CA PRO B 586 10.33 -47.87 28.41
C PRO B 586 11.01 -48.32 29.69
N ALA B 587 11.20 -47.36 30.58
CA ALA B 587 11.83 -47.62 31.86
C ALA B 587 10.78 -47.76 32.96
N ALA B 588 11.17 -48.48 34.01
CA ALA B 588 10.31 -48.59 35.18
C ALA B 588 10.32 -47.26 35.93
N GLY B 589 9.25 -47.04 36.69
CA GLY B 589 9.21 -45.88 37.56
C GLY B 589 7.97 -45.92 38.43
N GLU B 590 7.76 -44.81 39.14
CA GLU B 590 6.59 -44.69 40.02
C GLU B 590 5.37 -44.38 39.17
N THR B 591 4.30 -45.14 39.37
CA THR B 591 3.12 -45.03 38.53
C THR B 591 1.94 -44.51 39.35
N ARG B 592 1.15 -43.65 38.71
CA ARG B 592 -0.06 -43.15 39.33
C ARG B 592 -1.12 -42.96 38.26
N THR B 593 -2.37 -42.82 38.69
CA THR B 593 -3.45 -42.57 37.75
C THR B 593 -3.48 -41.10 37.36
N VAL B 594 -4.07 -40.86 36.20
CA VAL B 594 -4.36 -39.52 35.71
C VAL B 594 -5.88 -39.41 35.73
N LEU B 595 -6.40 -38.42 36.46
CA LEU B 595 -7.83 -38.28 36.67
C LEU B 595 -8.32 -37.07 35.90
N ASN B 596 -9.56 -37.16 35.44
CA ASN B 596 -10.19 -36.04 34.74
C ASN B 596 -10.33 -34.88 35.70
N PRO B 597 -9.76 -33.70 35.42
CA PRO B 597 -9.88 -32.59 36.37
C PRO B 597 -11.32 -32.16 36.61
N GLY B 598 -12.21 -32.43 35.67
CA GLY B 598 -13.61 -32.10 35.82
C GLY B 598 -14.42 -33.13 36.55
N ASP B 599 -13.84 -34.30 36.83
CA ASP B 599 -14.52 -35.34 37.58
C ASP B 599 -13.49 -36.39 37.96
N HIS B 600 -13.01 -36.33 39.21
CA HIS B 600 -11.91 -37.23 39.57
C HIS B 600 -12.32 -38.70 39.57
N ARG B 601 -13.62 -39.00 39.46
CA ARG B 601 -14.04 -40.38 39.32
C ARG B 601 -13.71 -40.95 37.95
N ASP B 602 -13.47 -40.09 36.96
CA ASP B 602 -13.19 -40.52 35.59
C ASP B 602 -11.68 -40.69 35.48
N VAL B 603 -11.22 -41.94 35.50
CA VAL B 603 -9.81 -42.26 35.36
C VAL B 603 -9.46 -42.24 33.88
N VAL B 604 -8.55 -41.34 33.51
CA VAL B 604 -8.20 -41.19 32.11
C VAL B 604 -7.10 -42.17 31.72
N GLY B 605 -6.14 -42.39 32.60
CA GLY B 605 -5.02 -43.23 32.24
C GLY B 605 -4.04 -43.30 33.38
N SER B 606 -2.82 -43.74 33.06
CA SER B 606 -1.79 -43.93 34.07
CA SER B 606 -1.79 -43.96 34.06
C SER B 606 -0.47 -43.40 33.53
N VAL B 607 0.31 -42.80 34.42
CA VAL B 607 1.61 -42.26 34.07
C VAL B 607 2.66 -42.92 34.96
N THR B 608 3.74 -43.35 34.33
CA THR B 608 4.91 -43.82 35.04
C THR B 608 5.95 -42.73 34.92
N GLU B 609 6.38 -42.18 36.05
CA GLU B 609 7.25 -41.02 36.03
C GLU B 609 8.71 -41.45 36.07
N THR B 610 9.57 -40.55 35.60
CA THR B 610 10.95 -40.86 35.31
C THR B 610 11.79 -40.60 36.54
N SER B 611 12.66 -41.54 36.88
CA SER B 611 13.63 -41.28 37.93
C SER B 611 14.68 -40.28 37.42
N GLU B 612 15.28 -39.54 38.35
CA GLU B 612 16.32 -38.60 37.94
C GLU B 612 17.49 -39.33 37.31
N GLU B 613 17.78 -40.55 37.76
CA GLU B 613 18.82 -41.35 37.13
C GLU B 613 18.46 -41.66 35.68
N ASP B 614 17.21 -42.02 35.42
CA ASP B 614 16.83 -42.31 34.04
C ASP B 614 16.77 -41.05 33.19
N ALA B 615 16.47 -39.90 33.80
CA ALA B 615 16.56 -38.65 33.07
C ALA B 615 17.97 -38.40 32.58
N ARG B 616 18.95 -38.59 33.45
CA ARG B 616 20.34 -38.43 33.03
C ARG B 616 20.73 -39.48 32.00
N ARG B 617 20.28 -40.72 32.18
CA ARG B 617 20.55 -41.75 31.20
C ARG B 617 19.99 -41.36 29.84
N ALA B 618 18.78 -40.81 29.82
CA ALA B 618 18.18 -40.40 28.56
C ALA B 618 19.04 -39.35 27.85
N VAL B 619 19.58 -38.39 28.59
CA VAL B 619 20.40 -37.37 27.97
C VAL B 619 21.65 -37.99 27.37
N ARG B 620 22.25 -38.95 28.08
CA ARG B 620 23.41 -39.64 27.53
C ARG B 620 23.06 -40.38 26.26
N LEU B 621 21.91 -41.05 26.26
CA LEU B 621 21.46 -41.75 25.06
C LEU B 621 21.23 -40.77 23.92
N ALA B 622 20.68 -39.59 24.23
CA ALA B 622 20.48 -38.59 23.18
C ALA B 622 21.81 -38.10 22.64
N ALA B 623 22.80 -37.89 23.52
CA ALA B 623 24.11 -37.45 23.05
C ALA B 623 24.73 -38.48 22.13
N ASP B 624 24.59 -39.77 22.46
CA ASP B 624 25.17 -40.82 21.64
C ASP B 624 24.54 -40.84 20.26
N ALA B 625 23.25 -40.56 20.18
CA ALA B 625 22.50 -40.58 18.93
C ALA B 625 22.55 -39.27 18.18
N ALA B 626 23.10 -38.22 18.78
CA ALA B 626 23.05 -36.90 18.15
C ALA B 626 23.67 -36.88 16.76
N PRO B 627 24.85 -37.46 16.51
CA PRO B 627 25.38 -37.40 15.14
C PRO B 627 24.50 -38.07 14.12
N ASP B 628 23.89 -39.20 14.45
CA ASP B 628 23.08 -39.91 13.47
C ASP B 628 21.84 -39.11 13.09
N TRP B 629 21.23 -38.44 14.06
CA TRP B 629 20.06 -37.64 13.74
C TRP B 629 20.47 -36.38 12.98
N ALA B 630 21.58 -35.77 13.36
CA ALA B 630 22.07 -34.60 12.64
C ALA B 630 22.34 -34.94 11.18
N ALA B 631 22.72 -36.18 10.91
CA ALA B 631 23.05 -36.59 9.56
C ALA B 631 21.82 -36.88 8.71
N VAL B 632 20.63 -36.95 9.30
CA VAL B 632 19.43 -37.07 8.47
C VAL B 632 19.20 -35.74 7.79
N PRO B 633 19.10 -35.68 6.46
CA PRO B 633 19.04 -34.41 5.77
C PRO B 633 17.84 -33.60 6.27
N PRO B 634 17.99 -32.28 6.34
CA PRO B 634 16.87 -31.43 6.79
C PRO B 634 15.56 -31.71 6.09
N SER B 635 15.58 -31.93 4.77
CA SER B 635 14.33 -32.21 4.08
C SER B 635 13.69 -33.50 4.56
N GLU B 636 14.50 -34.49 4.93
CA GLU B 636 13.93 -35.74 5.44
C GLU B 636 13.46 -35.58 6.88
N ARG B 637 14.17 -34.80 7.69
CA ARG B 637 13.64 -34.48 9.02
C ARG B 637 12.32 -33.75 8.90
N ALA B 638 12.22 -32.81 7.95
CA ALA B 638 10.97 -32.09 7.73
C ALA B 638 9.87 -33.05 7.26
N ALA B 639 10.23 -34.03 6.44
CA ALA B 639 9.23 -35.00 5.99
C ALA B 639 8.65 -35.78 7.16
N CYS B 640 9.46 -36.08 8.17
CA CYS B 640 8.94 -36.71 9.38
C CYS B 640 7.90 -35.83 10.05
N LEU B 641 8.20 -34.53 10.18
CA LEU B 641 7.22 -33.62 10.78
C LEU B 641 5.94 -33.60 9.96
N ASP B 642 6.07 -33.54 8.63
CA ASP B 642 4.86 -33.53 7.81
C ASP B 642 4.10 -34.83 7.94
N ARG B 643 4.80 -35.95 8.07
CA ARG B 643 4.09 -37.21 8.27
C ARG B 643 3.37 -37.23 9.60
N ALA B 644 4.01 -36.69 10.65
CA ALA B 644 3.37 -36.64 11.95
C ALA B 644 2.13 -35.76 11.90
N ALA B 645 2.19 -34.66 11.14
CA ALA B 645 1.04 -33.79 11.02
C ALA B 645 -0.13 -34.52 10.36
N GLU B 646 0.16 -35.32 9.33
CA GLU B 646 -0.90 -36.09 8.67
C GLU B 646 -1.52 -37.07 9.65
N LEU B 647 -0.70 -37.71 10.49
CA LEU B 647 -1.24 -38.64 11.45
C LEU B 647 -2.10 -37.95 12.49
N MET B 648 -1.65 -36.80 12.99
CA MET B 648 -2.46 -36.07 13.97
C MET B 648 -3.76 -35.60 13.34
N GLN B 649 -3.72 -35.20 12.07
CA GLN B 649 -4.94 -34.76 11.42
C GLN B 649 -5.93 -35.90 11.32
N ALA B 650 -5.45 -37.07 10.90
CA ALA B 650 -6.34 -38.22 10.73
C ALA B 650 -6.86 -38.73 12.05
N ARG B 651 -6.08 -38.58 13.12
CA ARG B 651 -6.44 -39.09 14.44
C ARG B 651 -7.01 -38.01 15.34
N MET B 652 -7.28 -36.83 14.79
CA MET B 652 -7.81 -35.74 15.61
C MET B 652 -8.98 -36.15 16.48
N PRO B 653 -10.00 -36.89 15.99
CA PRO B 653 -11.12 -37.22 16.89
C PRO B 653 -10.70 -37.95 18.15
N THR B 654 -9.78 -38.91 18.02
CA THR B 654 -9.28 -39.63 19.20
C THR B 654 -8.45 -38.71 20.09
N LEU B 655 -7.57 -37.91 19.50
CA LEU B 655 -6.77 -36.98 20.30
C LEU B 655 -7.65 -35.99 21.05
N LEU B 656 -8.73 -35.53 20.41
CA LEU B 656 -9.66 -34.63 21.07
C LEU B 656 -10.20 -35.25 22.34
N GLY B 657 -10.65 -36.50 22.23
CA GLY B 657 -11.21 -37.17 23.39
C GLY B 657 -10.23 -37.20 24.54
N LEU B 658 -8.96 -37.47 24.25
CA LEU B 658 -7.98 -37.50 25.32
C LEU B 658 -7.77 -36.11 25.91
N ILE B 659 -7.66 -35.09 25.06
CA ILE B 659 -7.40 -33.75 25.56
C ILE B 659 -8.58 -33.24 26.37
N ILE B 660 -9.80 -33.53 25.91
CA ILE B 660 -10.99 -33.12 26.64
C ILE B 660 -10.96 -33.67 28.06
N ARG B 661 -10.61 -34.95 28.21
CA ARG B 661 -10.70 -35.58 29.51
C ARG B 661 -9.48 -35.34 30.38
N GLU B 662 -8.30 -35.20 29.75
CA GLU B 662 -7.10 -35.06 30.57
C GLU B 662 -6.86 -33.60 30.97
N ALA B 663 -7.18 -32.65 30.11
CA ALA B 663 -6.78 -31.27 30.35
C ALA B 663 -7.96 -30.33 30.56
N GLY B 664 -9.18 -30.86 30.69
CA GLY B 664 -10.31 -30.00 30.96
C GLY B 664 -10.72 -29.11 29.81
N LYS B 665 -10.42 -29.49 28.58
CA LYS B 665 -10.72 -28.66 27.44
C LYS B 665 -12.09 -29.00 26.88
N SER B 666 -12.77 -27.99 26.35
CA SER B 666 -13.95 -28.24 25.57
C SER B 666 -13.55 -28.79 24.19
N ALA B 667 -14.54 -29.32 23.48
CA ALA B 667 -14.28 -29.87 22.16
C ALA B 667 -13.68 -28.81 21.23
N LEU B 668 -14.26 -27.60 21.22
CA LEU B 668 -13.70 -26.57 20.33
C LEU B 668 -12.25 -26.29 20.66
N ASN B 669 -11.93 -26.20 21.94
CA ASN B 669 -10.55 -25.88 22.31
C ASN B 669 -9.62 -27.04 22.10
N ALA B 670 -10.13 -28.28 22.20
CA ALA B 670 -9.32 -29.44 21.89
C ALA B 670 -9.03 -29.49 20.40
N ILE B 671 -10.01 -29.14 19.56
CA ILE B 671 -9.75 -29.06 18.13
C ILE B 671 -8.66 -28.03 17.86
N ALA B 672 -8.76 -26.86 18.48
CA ALA B 672 -7.76 -25.82 18.27
C ALA B 672 -6.39 -26.32 18.70
N GLU B 673 -6.34 -27.07 19.80
CA GLU B 673 -5.08 -27.62 20.29
C GLU B 673 -4.44 -28.55 19.27
N VAL B 674 -5.23 -29.47 18.72
CA VAL B 674 -4.67 -30.41 17.75
C VAL B 674 -4.28 -29.68 16.47
N ARG B 675 -5.12 -28.75 16.03
CA ARG B 675 -4.78 -27.97 14.84
C ARG B 675 -3.47 -27.24 15.02
N GLU B 676 -3.25 -26.66 16.20
CA GLU B 676 -2.03 -25.91 16.44
CA GLU B 676 -2.02 -25.92 16.41
C GLU B 676 -0.80 -26.83 16.37
N ALA B 677 -0.91 -28.03 16.94
CA ALA B 677 0.18 -28.98 16.84
C ALA B 677 0.48 -29.32 15.39
N ILE B 678 -0.57 -29.58 14.60
CA ILE B 678 -0.40 -29.85 13.18
C ILE B 678 0.28 -28.69 12.48
N ASP B 679 -0.16 -27.48 12.81
CA ASP B 679 0.41 -26.30 12.16
C ASP B 679 1.87 -26.10 12.55
N PHE B 680 2.22 -26.32 13.83
CA PHE B 680 3.64 -26.25 14.20
C PHE B 680 4.45 -27.22 13.37
N LEU B 681 3.99 -28.47 13.31
CA LEU B 681 4.71 -29.48 12.55
C LEU B 681 4.93 -29.01 11.12
N ARG B 682 3.86 -28.57 10.45
CA ARG B 682 3.99 -28.22 9.05
C ARG B 682 4.76 -26.92 8.87
N TYR B 683 4.61 -25.99 9.80
CA TYR B 683 5.32 -24.72 9.68
C TYR B 683 6.82 -24.93 9.87
N TYR B 684 7.22 -25.65 10.90
CA TYR B 684 8.66 -25.86 11.08
C TYR B 684 9.24 -26.73 9.98
N ALA B 685 8.44 -27.65 9.42
CA ALA B 685 8.91 -28.40 8.26
C ALA B 685 9.17 -27.47 7.10
N GLU B 686 8.23 -26.57 6.80
CA GLU B 686 8.45 -25.68 5.67
C GLU B 686 9.59 -24.71 5.95
N GLN B 687 9.66 -24.16 7.17
CA GLN B 687 10.75 -23.25 7.47
C GLN B 687 12.10 -23.94 7.32
N THR B 688 12.15 -25.22 7.70
CA THR B 688 13.37 -25.99 7.49
C THR B 688 13.71 -26.09 6.01
N ARG B 689 12.71 -26.44 5.19
CA ARG B 689 12.95 -26.56 3.74
C ARG B 689 13.39 -25.23 3.13
N ARG B 690 13.01 -24.10 3.73
CA ARG B 690 13.43 -22.81 3.23
C ARG B 690 14.82 -22.39 3.69
N THR B 691 15.35 -22.99 4.76
CA THR B 691 16.54 -22.40 5.36
C THR B 691 17.72 -23.34 5.59
N LEU B 692 17.49 -24.55 6.11
CA LEU B 692 18.59 -25.27 6.73
C LEU B 692 19.49 -25.96 5.71
N GLY B 693 20.79 -25.70 5.84
CA GLY B 693 21.79 -26.31 5.01
C GLY B 693 22.91 -26.87 5.85
N PRO B 694 23.97 -27.33 5.20
CA PRO B 694 25.01 -28.08 5.92
C PRO B 694 25.72 -27.27 6.99
N GLY B 695 25.83 -25.96 6.84
CA GLY B 695 26.50 -25.14 7.82
C GLY B 695 25.66 -24.72 9.00
N HIS B 696 24.39 -25.15 9.07
CA HIS B 696 23.54 -24.84 10.22
C HIS B 696 23.48 -26.08 11.10
N GLY B 697 24.56 -26.29 11.85
CA GLY B 697 24.70 -27.49 12.65
C GLY B 697 23.81 -27.45 13.88
N PRO B 698 23.37 -28.61 14.33
CA PRO B 698 22.51 -28.65 15.52
C PRO B 698 23.30 -28.34 16.79
N LEU B 699 22.56 -27.95 17.82
CA LEU B 699 23.16 -27.75 19.13
C LEU B 699 23.59 -29.08 19.74
N GLY B 700 22.77 -30.11 19.59
CA GLY B 700 22.91 -31.33 20.35
C GLY B 700 21.62 -31.63 21.10
N PRO B 701 21.68 -32.45 22.13
CA PRO B 701 20.45 -32.81 22.86
C PRO B 701 19.76 -31.57 23.42
N ILE B 702 18.48 -31.43 23.10
CA ILE B 702 17.68 -30.31 23.58
CA ILE B 702 17.66 -30.31 23.57
C ILE B 702 16.64 -30.86 24.53
N VAL B 703 16.53 -30.23 25.68
CA VAL B 703 15.51 -30.56 26.66
C VAL B 703 14.32 -29.66 26.40
N CYS B 704 13.16 -30.26 26.17
CA CYS B 704 11.95 -29.50 25.89
C CYS B 704 11.01 -29.70 27.06
N ILE B 705 10.72 -28.61 27.76
CA ILE B 705 9.90 -28.64 28.96
C ILE B 705 8.69 -27.79 28.67
N SER B 706 7.50 -28.37 28.85
CA SER B 706 6.28 -27.77 28.36
C SER B 706 5.24 -27.64 29.47
N PRO B 707 4.30 -26.73 29.28
CA PRO B 707 3.28 -26.47 30.30
C PRO B 707 2.09 -27.40 30.10
N TRP B 708 1.24 -27.45 31.11
CA TRP B 708 0.11 -28.35 31.02
C TRP B 708 -1.00 -27.79 30.13
N ASN B 709 -1.07 -26.47 29.95
CA ASN B 709 -2.33 -25.86 29.53
C ASN B 709 -2.55 -25.93 28.03
N PHE B 710 -1.49 -26.08 27.26
CA PHE B 710 -1.58 -26.40 25.83
C PHE B 710 -0.79 -27.70 25.72
N PRO B 711 -1.39 -28.81 26.17
CA PRO B 711 -0.61 -30.01 26.45
C PRO B 711 -0.16 -30.79 25.23
N LEU B 712 -0.74 -30.51 24.06
CA LEU B 712 -0.24 -31.08 22.82
C LEU B 712 0.41 -30.04 21.93
N ALA B 713 -0.13 -28.82 21.87
CA ALA B 713 0.34 -27.86 20.89
C ALA B 713 1.74 -27.35 21.21
N ILE B 714 1.93 -26.78 22.40
CA ILE B 714 3.26 -26.29 22.74
C ILE B 714 4.23 -27.44 22.89
N PHE B 715 3.77 -28.54 23.47
CA PHE B 715 4.59 -29.74 23.57
C PHE B 715 5.14 -30.11 22.21
N THR B 716 4.27 -30.23 21.21
CA THR B 716 4.68 -30.64 19.89
C THR B 716 5.53 -29.58 19.21
N GLY B 717 5.15 -28.32 19.38
CA GLY B 717 5.89 -27.24 18.71
C GLY B 717 7.36 -27.21 19.11
N GLN B 718 7.64 -27.27 20.41
CA GLN B 718 9.04 -27.19 20.83
C GLN B 718 9.81 -28.40 20.32
N ILE B 719 9.23 -29.58 20.47
CA ILE B 719 9.90 -30.81 20.07
C ILE B 719 10.14 -30.82 18.57
N ALA B 720 9.11 -30.44 17.81
CA ALA B 720 9.21 -30.49 16.37
C ALA B 720 10.31 -29.57 15.87
N ALA B 721 10.38 -28.37 16.45
CA ALA B 721 11.41 -27.42 16.03
C ALA B 721 12.78 -27.96 16.36
N ALA B 722 12.96 -28.47 17.57
CA ALA B 722 14.27 -28.98 17.95
C ALA B 722 14.68 -30.14 17.05
N LEU B 723 13.75 -31.06 16.80
CA LEU B 723 14.04 -32.22 15.97
C LEU B 723 14.40 -31.81 14.56
N VAL B 724 13.60 -30.92 13.98
CA VAL B 724 13.82 -30.63 12.57
C VAL B 724 15.09 -29.82 12.38
N ALA B 725 15.50 -29.08 13.41
CA ALA B 725 16.80 -28.43 13.39
C ALA B 725 17.95 -29.41 13.58
N GLY B 726 17.67 -30.70 13.75
CA GLY B 726 18.72 -31.69 13.82
C GLY B 726 19.14 -32.10 15.20
N ASN B 727 18.37 -31.77 16.22
CA ASN B 727 18.73 -32.05 17.60
C ASN B 727 17.89 -33.20 18.11
N PRO B 728 18.47 -34.17 18.80
CA PRO B 728 17.65 -35.14 19.52
C PRO B 728 17.04 -34.43 20.71
N VAL B 729 15.87 -34.92 21.12
CA VAL B 729 15.03 -34.22 22.07
C VAL B 729 14.74 -35.11 23.28
N LEU B 730 14.83 -34.50 24.46
CA LEU B 730 14.31 -35.07 25.69
C LEU B 730 13.04 -34.28 26.01
N ALA B 731 11.90 -34.95 25.92
CA ALA B 731 10.62 -34.27 26.06
C ALA B 731 10.10 -34.51 27.46
N LYS B 732 9.95 -33.43 28.24
CA LYS B 732 9.49 -33.49 29.62
C LYS B 732 8.17 -32.75 29.69
N PRO B 733 7.06 -33.46 29.57
CA PRO B 733 5.75 -32.79 29.59
C PRO B 733 5.36 -32.48 31.03
N ALA B 734 4.45 -31.53 31.14
CA ALA B 734 3.96 -31.14 32.46
C ALA B 734 3.37 -32.35 33.19
N GLU B 735 3.53 -32.35 34.51
CA GLU B 735 3.08 -33.51 35.27
C GLU B 735 1.57 -33.69 35.19
N GLU B 736 0.83 -32.61 34.93
CA GLU B 736 -0.62 -32.72 34.89
C GLU B 736 -1.12 -33.43 33.64
N THR B 737 -0.37 -33.37 32.53
CA THR B 737 -0.90 -33.77 31.22
C THR B 737 0.08 -34.67 30.47
N PRO B 738 0.50 -35.78 31.07
CA PRO B 738 1.46 -36.66 30.39
C PRO B 738 0.85 -37.51 29.29
N LEU B 739 -0.45 -37.78 29.32
CA LEU B 739 -1.00 -38.77 28.40
C LEU B 739 -1.00 -38.25 26.96
N ILE B 740 -1.48 -37.03 26.75
CA ILE B 740 -1.50 -36.52 25.39
C ILE B 740 -0.08 -36.32 24.88
N ALA B 741 0.86 -35.99 25.78
CA ALA B 741 2.25 -35.85 25.38
C ALA B 741 2.81 -37.18 24.91
N ALA B 742 2.50 -38.25 25.66
CA ALA B 742 2.94 -39.58 25.24
C ALA B 742 2.39 -39.92 23.87
N GLU B 743 1.14 -39.52 23.61
CA GLU B 743 0.55 -39.80 22.31
C GLU B 743 1.23 -39.00 21.22
N GLY B 744 1.58 -37.74 21.51
CA GLY B 744 2.36 -36.96 20.57
C GLY B 744 3.68 -37.64 20.24
N VAL B 745 4.37 -38.19 21.25
CA VAL B 745 5.63 -38.86 20.99
C VAL B 745 5.39 -40.13 20.18
N ARG B 746 4.33 -40.88 20.49
CA ARG B 746 4.01 -42.06 19.68
C ARG B 746 3.85 -41.67 18.22
N ILE B 747 3.17 -40.56 17.96
CA ILE B 747 2.90 -40.17 16.59
C ILE B 747 4.18 -39.71 15.89
N LEU B 748 5.01 -38.92 16.58
CA LEU B 748 6.27 -38.51 15.97
C LEU B 748 7.15 -39.69 15.68
N ARG B 749 7.21 -40.67 16.59
CA ARG B 749 8.01 -41.85 16.31
C ARG B 749 7.42 -42.64 15.15
N GLU B 750 6.09 -42.77 15.11
CA GLU B 750 5.48 -43.49 14.00
C GLU B 750 5.78 -42.80 12.67
N ALA B 751 5.89 -41.48 12.70
CA ALA B 751 6.17 -40.70 11.51
C ALA B 751 7.62 -40.75 11.08
N GLY B 752 8.50 -41.39 11.86
CA GLY B 752 9.88 -41.58 11.44
C GLY B 752 10.91 -41.01 12.39
N ILE B 753 10.55 -40.35 13.47
CA ILE B 753 11.57 -39.84 14.39
C ILE B 753 12.12 -41.04 15.16
N PRO B 754 13.42 -41.31 15.10
CA PRO B 754 13.97 -42.48 15.79
C PRO B 754 13.79 -42.37 17.29
N ALA B 755 13.67 -43.52 17.94
CA ALA B 755 13.50 -43.52 19.38
C ALA B 755 14.66 -42.81 20.08
N SER B 756 15.86 -42.91 19.53
CA SER B 756 16.99 -42.24 20.18
C SER B 756 16.93 -40.73 19.99
N ALA B 757 16.19 -40.26 18.99
CA ALA B 757 16.07 -38.84 18.76
C ALA B 757 14.93 -38.22 19.54
N LEU B 758 14.02 -39.00 20.10
CA LEU B 758 12.88 -38.43 20.80
C LEU B 758 12.51 -39.34 21.95
N GLN B 759 12.86 -38.93 23.15
CA GLN B 759 12.59 -39.68 24.35
C GLN B 759 11.61 -38.88 25.20
N LEU B 760 10.67 -39.57 25.80
CA LEU B 760 9.65 -38.96 26.64
C LEU B 760 9.98 -39.25 28.10
N LEU B 761 10.06 -38.21 28.92
CA LEU B 761 10.39 -38.35 30.34
C LEU B 761 9.28 -37.71 31.15
N PRO B 762 8.21 -38.44 31.43
CA PRO B 762 7.14 -37.87 32.27
C PRO B 762 7.65 -37.65 33.67
N GLY B 763 7.01 -36.71 34.34
CA GLY B 763 7.30 -36.46 35.74
C GLY B 763 7.16 -35.00 36.06
N ASP B 764 7.54 -34.65 37.28
CA ASP B 764 7.31 -33.30 37.76
C ASP B 764 8.54 -32.43 37.48
N GLY B 765 8.64 -31.28 38.16
CA GLY B 765 9.73 -30.36 37.89
C GLY B 765 11.09 -30.92 38.22
N ARG B 766 11.17 -31.90 39.11
CA ARG B 766 12.46 -32.52 39.42
C ARG B 766 13.01 -33.25 38.20
N VAL B 767 12.13 -33.84 37.40
CA VAL B 767 12.58 -34.47 36.16
C VAL B 767 13.07 -33.41 35.19
N GLY B 768 12.34 -32.31 35.07
CA GLY B 768 12.82 -31.22 34.23
C GLY B 768 14.17 -30.71 34.70
N ALA B 769 14.32 -30.50 36.01
CA ALA B 769 15.58 -29.98 36.51
C ALA B 769 16.73 -30.96 36.25
N ALA B 770 16.48 -32.25 36.42
CA ALA B 770 17.53 -33.24 36.18
C ALA B 770 17.95 -33.24 34.72
N LEU B 771 17.00 -33.07 33.80
CA LEU B 771 17.36 -33.00 32.40
C LEU B 771 18.18 -31.75 32.09
N VAL B 772 17.76 -30.60 32.64
CA VAL B 772 18.45 -29.34 32.39
C VAL B 772 19.89 -29.42 32.88
N ALA B 773 20.10 -30.04 34.04
CA ALA B 773 21.44 -30.10 34.65
C ALA B 773 22.34 -31.15 34.01
N ALA B 774 21.80 -32.03 33.18
CA ALA B 774 22.58 -33.12 32.63
C ALA B 774 23.72 -32.59 31.78
N ALA B 775 24.86 -33.28 31.83
CA ALA B 775 26.09 -32.76 31.26
C ALA B 775 25.97 -32.51 29.76
N GLU B 776 25.24 -33.36 29.05
CA GLU B 776 25.21 -33.29 27.59
C GLU B 776 24.07 -32.43 27.05
N THR B 777 23.24 -31.86 27.92
CA THR B 777 22.19 -30.98 27.45
C THR B 777 22.80 -29.76 26.78
N ALA B 778 22.38 -29.52 25.53
CA ALA B 778 22.98 -28.50 24.70
C ALA B 778 22.04 -27.32 24.46
N GLY B 779 20.80 -27.42 24.92
CA GLY B 779 19.88 -26.31 24.80
C GLY B 779 18.61 -26.71 25.52
N VAL B 780 17.85 -25.70 25.93
CA VAL B 780 16.61 -25.91 26.65
C VAL B 780 15.53 -25.05 26.02
N MET B 781 14.38 -25.66 25.74
CA MET B 781 13.19 -24.96 25.29
C MET B 781 12.18 -25.10 26.39
N PHE B 782 11.85 -24.00 27.03
CA PHE B 782 10.96 -24.00 28.16
C PHE B 782 9.77 -23.10 27.88
N THR B 783 8.59 -23.61 28.17
CA THR B 783 7.40 -22.77 28.20
C THR B 783 6.69 -23.08 29.50
N GLY B 784 6.36 -22.04 30.25
CA GLY B 784 5.84 -22.23 31.58
C GLY B 784 5.92 -20.93 32.35
N SER B 785 5.85 -21.06 33.67
CA SER B 785 5.84 -19.86 34.50
C SER B 785 7.20 -19.18 34.50
N THR B 786 7.17 -17.85 34.67
CA THR B 786 8.41 -17.10 34.77
C THR B 786 9.27 -17.60 35.94
N GLU B 787 8.63 -17.94 37.06
CA GLU B 787 9.36 -18.41 38.23
C GLU B 787 10.18 -19.66 37.94
N VAL B 788 9.57 -20.61 37.22
CA VAL B 788 10.30 -21.83 36.89
C VAL B 788 11.40 -21.53 35.88
N ALA B 789 11.13 -20.66 34.92
CA ALA B 789 12.15 -20.32 33.93
C ALA B 789 13.40 -19.78 34.62
N ARG B 790 13.22 -18.97 35.67
CA ARG B 790 14.39 -18.43 36.36
C ARG B 790 15.23 -19.54 36.97
N LEU B 791 14.58 -20.57 37.50
CA LEU B 791 15.33 -21.68 38.08
C LEU B 791 16.15 -22.38 37.01
N ILE B 792 15.55 -22.58 35.83
CA ILE B 792 16.25 -23.22 34.73
C ILE B 792 17.41 -22.36 34.25
N GLN B 793 17.16 -21.06 34.09
CA GLN B 793 18.20 -20.14 33.69
C GLN B 793 19.39 -20.20 34.65
N ALA B 794 19.12 -20.27 35.95
CA ALA B 794 20.20 -20.36 36.92
C ALA B 794 20.99 -21.65 36.76
N GLN B 795 20.30 -22.78 36.56
CA GLN B 795 20.99 -24.04 36.33
C GLN B 795 21.92 -23.94 35.14
N LEU B 796 21.44 -23.35 34.04
CA LEU B 796 22.21 -23.35 32.80
C LEU B 796 23.40 -22.42 32.88
N ALA B 797 23.28 -21.34 33.65
CA ALA B 797 24.34 -20.35 33.75
C ALA B 797 25.57 -20.92 34.43
N ASP B 798 25.44 -22.03 35.15
CA ASP B 798 26.61 -22.67 35.71
C ASP B 798 27.38 -23.48 34.67
N ARG B 799 26.84 -23.61 33.46
CA ARG B 799 27.33 -24.54 32.47
CA ARG B 799 27.37 -24.54 32.48
C ARG B 799 27.76 -23.81 31.21
N LEU B 800 28.62 -24.45 30.43
CA LEU B 800 29.01 -24.00 29.12
C LEU B 800 29.00 -25.18 28.19
N SER B 801 28.79 -24.92 26.90
CA SER B 801 28.90 -25.95 25.90
C SER B 801 30.36 -26.40 25.82
N PRO B 802 30.62 -27.55 25.18
CA PRO B 802 32.03 -27.93 24.97
C PRO B 802 32.82 -26.89 24.19
N ALA B 803 32.15 -26.10 23.37
CA ALA B 803 32.77 -24.97 22.70
C ALA B 803 32.97 -23.77 23.62
N GLY B 804 32.53 -23.84 24.87
CA GLY B 804 32.74 -22.75 25.80
C GLY B 804 31.77 -21.61 25.66
N ARG B 805 30.53 -21.89 25.28
CA ARG B 805 29.54 -20.84 25.06
C ARG B 805 28.28 -21.14 25.87
N PRO B 806 27.47 -20.13 26.15
CA PRO B 806 26.25 -20.37 26.93
C PRO B 806 25.33 -21.36 26.23
N ILE B 807 24.68 -22.17 27.05
CA ILE B 807 23.65 -23.11 26.58
C ILE B 807 22.41 -22.29 26.25
N PRO B 808 21.90 -22.37 25.03
CA PRO B 808 20.73 -21.54 24.68
C PRO B 808 19.50 -21.98 25.44
N LEU B 809 18.74 -20.97 25.88
CA LEU B 809 17.46 -21.18 26.54
C LEU B 809 16.43 -20.33 25.82
N ILE B 810 15.36 -20.97 25.34
CA ILE B 810 14.15 -20.26 24.95
C ILE B 810 13.21 -20.42 26.13
N ALA B 811 12.79 -19.31 26.72
CA ALA B 811 11.94 -19.37 27.90
C ALA B 811 10.75 -18.45 27.62
N GLU B 812 9.62 -19.06 27.33
CA GLU B 812 8.39 -18.37 26.98
C GLU B 812 7.46 -18.49 28.17
N THR B 813 7.16 -17.36 28.80
CA THR B 813 6.65 -17.38 30.15
C THR B 813 5.31 -16.68 30.27
N GLY B 814 4.98 -16.15 31.44
CA GLY B 814 3.62 -15.76 31.72
C GLY B 814 3.25 -14.41 31.13
N GLY B 815 1.99 -14.03 31.37
CA GLY B 815 1.50 -12.75 30.92
C GLY B 815 0.64 -12.13 32.00
N GLN B 816 0.43 -10.83 31.84
CA GLN B 816 -0.56 -10.09 32.64
C GLN B 816 -1.34 -9.24 31.64
N ASN B 817 -2.18 -9.90 30.87
CA ASN B 817 -2.61 -9.36 29.58
C ASN B 817 -3.82 -8.46 29.75
N ALA B 818 -3.76 -7.30 29.10
CA ALA B 818 -4.82 -6.30 29.18
C ALA B 818 -5.54 -6.18 27.86
N MET B 819 -6.78 -5.71 27.95
CA MET B 819 -7.54 -5.26 26.80
C MET B 819 -8.08 -3.89 27.16
N ILE B 820 -7.81 -2.92 26.30
CA ILE B 820 -8.32 -1.56 26.48
C ILE B 820 -9.50 -1.38 25.53
N VAL B 821 -10.60 -0.87 26.08
CA VAL B 821 -11.85 -0.70 25.35
C VAL B 821 -12.23 0.76 25.51
N ASP B 822 -12.39 1.46 24.40
CA ASP B 822 -12.83 2.84 24.52
C ASP B 822 -14.34 2.94 24.23
N SER B 823 -14.85 4.17 24.28
CA SER B 823 -16.28 4.37 24.12
C SER B 823 -16.76 4.18 22.68
N SER B 824 -15.86 4.02 21.72
CA SER B 824 -16.31 3.77 20.35
C SER B 824 -16.50 2.29 20.06
N ALA B 825 -16.07 1.42 20.98
CA ALA B 825 -16.13 0.00 20.73
C ALA B 825 -17.56 -0.50 20.76
N LEU B 826 -17.83 -1.59 20.07
CA LEU B 826 -19.16 -2.17 20.03
C LEU B 826 -19.30 -3.15 21.18
N ALA B 827 -20.19 -2.85 22.12
CA ALA B 827 -20.25 -3.60 23.37
C ALA B 827 -20.41 -5.09 23.14
N GLU B 828 -21.31 -5.49 22.24
CA GLU B 828 -21.52 -6.92 21.99
C GLU B 828 -20.24 -7.61 21.53
N GLN B 829 -19.47 -6.92 20.68
CA GLN B 829 -18.22 -7.50 20.20
C GLN B 829 -17.21 -7.60 21.33
N VAL B 830 -17.10 -6.55 22.13
CA VAL B 830 -16.23 -6.58 23.30
C VAL B 830 -16.59 -7.74 24.20
N VAL B 831 -17.88 -7.87 24.52
CA VAL B 831 -18.28 -8.90 25.47
C VAL B 831 -17.95 -10.28 24.95
N GLY B 832 -18.23 -10.55 23.68
CA GLY B 832 -17.87 -11.83 23.13
C GLY B 832 -16.38 -12.09 23.20
N ASP B 833 -15.58 -11.08 22.89
CA ASP B 833 -14.14 -11.28 22.90
C ASP B 833 -13.59 -11.37 24.31
N VAL B 834 -14.23 -10.71 25.28
CA VAL B 834 -13.80 -10.81 26.66
C VAL B 834 -14.11 -12.20 27.19
N ILE B 835 -15.30 -12.72 26.91
CA ILE B 835 -15.65 -14.05 27.39
C ILE B 835 -14.68 -15.08 26.82
N THR B 836 -14.43 -15.00 25.52
CA THR B 836 -13.45 -15.90 24.90
C THR B 836 -12.08 -15.74 25.55
N SER B 837 -11.62 -14.51 25.67
CA SER B 837 -10.23 -14.31 26.08
C SER B 837 -10.03 -14.57 27.56
N ALA B 838 -11.01 -14.22 28.39
CA ALA B 838 -10.81 -14.31 29.83
C ALA B 838 -11.26 -15.64 30.41
N PHE B 839 -12.31 -16.26 29.86
CA PHE B 839 -12.93 -17.37 30.57
C PHE B 839 -12.93 -18.67 29.81
N ASP B 840 -12.76 -18.66 28.50
CA ASP B 840 -12.53 -19.88 27.76
C ASP B 840 -11.33 -20.62 28.37
N SER B 841 -11.44 -21.94 28.45
CA SER B 841 -10.43 -22.76 29.12
C SER B 841 -10.24 -22.36 30.57
N ALA B 842 -11.30 -21.79 31.16
CA ALA B 842 -11.24 -21.28 32.52
C ALA B 842 -10.04 -20.36 32.71
N GLY B 843 -9.75 -19.56 31.68
CA GLY B 843 -8.65 -18.62 31.79
C GLY B 843 -7.29 -19.25 31.80
N GLN B 844 -7.20 -20.53 31.47
CA GLN B 844 -5.94 -21.25 31.57
C GLN B 844 -5.20 -21.23 30.25
N ARG B 845 -5.00 -20.02 29.74
CA ARG B 845 -4.16 -19.76 28.59
C ARG B 845 -3.18 -18.68 29.00
N CYS B 846 -1.93 -18.81 28.55
CA CYS B 846 -0.97 -17.74 28.85
C CYS B 846 -1.43 -16.41 28.27
N SER B 847 -2.14 -16.47 27.15
CA SER B 847 -2.67 -15.32 26.42
C SER B 847 -3.95 -14.77 27.00
N ALA B 848 -4.49 -15.38 28.06
CA ALA B 848 -5.82 -15.02 28.51
C ALA B 848 -5.88 -13.58 28.98
N LEU B 849 -7.06 -12.99 28.80
CA LEU B 849 -7.31 -11.64 29.27
C LEU B 849 -7.36 -11.60 30.79
N ARG B 850 -6.48 -10.82 31.41
CA ARG B 850 -6.44 -10.68 32.85
C ARG B 850 -6.99 -9.35 33.33
N VAL B 851 -6.85 -8.29 32.53
CA VAL B 851 -7.23 -6.95 32.95
C VAL B 851 -8.02 -6.30 31.83
N LEU B 852 -9.31 -6.10 32.07
CA LEU B 852 -10.18 -5.41 31.12
C LEU B 852 -10.24 -3.95 31.54
N CYS B 853 -9.80 -3.06 30.66
CA CYS B 853 -9.76 -1.63 30.94
C CYS B 853 -10.85 -0.95 30.13
N LEU B 854 -11.85 -0.43 30.81
CA LEU B 854 -13.03 0.11 30.16
C LEU B 854 -13.06 1.61 30.34
N GLN B 855 -13.24 2.34 29.26
CA GLN B 855 -13.45 3.78 29.39
C GLN B 855 -14.67 4.02 30.29
N GLU B 856 -14.53 5.00 31.18
CA GLU B 856 -15.50 5.17 32.28
C GLU B 856 -16.93 5.32 31.76
N ASP B 857 -17.10 6.01 30.63
CA ASP B 857 -18.45 6.31 30.15
C ASP B 857 -19.20 5.09 29.63
N VAL B 858 -18.50 4.02 29.27
CA VAL B 858 -19.15 2.82 28.78
C VAL B 858 -19.01 1.65 29.72
N ALA B 859 -18.29 1.81 30.83
CA ALA B 859 -17.94 0.65 31.66
C ALA B 859 -19.18 -0.04 32.22
N ASP B 860 -20.13 0.73 32.76
CA ASP B 860 -21.30 0.11 33.38
C ASP B 860 -22.10 -0.70 32.38
N ARG B 861 -22.33 -0.13 31.19
CA ARG B 861 -23.12 -0.84 30.19
C ARG B 861 -22.41 -2.10 29.72
N ILE B 862 -21.09 -2.01 29.50
CA ILE B 862 -20.36 -3.20 29.11
C ILE B 862 -20.37 -4.25 30.21
N LEU B 863 -20.18 -3.84 31.46
CA LEU B 863 -20.15 -4.82 32.54
C LEU B 863 -21.51 -5.47 32.74
N THR B 864 -22.59 -4.71 32.60
CA THR B 864 -23.91 -5.32 32.68
C THR B 864 -24.07 -6.37 31.60
N MET B 865 -23.63 -6.07 30.38
CA MET B 865 -23.78 -7.00 29.29
C MET B 865 -22.88 -8.21 29.50
N LEU B 866 -21.66 -7.97 29.97
CA LEU B 866 -20.73 -9.07 30.23
C LEU B 866 -21.30 -10.02 31.27
N LYS B 867 -21.82 -9.46 32.38
CA LYS B 867 -22.40 -10.31 33.42
C LYS B 867 -23.61 -11.07 32.91
N GLY B 868 -24.44 -10.43 32.08
CA GLY B 868 -25.56 -11.14 31.50
C GLY B 868 -25.12 -12.28 30.60
N ALA B 869 -24.08 -12.04 29.80
CA ALA B 869 -23.54 -13.09 28.94
C ALA B 869 -22.93 -14.21 29.77
N LEU B 870 -22.26 -13.85 30.89
CA LEU B 870 -21.66 -14.88 31.72
C LEU B 870 -22.70 -15.79 32.35
N HIS B 871 -23.90 -15.25 32.61
CA HIS B 871 -24.94 -16.08 33.21
CA HIS B 871 -24.97 -16.05 33.20
C HIS B 871 -25.42 -17.16 32.27
N GLU B 872 -25.11 -17.06 30.98
CA GLU B 872 -25.54 -18.06 30.01
C GLU B 872 -24.52 -19.15 29.77
N LEU B 873 -23.38 -19.10 30.46
CA LEU B 873 -22.34 -20.10 30.26
C LEU B 873 -22.64 -21.34 31.08
N HIS B 874 -22.28 -22.48 30.52
CA HIS B 874 -22.41 -23.77 31.19
C HIS B 874 -21.00 -24.19 31.62
N ILE B 875 -20.81 -24.34 32.93
CA ILE B 875 -19.55 -24.76 33.53
C ILE B 875 -19.72 -26.22 33.92
N GLY B 876 -18.80 -27.07 33.49
CA GLY B 876 -18.91 -28.46 33.90
C GLY B 876 -17.85 -29.33 33.26
N ARG B 877 -18.03 -30.63 33.44
CA ARG B 877 -17.15 -31.59 32.81
C ARG B 877 -17.29 -31.47 31.29
N THR B 878 -16.16 -31.48 30.59
CA THR B 878 -16.13 -30.97 29.22
C THR B 878 -16.49 -31.99 28.15
N ASP B 879 -16.94 -33.18 28.53
CA ASP B 879 -17.32 -34.20 27.56
C ASP B 879 -18.76 -34.02 27.08
N ARG B 880 -19.28 -32.81 27.14
CA ARG B 880 -20.57 -32.47 26.55
C ARG B 880 -20.37 -31.22 25.71
N LEU B 881 -20.92 -31.22 24.50
CA LEU B 881 -20.78 -30.08 23.61
C LEU B 881 -21.36 -28.81 24.22
N SER B 882 -22.38 -28.95 25.06
CA SER B 882 -23.01 -27.79 25.68
C SER B 882 -22.14 -27.13 26.76
N VAL B 883 -20.99 -27.69 27.12
CA VAL B 883 -20.19 -27.09 28.17
C VAL B 883 -19.29 -26.00 27.58
N ASP B 884 -19.31 -24.83 28.20
CA ASP B 884 -18.53 -23.68 27.76
C ASP B 884 -17.23 -23.50 28.52
N VAL B 885 -17.26 -23.72 29.84
CA VAL B 885 -16.12 -23.51 30.71
C VAL B 885 -15.86 -24.80 31.46
N GLY B 886 -14.63 -25.31 31.34
CA GLY B 886 -14.23 -26.52 32.03
C GLY B 886 -13.57 -26.25 33.36
N PRO B 887 -12.95 -27.27 33.91
CA PRO B 887 -12.36 -27.18 35.25
C PRO B 887 -11.00 -26.50 35.21
N VAL B 888 -10.55 -26.12 36.39
CA VAL B 888 -9.14 -25.81 36.56
C VAL B 888 -8.37 -27.11 36.77
N ILE B 889 -7.09 -27.09 36.45
CA ILE B 889 -6.39 -28.36 36.20
C ILE B 889 -6.23 -29.20 37.47
N THR B 890 -6.00 -28.57 38.62
CA THR B 890 -5.74 -29.31 39.84
C THR B 890 -6.32 -28.56 41.02
N SER B 891 -6.41 -29.28 42.13
CA SER B 891 -6.82 -28.64 43.38
CA SER B 891 -6.83 -28.63 43.38
CA SER B 891 -6.82 -28.64 43.37
C SER B 891 -5.82 -27.57 43.80
N GLU B 892 -4.54 -27.82 43.57
CA GLU B 892 -3.53 -26.82 43.90
C GLU B 892 -3.74 -25.55 43.11
N ALA B 893 -4.03 -25.68 41.81
CA ALA B 893 -4.30 -24.50 41.01
C ALA B 893 -5.55 -23.79 41.51
N LYS B 894 -6.60 -24.55 41.83
CA LYS B 894 -7.81 -23.97 42.37
C LYS B 894 -7.53 -23.18 43.65
N ASP B 895 -6.78 -23.78 44.57
CA ASP B 895 -6.43 -23.08 45.81
C ASP B 895 -5.65 -21.80 45.52
N ASN B 896 -4.74 -21.84 44.55
CA ASN B 896 -3.93 -20.67 44.23
C ASN B 896 -4.81 -19.55 43.71
N ILE B 897 -5.73 -19.88 42.80
CA ILE B 897 -6.66 -18.90 42.27
C ILE B 897 -7.54 -18.36 43.38
N GLU B 898 -8.08 -19.26 44.20
CA GLU B 898 -8.98 -18.82 45.26
C GLU B 898 -8.26 -17.96 46.29
N LYS B 899 -6.98 -18.24 46.54
CA LYS B 899 -6.23 -17.40 47.47
C LYS B 899 -6.17 -15.96 46.96
N HIS B 900 -5.99 -15.80 45.65
CA HIS B 900 -5.98 -14.46 45.08
C HIS B 900 -7.34 -13.80 45.20
N ILE B 901 -8.40 -14.54 44.87
CA ILE B 901 -9.75 -13.99 44.93
C ILE B 901 -10.05 -13.54 46.35
N GLU B 902 -9.71 -14.37 47.34
CA GLU B 902 -10.00 -14.02 48.72
C GLU B 902 -9.10 -12.90 49.20
N ARG B 903 -7.89 -12.78 48.64
CA ARG B 903 -7.06 -11.63 49.01
C ARG B 903 -7.68 -10.33 48.49
N MET B 904 -8.17 -10.35 47.26
CA MET B 904 -8.85 -9.18 46.72
C MET B 904 -10.11 -8.86 47.51
N ARG B 905 -10.89 -9.88 47.84
CA ARG B 905 -12.09 -9.65 48.62
C ARG B 905 -11.75 -9.03 49.98
N GLY B 906 -10.70 -9.54 50.62
CA GLY B 906 -10.33 -9.04 51.94
C GLY B 906 -9.79 -7.63 51.93
N LEU B 907 -9.23 -7.19 50.80
CA LEU B 907 -8.79 -5.81 50.62
C LEU B 907 -9.94 -4.88 50.26
N GLY B 908 -11.15 -5.41 50.13
CA GLY B 908 -12.32 -4.60 49.89
C GLY B 908 -12.69 -4.43 48.44
N ARG B 909 -12.02 -5.12 47.52
CA ARG B 909 -12.36 -5.00 46.11
C ARG B 909 -13.68 -5.70 45.84
N LYS B 910 -14.41 -5.16 44.87
CA LYS B 910 -15.64 -5.79 44.46
C LYS B 910 -15.32 -7.08 43.70
N VAL B 911 -15.83 -8.20 44.21
CA VAL B 911 -15.62 -9.51 43.60
C VAL B 911 -16.99 -10.09 43.29
N GLU B 912 -17.18 -10.48 42.04
CA GLU B 912 -18.41 -11.14 41.62
C GLU B 912 -18.07 -12.44 40.93
N GLN B 913 -18.83 -13.49 41.26
CA GLN B 913 -18.66 -14.78 40.62
C GLN B 913 -20.00 -15.23 40.07
N ILE B 914 -19.98 -15.74 38.86
CA ILE B 914 -21.20 -16.16 38.17
C ILE B 914 -21.04 -17.65 37.96
N GLY B 915 -21.66 -18.45 38.84
CA GLY B 915 -21.13 -19.69 39.34
C GLY B 915 -21.69 -20.95 38.72
N LEU B 916 -21.52 -22.07 39.43
CA LEU B 916 -21.65 -23.40 38.85
C LEU B 916 -22.58 -24.29 39.66
N ALA B 917 -22.88 -25.46 39.09
CA ALA B 917 -23.88 -26.40 39.59
C ALA B 917 -23.24 -27.47 40.47
N SER B 918 -24.11 -28.31 41.05
CA SER B 918 -23.67 -29.30 42.02
C SER B 918 -22.72 -30.32 41.40
N GLU B 919 -22.92 -30.66 40.12
CA GLU B 919 -22.08 -31.64 39.45
C GLU B 919 -20.62 -31.27 39.42
N THR B 920 -20.27 -30.01 39.70
CA THR B 920 -18.87 -29.61 39.68
C THR B 920 -18.10 -30.14 40.89
N GLY B 921 -18.79 -30.47 41.99
CA GLY B 921 -18.13 -30.86 43.23
C GLY B 921 -17.22 -32.07 43.11
N VAL B 922 -17.37 -32.87 42.06
CA VAL B 922 -16.50 -34.02 41.84
C VAL B 922 -15.21 -33.66 41.12
N GLY B 923 -15.11 -32.45 40.59
CA GLY B 923 -13.90 -31.98 39.96
C GLY B 923 -13.42 -30.69 40.59
N THR B 924 -12.48 -30.02 39.97
CA THR B 924 -11.90 -28.78 40.52
C THR B 924 -12.29 -27.64 39.58
N PHE B 925 -13.28 -26.86 39.99
CA PHE B 925 -13.79 -25.76 39.20
C PHE B 925 -13.68 -24.45 39.95
N VAL B 926 -13.45 -23.38 39.20
CA VAL B 926 -13.55 -22.02 39.70
C VAL B 926 -14.47 -21.32 38.71
N PRO B 927 -15.53 -20.65 39.15
CA PRO B 927 -16.41 -19.99 38.20
C PRO B 927 -15.78 -18.71 37.70
N PRO B 928 -16.19 -18.25 36.52
CA PRO B 928 -15.78 -16.92 36.05
C PRO B 928 -15.96 -15.88 37.13
N THR B 929 -14.90 -15.11 37.35
CA THR B 929 -14.82 -14.19 38.45
C THR B 929 -14.40 -12.83 37.91
N ILE B 930 -15.07 -11.79 38.36
CA ILE B 930 -14.78 -10.42 37.96
C ILE B 930 -14.42 -9.63 39.21
N ILE B 931 -13.26 -9.00 39.20
CA ILE B 931 -12.75 -8.25 40.34
C ILE B 931 -12.47 -6.84 39.87
N GLU B 932 -13.06 -5.85 40.54
CA GLU B 932 -12.82 -4.47 40.17
C GLU B 932 -11.60 -3.96 40.93
N LEU B 933 -10.64 -3.43 40.19
CA LEU B 933 -9.43 -2.89 40.78
C LEU B 933 -9.47 -1.37 40.74
N GLU B 934 -8.81 -0.75 41.72
CA GLU B 934 -8.61 0.70 41.64
C GLU B 934 -7.45 1.04 40.72
N LYS B 935 -6.38 0.23 40.75
CA LYS B 935 -5.20 0.46 39.93
C LYS B 935 -4.66 -0.88 39.49
N LEU B 936 -4.02 -0.90 38.33
CA LEU B 936 -3.43 -2.14 37.85
C LEU B 936 -2.39 -2.67 38.81
N SER B 937 -1.70 -1.79 39.55
CA SER B 937 -0.69 -2.24 40.50
C SER B 937 -1.29 -3.03 41.66
N ASP B 938 -2.62 -3.06 41.81
CA ASP B 938 -3.22 -3.96 42.79
C ASP B 938 -2.92 -5.41 42.45
N LEU B 939 -2.65 -5.70 41.18
CA LEU B 939 -2.35 -7.05 40.72
C LEU B 939 -0.83 -7.23 40.76
N GLN B 940 -0.37 -8.26 41.48
CA GLN B 940 1.06 -8.45 41.66
C GLN B 940 1.60 -9.69 40.98
N ARG B 941 0.74 -10.57 40.47
CA ARG B 941 1.20 -11.84 39.95
C ARG B 941 0.20 -12.34 38.93
N GLU B 942 0.68 -13.19 38.03
CA GLU B 942 -0.19 -13.82 37.05
C GLU B 942 -1.05 -14.83 37.79
N VAL B 943 -2.37 -14.67 37.69
CA VAL B 943 -3.31 -15.58 38.32
C VAL B 943 -3.93 -16.41 37.19
N PHE B 944 -3.54 -17.67 37.14
CA PHE B 944 -3.78 -18.49 35.97
C PHE B 944 -5.11 -19.23 36.14
N GLY B 945 -6.18 -18.46 36.01
CA GLY B 945 -7.51 -19.00 36.19
C GLY B 945 -8.52 -18.03 35.63
N PRO B 946 -9.79 -18.30 35.87
CA PRO B 946 -10.86 -17.52 35.21
C PRO B 946 -11.20 -16.26 36.00
N VAL B 947 -10.21 -15.40 36.16
CA VAL B 947 -10.34 -14.24 37.03
C VAL B 947 -10.03 -13.01 36.21
N LEU B 948 -11.06 -12.23 35.89
CA LEU B 948 -10.93 -11.04 35.09
C LEU B 948 -10.93 -9.84 36.03
N HIS B 949 -9.93 -9.00 35.91
CA HIS B 949 -9.84 -7.77 36.67
C HIS B 949 -10.30 -6.63 35.79
N VAL B 950 -11.00 -5.67 36.40
CA VAL B 950 -11.60 -4.60 35.63
C VAL B 950 -11.08 -3.28 36.15
N ILE B 951 -10.63 -2.44 35.24
CA ILE B 951 -10.16 -1.09 35.55
C ILE B 951 -11.02 -0.15 34.73
N ARG B 952 -11.44 0.96 35.33
CA ARG B 952 -12.12 2.02 34.59
C ARG B 952 -11.14 3.17 34.40
N TYR B 953 -11.19 3.80 33.23
CA TYR B 953 -10.25 4.89 32.98
C TYR B 953 -10.96 6.03 32.26
N ARG B 954 -10.44 7.24 32.49
CA ARG B 954 -10.85 8.42 31.73
C ARG B 954 -10.01 8.48 30.47
N ARG B 955 -10.64 8.88 29.36
CA ARG B 955 -9.93 8.87 28.08
C ARG B 955 -8.67 9.72 28.12
N ASP B 956 -8.69 10.84 28.84
CA ASP B 956 -7.51 11.69 28.95
CA ASP B 956 -7.49 11.67 28.90
C ASP B 956 -6.36 10.99 29.65
N ASP B 957 -6.62 9.89 30.34
CA ASP B 957 -5.59 9.13 31.04
C ASP B 957 -5.15 7.92 30.24
N LEU B 958 -5.50 7.82 28.96
CA LEU B 958 -5.17 6.63 28.19
C LEU B 958 -3.67 6.37 28.17
N ASP B 959 -2.86 7.42 27.97
CA ASP B 959 -1.43 7.19 27.88
C ASP B 959 -0.89 6.63 29.19
N ARG B 960 -1.34 7.19 30.32
CA ARG B 960 -0.92 6.67 31.61
C ARG B 960 -1.40 5.25 31.81
N LEU B 961 -2.59 4.93 31.31
CA LEU B 961 -3.09 3.56 31.43
C LEU B 961 -2.18 2.59 30.68
N VAL B 962 -1.75 2.97 29.48
CA VAL B 962 -0.80 2.14 28.76
C VAL B 962 0.47 1.93 29.58
N ASP B 963 0.96 2.99 30.23
CA ASP B 963 2.12 2.84 31.13
C ASP B 963 1.83 1.83 32.22
N ASP B 964 0.63 1.90 32.80
CA ASP B 964 0.25 0.96 33.86
C ASP B 964 0.27 -0.47 33.35
N VAL B 965 -0.23 -0.70 32.13
CA VAL B 965 -0.18 -2.03 31.55
C VAL B 965 1.27 -2.49 31.39
N ASN B 966 2.12 -1.61 30.85
CA ASN B 966 3.52 -1.99 30.65
C ASN B 966 4.25 -2.18 31.98
N ALA B 967 3.79 -1.51 33.03
CA ALA B 967 4.54 -1.48 34.29
C ALA B 967 4.52 -2.80 35.02
N THR B 968 3.67 -3.75 34.62
CA THR B 968 3.70 -5.05 35.27
C THR B 968 4.99 -5.79 34.97
N GLY B 969 5.69 -5.38 33.90
CA GLY B 969 6.87 -6.07 33.45
C GLY B 969 6.60 -7.18 32.46
N TYR B 970 5.34 -7.59 32.33
CA TYR B 970 4.95 -8.59 31.35
C TYR B 970 4.73 -7.93 30.00
N GLY B 971 4.60 -8.74 28.95
CA GLY B 971 4.40 -8.20 27.64
C GLY B 971 4.06 -9.29 26.66
N LEU B 972 2.99 -10.03 26.94
CA LEU B 972 2.60 -11.16 26.09
C LEU B 972 1.51 -10.75 25.12
N THR B 973 0.23 -10.84 25.52
CA THR B 973 -0.83 -10.42 24.62
C THR B 973 -1.46 -9.13 25.11
N PHE B 974 -2.05 -8.42 24.15
CA PHE B 974 -2.70 -7.15 24.45
C PHE B 974 -3.78 -6.91 23.42
N GLY B 975 -4.94 -6.46 23.89
CA GLY B 975 -6.06 -6.19 23.01
C GLY B 975 -6.51 -4.73 23.08
N LEU B 976 -7.02 -4.25 21.97
CA LEU B 976 -7.57 -2.91 21.91
C LEU B 976 -8.85 -3.00 21.11
N HIS B 977 -9.95 -2.52 21.68
CA HIS B 977 -11.21 -2.40 20.96
C HIS B 977 -11.53 -0.92 20.80
N THR B 978 -11.48 -0.46 19.57
CA THR B 978 -11.79 0.94 19.24
C THR B 978 -12.07 1.00 17.76
N ARG B 979 -12.88 1.97 17.39
CA ARG B 979 -13.07 2.23 15.98
C ARG B 979 -12.16 3.33 15.44
N LEU B 980 -11.34 3.94 16.29
CA LEU B 980 -10.68 5.21 16.00
C LEU B 980 -9.21 4.99 15.65
N ASP B 981 -8.83 5.37 14.44
CA ASP B 981 -7.45 5.15 14.00
C ASP B 981 -6.45 5.86 14.89
N GLU B 982 -6.78 7.05 15.39
CA GLU B 982 -5.81 7.76 16.23
C GLU B 982 -5.55 6.99 17.52
N THR B 983 -6.60 6.40 18.10
CA THR B 983 -6.43 5.61 19.30
C THR B 983 -5.63 4.35 19.01
N ILE B 984 -5.87 3.72 17.85
CA ILE B 984 -5.08 2.55 17.48
C ILE B 984 -3.61 2.92 17.34
N ALA B 985 -3.32 4.03 16.65
CA ALA B 985 -1.93 4.41 16.45
C ALA B 985 -1.27 4.73 17.78
N HIS B 986 -1.96 5.48 18.63
CA HIS B 986 -1.40 5.85 19.93
C HIS B 986 -1.10 4.61 20.74
N VAL B 987 -2.11 3.76 20.93
CA VAL B 987 -1.95 2.65 21.85
C VAL B 987 -0.94 1.66 21.32
N THR B 988 -1.01 1.32 20.04
CA THR B 988 -0.06 0.35 19.50
C THR B 988 1.36 0.88 19.48
N SER B 989 1.55 2.21 19.41
CA SER B 989 2.88 2.77 19.45
C SER B 989 3.48 2.75 20.86
N ARG B 990 2.64 2.65 21.90
CA ARG B 990 3.13 2.78 23.27
C ARG B 990 3.08 1.48 24.05
N ILE B 991 2.22 0.54 23.68
CA ILE B 991 2.16 -0.73 24.38
C ILE B 991 3.42 -1.53 24.06
N LYS B 992 3.87 -2.33 25.03
CA LYS B 992 5.07 -3.14 24.86
C LYS B 992 4.67 -4.59 25.07
N ALA B 993 4.08 -5.19 24.05
CA ALA B 993 3.65 -6.57 24.13
C ALA B 993 3.97 -7.23 22.80
N GLY B 994 4.22 -8.54 22.85
CA GLY B 994 4.61 -9.25 21.64
C GLY B 994 3.49 -9.60 20.70
N ASN B 995 2.25 -9.70 21.19
CA ASN B 995 1.11 -10.08 20.36
C ASN B 995 0.00 -9.09 20.64
N LEU B 996 -0.34 -8.31 19.64
CA LEU B 996 -1.37 -7.29 19.72
C LEU B 996 -2.56 -7.76 18.91
N TYR B 997 -3.75 -7.36 19.36
CA TYR B 997 -5.00 -7.78 18.73
C TYR B 997 -5.94 -6.58 18.73
N ILE B 998 -6.44 -6.23 17.56
CA ILE B 998 -7.29 -5.07 17.41
C ILE B 998 -8.69 -5.53 17.05
N ASN B 999 -9.65 -5.23 17.91
CA ASN B 999 -11.07 -5.48 17.63
C ASN B 999 -11.37 -6.97 17.47
N ARG B 1000 -10.68 -7.78 18.27
CA ARG B 1000 -10.90 -9.22 18.28
C ARG B 1000 -10.44 -9.74 19.62
N ASN B 1001 -10.56 -11.05 19.82
CA ASN B 1001 -10.07 -11.63 21.06
C ASN B 1001 -8.55 -11.61 21.08
N ILE B 1002 -7.96 -11.89 22.23
CA ILE B 1002 -6.52 -11.78 22.38
C ILE B 1002 -5.85 -13.14 22.52
N ILE B 1003 -6.50 -14.21 22.07
CA ILE B 1003 -5.93 -15.53 22.28
C ILE B 1003 -5.42 -16.15 21.00
N GLY B 1004 -5.27 -15.36 19.93
CA GLY B 1004 -4.81 -15.89 18.66
C GLY B 1004 -3.33 -16.20 18.65
N ALA B 1005 -3.00 -17.43 18.29
CA ALA B 1005 -1.62 -17.86 18.18
C ALA B 1005 -1.49 -18.72 16.95
N VAL B 1006 -2.18 -18.33 15.89
CA VAL B 1006 -2.16 -19.15 14.67
C VAL B 1006 -0.73 -19.16 14.14
N VAL B 1007 -0.17 -20.38 14.03
CA VAL B 1007 1.21 -20.55 13.65
C VAL B 1007 1.48 -19.87 12.31
N GLY B 1008 2.57 -19.11 12.24
CA GLY B 1008 2.92 -18.42 11.00
C GLY B 1008 1.98 -17.30 10.60
N VAL B 1009 0.97 -17.00 11.41
CA VAL B 1009 0.02 -15.93 11.14
C VAL B 1009 0.03 -14.91 12.27
N GLN B 1010 -0.10 -15.38 13.52
CA GLN B 1010 0.29 -14.64 14.72
C GLN B 1010 1.44 -15.39 15.40
N PRO B 1011 2.67 -15.30 14.87
CA PRO B 1011 3.83 -15.81 15.60
C PRO B 1011 3.73 -15.31 17.03
N PHE B 1012 3.88 -16.22 17.98
CA PHE B 1012 3.41 -15.98 19.32
C PHE B 1012 4.57 -15.93 20.30
N GLY B 1013 4.59 -14.89 21.10
CA GLY B 1013 5.58 -14.80 22.16
C GLY B 1013 5.79 -13.37 22.54
N GLY B 1014 6.16 -13.16 23.80
CA GLY B 1014 6.28 -11.82 24.30
C GLY B 1014 7.65 -11.46 24.81
N ARG B 1015 7.73 -10.34 25.52
CA ARG B 1015 8.96 -9.73 25.96
C ARG B 1015 8.86 -9.49 27.45
N GLY B 1016 9.93 -8.92 28.01
CA GLY B 1016 9.93 -8.69 29.45
C GLY B 1016 9.84 -9.99 30.22
N LEU B 1017 8.98 -10.01 31.23
CA LEU B 1017 8.74 -11.20 32.00
C LEU B 1017 8.03 -12.29 31.21
N SER B 1018 7.61 -11.99 29.98
CA SER B 1018 6.83 -12.94 29.19
C SER B 1018 7.68 -13.78 28.24
N GLY B 1019 8.94 -13.44 28.01
CA GLY B 1019 9.68 -14.30 27.10
C GLY B 1019 11.06 -13.79 26.82
N THR B 1020 11.91 -14.73 26.41
CA THR B 1020 13.20 -14.38 25.80
C THR B 1020 13.08 -14.22 24.30
N GLY B 1021 12.07 -14.82 23.70
CA GLY B 1021 12.06 -15.01 22.27
C GLY B 1021 13.12 -16.01 21.87
N PRO B 1022 13.20 -16.31 20.59
CA PRO B 1022 12.34 -15.82 19.52
C PRO B 1022 10.94 -16.45 19.61
N LYS B 1023 9.99 -15.90 18.86
CA LYS B 1023 8.62 -16.37 18.94
C LYS B 1023 8.47 -17.76 18.35
N ALA B 1024 7.78 -18.61 19.09
CA ALA B 1024 7.28 -19.85 18.51
C ALA B 1024 6.34 -19.55 17.36
N GLY B 1025 6.35 -20.42 16.35
CA GLY B 1025 5.48 -20.21 15.22
C GLY B 1025 5.87 -19.02 14.38
N GLY B 1026 7.12 -18.57 14.50
CA GLY B 1026 7.62 -17.49 13.71
C GLY B 1026 8.94 -17.87 13.08
N PRO B 1027 9.46 -17.00 12.21
CA PRO B 1027 10.56 -17.39 11.32
C PRO B 1027 11.92 -17.32 11.98
N LEU B 1028 12.05 -16.77 13.18
CA LEU B 1028 13.35 -16.73 13.83
C LEU B 1028 13.59 -17.93 14.72
N TYR B 1029 12.57 -18.75 14.93
CA TYR B 1029 12.61 -19.78 15.97
C TYR B 1029 13.66 -20.83 15.68
N LEU B 1030 13.64 -21.42 14.48
CA LEU B 1030 14.54 -22.53 14.22
C LEU B 1030 15.99 -22.09 14.34
N GLY B 1031 16.28 -20.83 14.02
CA GLY B 1031 17.65 -20.35 14.03
C GLY B 1031 18.28 -20.35 15.40
N ARG B 1032 17.46 -20.42 16.46
CA ARG B 1032 17.98 -20.50 17.81
C ARG B 1032 18.46 -21.89 18.15
N LEU B 1033 18.10 -22.89 17.33
CA LEU B 1033 18.30 -24.28 17.68
C LEU B 1033 19.42 -24.90 16.85
N VAL B 1034 20.21 -24.07 16.18
CA VAL B 1034 21.40 -24.46 15.45
C VAL B 1034 22.52 -23.53 15.88
N THR B 1035 23.76 -23.93 15.60
CA THR B 1035 24.89 -23.14 16.10
C THR B 1035 25.17 -21.92 15.24
N THR B 1036 24.70 -21.92 13.99
CA THR B 1036 24.80 -20.76 13.12
C THR B 1036 23.41 -20.53 12.56
N ALA B 1037 22.84 -19.36 12.83
CA ALA B 1037 21.47 -19.11 12.42
C ALA B 1037 21.41 -18.88 10.92
N PRO B 1038 20.42 -19.46 10.24
CA PRO B 1038 20.19 -19.14 8.84
C PRO B 1038 19.51 -17.78 8.71
N VAL B 1039 19.43 -17.31 7.47
CA VAL B 1039 18.67 -16.12 7.14
C VAL B 1039 17.22 -16.56 6.93
N PRO B 1040 16.28 -16.16 7.78
CA PRO B 1040 14.92 -16.64 7.64
C PRO B 1040 14.27 -16.09 6.38
N PRO B 1041 13.23 -16.75 5.88
CA PRO B 1041 12.46 -16.20 4.75
C PRO B 1041 11.99 -14.79 5.07
N GLN B 1042 12.11 -13.91 4.09
CA GLN B 1042 11.61 -12.54 4.14
C GLN B 1042 12.32 -11.68 5.17
N HIS B 1043 13.44 -12.14 5.72
CA HIS B 1043 14.07 -11.47 6.85
C HIS B 1043 15.10 -10.49 6.32
N SER B 1044 14.67 -9.24 6.12
CA SER B 1044 15.57 -8.19 5.70
C SER B 1044 14.85 -6.87 5.93
N SER B 1045 15.59 -5.78 5.80
CA SER B 1045 14.99 -4.47 5.90
C SER B 1045 15.81 -3.51 5.06
N VAL B 1046 15.13 -2.58 4.39
CA VAL B 1046 15.84 -1.55 3.65
C VAL B 1046 16.29 -0.39 4.52
N HIS B 1047 15.88 -0.39 5.78
CA HIS B 1047 16.19 0.72 6.65
CA HIS B 1047 16.15 0.70 6.72
C HIS B 1047 17.51 0.49 7.37
N THR B 1048 18.25 1.57 7.53
CA THR B 1048 19.51 1.55 8.25
C THR B 1048 19.39 2.45 9.46
N ASP B 1049 19.70 1.92 10.62
CA ASP B 1049 19.60 2.72 11.82
C ASP B 1049 20.52 3.94 11.69
N PRO B 1050 20.02 5.15 11.95
CA PRO B 1050 20.84 6.34 11.73
C PRO B 1050 21.96 6.49 12.73
N VAL B 1051 21.76 5.98 13.95
CA VAL B 1051 22.82 6.05 14.94
C VAL B 1051 23.96 5.10 14.58
N LEU B 1052 23.60 3.91 14.08
CA LEU B 1052 24.61 3.04 13.49
C LEU B 1052 25.43 3.78 12.44
N LEU B 1053 24.75 4.51 11.54
CA LEU B 1053 25.46 5.23 10.50
C LEU B 1053 26.45 6.23 11.10
N ASP B 1054 26.02 6.98 12.11
CA ASP B 1054 26.91 7.94 12.75
C ASP B 1054 28.06 7.23 13.44
N PHE B 1055 27.81 6.05 14.00
CA PHE B 1055 28.87 5.28 14.64
C PHE B 1055 29.91 4.83 13.62
N ALA B 1056 29.46 4.37 12.45
CA ALA B 1056 30.41 3.94 11.43
C ALA B 1056 31.29 5.09 10.98
N LYS B 1057 30.72 6.29 10.82
CA LYS B 1057 31.52 7.44 10.43
C LYS B 1057 32.52 7.80 11.51
N TRP B 1058 32.12 7.69 12.77
CA TRP B 1058 33.06 7.95 13.87
C TRP B 1058 34.20 6.94 13.84
N LEU B 1059 33.89 5.66 13.66
CA LEU B 1059 34.93 4.63 13.58
C LEU B 1059 35.90 4.91 12.44
N ASP B 1060 35.39 5.28 11.27
CA ASP B 1060 36.31 5.58 10.17
C ASP B 1060 37.13 6.83 10.47
N GLY B 1061 36.53 7.80 11.16
CA GLY B 1061 37.28 8.98 11.55
C GLY B 1061 38.52 8.66 12.34
N LYS B 1062 38.42 7.70 13.27
CA LYS B 1062 39.56 7.31 14.09
C LYS B 1062 40.34 6.15 13.50
N GLY B 1063 40.08 5.78 12.25
CA GLY B 1063 40.87 4.77 11.58
C GLY B 1063 40.56 3.34 11.94
N ALA B 1064 39.47 3.08 12.66
CA ALA B 1064 39.09 1.72 13.01
C ALA B 1064 38.39 1.09 11.81
N ARG B 1065 39.21 0.73 10.81
CA ARG B 1065 38.67 0.38 9.49
C ARG B 1065 37.89 -0.92 9.54
N ALA B 1066 38.44 -1.96 10.17
CA ALA B 1066 37.71 -3.22 10.26
C ALA B 1066 36.41 -3.02 11.03
N GLU B 1067 36.44 -2.22 12.09
CA GLU B 1067 35.24 -2.01 12.89
C GLU B 1067 34.20 -1.21 12.13
N ALA B 1068 34.63 -0.18 11.41
CA ALA B 1068 33.69 0.59 10.60
C ALA B 1068 33.03 -0.31 9.55
N GLU B 1069 33.81 -1.22 8.95
CA GLU B 1069 33.25 -2.15 7.99
C GLU B 1069 32.25 -3.10 8.65
N ALA B 1070 32.58 -3.61 9.84
CA ALA B 1070 31.64 -4.43 10.57
C ALA B 1070 30.38 -3.65 10.91
N ALA B 1071 30.54 -2.37 11.25
CA ALA B 1071 29.37 -1.55 11.55
C ALA B 1071 28.48 -1.39 10.33
N ARG B 1072 29.06 -1.07 9.17
CA ARG B 1072 28.26 -0.94 7.96
CA ARG B 1072 28.25 -0.92 7.97
C ARG B 1072 27.57 -2.24 7.60
N ASN B 1073 28.28 -3.36 7.75
CA ASN B 1073 27.67 -4.65 7.43
C ASN B 1073 26.52 -4.96 8.37
N ALA B 1074 26.69 -4.65 9.66
CA ALA B 1074 25.57 -4.84 10.59
C ALA B 1074 24.40 -3.96 10.22
N GLY B 1075 24.67 -2.71 9.84
CA GLY B 1075 23.59 -1.82 9.47
C GLY B 1075 22.76 -2.37 8.33
N SER B 1076 23.42 -2.99 7.35
CA SER B 1076 22.72 -3.54 6.21
C SER B 1076 22.02 -4.84 6.53
N SER B 1077 22.69 -5.74 7.27
CA SER B 1077 22.09 -7.05 7.50
C SER B 1077 21.03 -7.05 8.59
N SER B 1078 21.03 -6.04 9.46
CA SER B 1078 19.96 -5.89 10.44
C SER B 1078 18.61 -5.87 9.76
N ALA B 1079 17.65 -6.57 10.36
CA ALA B 1079 16.30 -6.57 9.82
C ALA B 1079 15.39 -5.64 10.59
N LEU B 1080 15.95 -4.81 11.46
CA LEU B 1080 15.18 -3.78 12.13
C LEU B 1080 14.37 -2.99 11.12
N GLY B 1081 13.08 -2.85 11.39
CA GLY B 1081 12.19 -2.15 10.50
C GLY B 1081 11.44 -3.03 9.54
N LEU B 1082 11.73 -4.34 9.51
CA LEU B 1082 10.91 -5.25 8.75
CA LEU B 1082 10.91 -5.27 8.74
C LEU B 1082 9.45 -5.09 9.15
N ASP B 1083 8.57 -5.10 8.16
CA ASP B 1083 7.16 -4.82 8.43
C ASP B 1083 6.37 -5.54 7.35
N LEU B 1084 5.86 -6.71 7.68
CA LEU B 1084 5.27 -7.62 6.73
C LEU B 1084 3.82 -7.87 7.09
N GLU B 1085 3.01 -8.15 6.08
CA GLU B 1085 1.71 -8.75 6.28
C GLU B 1085 1.81 -10.23 5.97
N LEU B 1086 1.37 -11.06 6.89
CA LEU B 1086 1.46 -12.50 6.75
C LEU B 1086 0.16 -13.05 6.16
N PRO B 1087 0.26 -14.04 5.28
CA PRO B 1087 -0.95 -14.65 4.71
C PRO B 1087 -1.81 -15.26 5.79
N GLY B 1088 -3.11 -15.06 5.69
CA GLY B 1088 -4.04 -15.60 6.64
C GLY B 1088 -5.44 -15.53 6.11
N PRO B 1089 -6.42 -15.61 7.01
CA PRO B 1089 -7.82 -15.57 6.59
C PRO B 1089 -8.23 -14.19 6.11
N VAL B 1090 -9.28 -14.18 5.28
CA VAL B 1090 -9.90 -12.92 4.92
C VAL B 1090 -10.48 -12.25 6.15
N GLY B 1091 -10.68 -10.94 6.05
CA GLY B 1091 -11.26 -10.18 7.15
C GLY B 1091 -10.34 -9.99 8.32
N GLU B 1092 -9.05 -10.22 8.14
CA GLU B 1092 -8.06 -9.99 9.16
C GLU B 1092 -6.81 -9.51 8.45
N ARG B 1093 -6.07 -8.63 9.11
CA ARG B 1093 -4.73 -8.27 8.67
C ARG B 1093 -3.78 -8.70 9.77
N ASN B 1094 -2.82 -9.53 9.42
CA ASN B 1094 -1.91 -10.10 10.39
C ASN B 1094 -0.53 -9.60 10.04
N LEU B 1095 0.04 -8.80 10.93
CA LEU B 1095 1.23 -8.03 10.66
C LEU B 1095 2.35 -8.54 11.54
N TYR B 1096 3.57 -8.45 11.03
CA TYR B 1096 4.73 -8.94 11.74
C TYR B 1096 5.82 -7.91 11.52
N THR B 1097 6.38 -7.40 12.62
CA THR B 1097 7.30 -6.28 12.55
C THR B 1097 8.48 -6.55 13.47
N LEU B 1098 9.64 -6.05 13.08
CA LEU B 1098 10.84 -6.17 13.91
C LEU B 1098 11.23 -4.80 14.42
N HIS B 1099 11.32 -4.69 15.73
CA HIS B 1099 11.65 -3.47 16.43
C HIS B 1099 12.94 -3.70 17.20
N ALA B 1100 13.49 -2.62 17.74
CA ALA B 1100 14.61 -2.78 18.65
C ALA B 1100 14.19 -3.58 19.87
N ARG B 1101 15.13 -4.34 20.43
CA ARG B 1101 14.88 -5.00 21.70
C ARG B 1101 14.72 -4.02 22.84
N GLY B 1102 15.52 -2.95 22.86
CA GLY B 1102 15.52 -2.03 23.98
C GLY B 1102 16.95 -1.65 24.35
N ARG B 1103 17.28 -1.83 25.62
CA ARG B 1103 18.63 -1.55 26.09
C ARG B 1103 19.37 -2.86 26.26
N ILE B 1104 20.52 -2.97 25.61
CA ILE B 1104 21.30 -4.19 25.63
C ILE B 1104 22.47 -3.98 26.58
N LEU B 1105 22.69 -4.95 27.46
CA LEU B 1105 23.86 -4.92 28.33
C LEU B 1105 25.08 -5.37 27.53
N LEU B 1106 26.10 -4.55 27.47
CA LEU B 1106 27.33 -4.89 26.76
C LEU B 1106 28.40 -5.19 27.80
N VAL B 1107 29.01 -6.36 27.67
CA VAL B 1107 30.09 -6.75 28.58
C VAL B 1107 31.30 -7.01 27.71
N PRO B 1108 32.01 -5.98 27.28
CA PRO B 1108 33.18 -6.18 26.43
C PRO B 1108 34.41 -6.52 27.25
N ALA B 1109 35.40 -7.03 26.55
CA ALA B 1109 36.74 -7.21 27.11
C ALA B 1109 37.76 -6.28 26.46
N THR B 1110 37.64 -6.05 25.16
CA THR B 1110 38.62 -5.27 24.41
C THR B 1110 37.92 -4.13 23.71
N GLU B 1111 38.71 -3.12 23.31
CA GLU B 1111 38.17 -2.01 22.56
C GLU B 1111 37.49 -2.48 21.28
N SER B 1112 38.17 -3.32 20.50
CA SER B 1112 37.57 -3.82 19.26
C SER B 1112 36.31 -4.60 19.55
N GLY B 1113 36.32 -5.43 20.60
CA GLY B 1113 35.11 -6.14 20.97
C GLY B 1113 33.97 -5.22 21.28
N LEU B 1114 34.25 -4.15 22.03
CA LEU B 1114 33.20 -3.17 22.34
C LEU B 1114 32.67 -2.52 21.07
N TYR B 1115 33.55 -2.16 20.14
CA TYR B 1115 33.09 -1.55 18.89
C TYR B 1115 32.19 -2.50 18.12
N HIS B 1116 32.56 -3.79 18.08
CA HIS B 1116 31.72 -4.77 17.40
C HIS B 1116 30.40 -4.96 18.13
N GLN B 1117 30.42 -4.97 19.47
CA GLN B 1117 29.16 -5.10 20.21
C GLN B 1117 28.28 -3.90 19.95
N LEU B 1118 28.87 -2.70 20.01
CA LEU B 1118 28.10 -1.49 19.73
C LEU B 1118 27.52 -1.54 18.33
N ALA B 1119 28.32 -1.97 17.35
CA ALA B 1119 27.80 -2.04 15.98
C ALA B 1119 26.57 -2.92 15.92
N ALA B 1120 26.64 -4.11 16.53
CA ALA B 1120 25.51 -5.03 16.48
C ALA B 1120 24.29 -4.44 17.17
N ALA B 1121 24.49 -3.84 18.35
CA ALA B 1121 23.36 -3.30 19.09
C ALA B 1121 22.77 -2.07 18.41
N LEU B 1122 23.63 -1.16 17.93
CA LEU B 1122 23.09 0.05 17.30
C LEU B 1122 22.38 -0.28 16.00
N ALA B 1123 22.94 -1.22 15.23
CA ALA B 1123 22.34 -1.55 13.94
C ALA B 1123 20.93 -2.09 14.09
N THR B 1124 20.63 -2.66 15.26
CA THR B 1124 19.32 -3.21 15.55
C THR B 1124 18.47 -2.25 16.38
N GLY B 1125 18.87 -0.99 16.46
CA GLY B 1125 18.03 0.05 17.03
C GLY B 1125 18.12 0.20 18.52
N ASN B 1126 19.03 -0.51 19.16
CA ASN B 1126 19.05 -0.57 20.61
C ASN B 1126 19.90 0.53 21.20
N SER B 1127 19.61 0.82 22.45
CA SER B 1127 20.54 1.53 23.30
C SER B 1127 21.37 0.49 24.05
N VAL B 1128 22.41 0.95 24.73
CA VAL B 1128 23.31 0.03 25.42
C VAL B 1128 23.66 0.55 26.79
N ALA B 1129 23.91 -0.38 27.70
CA ALA B 1129 24.61 -0.10 28.95
C ALA B 1129 25.88 -0.92 28.92
N ILE B 1130 27.03 -0.24 28.95
CA ILE B 1130 28.32 -0.91 28.84
C ILE B 1130 28.88 -1.12 30.24
N ASP B 1131 29.38 -2.32 30.49
CA ASP B 1131 29.93 -2.65 31.79
C ASP B 1131 31.11 -1.74 32.09
N ALA B 1132 30.97 -0.92 33.14
CA ALA B 1132 32.06 0.00 33.50
C ALA B 1132 33.30 -0.74 33.95
N ALA B 1133 33.14 -1.96 34.49
CA ALA B 1133 34.29 -2.71 34.93
C ALA B 1133 35.21 -3.13 33.78
N SER B 1134 34.76 -2.98 32.53
CA SER B 1134 35.63 -3.26 31.41
C SER B 1134 36.80 -2.28 31.35
N GLY B 1135 36.67 -1.09 31.93
CA GLY B 1135 37.75 -0.12 31.86
C GLY B 1135 37.94 0.52 30.50
N LEU B 1136 36.95 0.42 29.61
CA LEU B 1136 37.10 0.85 28.23
C LEU B 1136 36.51 2.23 27.96
N GLN B 1137 36.28 3.04 29.00
CA GLN B 1137 35.61 4.32 28.81
C GLN B 1137 36.37 5.21 27.83
N ALA B 1138 37.70 5.18 27.86
CA ALA B 1138 38.48 6.03 26.96
C ALA B 1138 38.29 5.66 25.51
N SER B 1139 37.82 4.45 25.23
CA SER B 1139 37.60 4.00 23.86
C SER B 1139 36.47 4.75 23.18
N LEU B 1140 35.56 5.36 23.94
CA LEU B 1140 34.47 6.14 23.39
C LEU B 1140 34.70 7.64 23.51
N LYS B 1141 35.95 8.07 23.64
CA LYS B 1141 36.24 9.50 23.67
C LYS B 1141 35.81 10.15 22.35
N ASN B 1142 35.16 11.29 22.45
CA ASN B 1142 34.71 12.09 21.30
C ASN B 1142 33.62 11.42 20.48
N LEU B 1143 32.85 10.53 21.09
CA LEU B 1143 31.75 9.90 20.38
C LEU B 1143 30.73 10.94 19.98
N PRO B 1144 30.17 10.86 18.78
CA PRO B 1144 29.10 11.80 18.39
C PRO B 1144 27.94 11.71 19.38
N GLN B 1145 27.32 12.87 19.65
CA GLN B 1145 26.21 12.93 20.60
C GLN B 1145 25.05 12.05 20.15
N THR B 1146 24.86 11.88 18.84
CA THR B 1146 23.81 10.97 18.39
C THR B 1146 24.07 9.56 18.92
N VAL B 1147 25.33 9.14 18.91
CA VAL B 1147 25.63 7.81 19.44
C VAL B 1147 25.66 7.85 20.95
N GLY B 1148 26.20 8.92 21.53
CA GLY B 1148 26.29 9.01 22.98
C GLY B 1148 24.95 8.92 23.67
N LEU B 1149 23.89 9.48 23.05
CA LEU B 1149 22.56 9.43 23.64
C LEU B 1149 22.06 8.00 23.79
N ARG B 1150 22.62 7.05 23.05
CA ARG B 1150 22.24 5.65 23.15
C ARG B 1150 23.14 4.87 24.08
N VAL B 1151 24.17 5.50 24.64
CA VAL B 1151 25.21 4.80 25.38
C VAL B 1151 25.15 5.24 26.82
N SER B 1152 25.11 4.27 27.72
CA SER B 1152 25.36 4.54 29.13
C SER B 1152 26.40 3.54 29.61
N TRP B 1153 27.03 3.86 30.73
CA TRP B 1153 27.98 2.99 31.38
C TRP B 1153 27.37 2.53 32.68
N SER B 1154 27.48 1.24 32.97
CA SER B 1154 26.84 0.70 34.17
C SER B 1154 27.90 0.14 35.10
N LYS B 1155 27.89 0.62 36.33
CA LYS B 1155 28.66 0.03 37.42
C LYS B 1155 27.79 -0.85 38.30
N ASP B 1156 26.56 -1.11 37.89
CA ASP B 1156 25.62 -1.85 38.72
C ASP B 1156 24.55 -2.39 37.77
N TRP B 1157 24.80 -3.58 37.22
CA TRP B 1157 23.92 -4.08 36.17
C TRP B 1157 22.50 -4.27 36.68
N ALA B 1158 22.36 -4.77 37.91
CA ALA B 1158 21.03 -5.06 38.41
C ALA B 1158 20.23 -3.80 38.66
N ALA B 1159 20.90 -2.72 39.06
CA ALA B 1159 20.18 -1.47 39.30
C ALA B 1159 19.84 -0.75 37.99
N ASP B 1160 20.60 -0.98 36.93
CA ASP B 1160 20.50 -0.20 35.70
C ASP B 1160 19.65 -0.87 34.64
N GLY B 1161 19.09 -2.03 34.91
CA GLY B 1161 18.15 -2.67 34.01
C GLY B 1161 16.76 -2.09 34.15
N PRO B 1162 15.77 -2.76 33.58
CA PRO B 1162 15.86 -4.04 32.87
C PRO B 1162 16.46 -3.87 31.50
N PHE B 1163 17.25 -4.85 31.12
CA PHE B 1163 17.80 -4.96 29.79
C PHE B 1163 16.94 -5.90 28.96
N ALA B 1164 17.21 -5.94 27.66
CA ALA B 1164 16.48 -6.82 26.76
C ALA B 1164 17.40 -7.80 26.04
N GLY B 1165 18.64 -7.91 26.51
CA GLY B 1165 19.60 -8.83 25.93
C GLY B 1165 20.98 -8.43 26.41
N ALA B 1166 21.95 -9.26 26.06
CA ALA B 1166 23.31 -8.96 26.48
C ALA B 1166 24.28 -9.51 25.47
N LEU B 1167 25.37 -8.78 25.24
CA LEU B 1167 26.47 -9.24 24.42
C LEU B 1167 27.70 -9.29 25.32
N VAL B 1168 28.39 -10.42 25.29
CA VAL B 1168 29.50 -10.66 26.19
C VAL B 1168 30.72 -11.05 25.36
N GLU B 1169 31.87 -10.51 25.73
CA GLU B 1169 33.13 -10.87 25.13
C GLU B 1169 34.05 -11.38 26.23
N GLY B 1170 34.72 -12.49 25.98
CA GLY B 1170 35.68 -12.99 26.94
C GLY B 1170 36.03 -14.44 26.67
N ASP B 1171 36.97 -14.94 27.45
CA ASP B 1171 37.28 -16.35 27.37
C ASP B 1171 36.20 -17.15 28.08
N ALA B 1172 36.34 -18.49 28.02
CA ALA B 1172 35.27 -19.36 28.52
C ALA B 1172 34.92 -19.05 29.96
N GLU B 1173 35.92 -18.90 30.83
CA GLU B 1173 35.59 -18.68 32.23
C GLU B 1173 35.01 -17.30 32.48
N ARG B 1174 35.43 -16.29 31.70
CA ARG B 1174 34.79 -14.98 31.76
C ARG B 1174 33.33 -15.10 31.33
N ILE B 1175 33.08 -15.78 30.21
CA ILE B 1175 31.70 -15.98 29.75
C ILE B 1175 30.86 -16.64 30.82
N ARG B 1176 31.38 -17.71 31.44
CA ARG B 1176 30.61 -18.39 32.48
C ARG B 1176 30.32 -17.45 33.65
N ALA B 1177 31.32 -16.69 34.09
CA ALA B 1177 31.11 -15.79 35.21
C ALA B 1177 30.09 -14.72 34.88
N VAL B 1178 30.17 -14.16 33.68
CA VAL B 1178 29.22 -13.13 33.29
C VAL B 1178 27.83 -13.73 33.14
N ASN B 1179 27.75 -14.92 32.55
CA ASN B 1179 26.46 -15.56 32.35
C ASN B 1179 25.78 -15.84 33.69
N LYS B 1180 26.56 -16.27 34.68
CA LYS B 1180 26.00 -16.46 36.02
C LYS B 1180 25.50 -15.14 36.60
N ALA B 1181 26.27 -14.07 36.43
CA ALA B 1181 25.84 -12.78 36.95
C ALA B 1181 24.57 -12.31 36.26
N ILE B 1182 24.47 -12.52 34.94
CA ILE B 1182 23.27 -12.12 34.22
C ILE B 1182 22.06 -12.94 34.66
N ALA B 1183 22.25 -14.24 34.89
CA ALA B 1183 21.14 -15.07 35.33
C ALA B 1183 20.59 -14.62 36.68
N ALA B 1184 21.42 -13.97 37.49
CA ALA B 1184 20.98 -13.46 38.78
C ALA B 1184 20.39 -12.05 38.71
N LEU B 1185 20.32 -11.43 37.53
CA LEU B 1185 19.71 -10.11 37.47
C LEU B 1185 18.20 -10.23 37.68
N PRO B 1186 17.59 -9.28 38.37
CA PRO B 1186 16.13 -9.31 38.52
C PRO B 1186 15.47 -8.95 37.20
N GLY B 1187 14.19 -9.29 37.10
CA GLY B 1187 13.42 -8.90 35.95
C GLY B 1187 13.48 -9.93 34.83
N PRO B 1188 13.50 -9.46 33.60
CA PRO B 1188 13.40 -10.38 32.47
C PRO B 1188 14.62 -11.29 32.37
N LEU B 1189 14.38 -12.48 31.83
CA LEU B 1189 15.48 -13.37 31.50
C LEU B 1189 16.13 -12.86 30.23
N LEU B 1190 17.42 -12.61 30.28
CA LEU B 1190 18.10 -11.97 29.16
C LEU B 1190 18.60 -13.02 28.18
N LEU B 1191 18.37 -12.77 26.91
CA LEU B 1191 18.99 -13.55 25.84
C LEU B 1191 20.42 -13.08 25.69
N VAL B 1192 21.36 -13.94 26.08
CA VAL B 1192 22.78 -13.64 26.16
C VAL B 1192 23.48 -14.22 24.94
N GLN B 1193 24.32 -13.41 24.31
CA GLN B 1193 25.21 -13.87 23.26
C GLN B 1193 26.63 -13.62 23.69
N ALA B 1194 27.47 -14.64 23.58
CA ALA B 1194 28.86 -14.54 24.01
C ALA B 1194 29.79 -14.96 22.89
N ALA B 1195 30.96 -14.35 22.88
CA ALA B 1195 31.99 -14.68 21.91
C ALA B 1195 33.33 -14.34 22.53
N SER B 1196 34.36 -15.05 22.09
CA SER B 1196 35.70 -14.68 22.48
C SER B 1196 36.18 -13.53 21.59
N SER B 1197 37.24 -12.86 22.04
CA SER B 1197 37.87 -11.82 21.22
C SER B 1197 38.30 -12.37 19.87
N GLY B 1198 38.86 -13.58 19.85
CA GLY B 1198 39.25 -14.17 18.58
C GLY B 1198 38.06 -14.46 17.70
N GLU B 1199 36.95 -14.90 18.29
CA GLU B 1199 35.74 -15.16 17.52
C GLU B 1199 35.20 -13.88 16.89
N ILE B 1200 35.24 -12.77 17.63
CA ILE B 1200 34.79 -11.50 17.08
C ILE B 1200 35.65 -11.10 15.89
N ALA B 1201 36.96 -11.34 15.97
CA ALA B 1201 37.84 -10.97 14.88
C ALA B 1201 37.66 -11.87 13.66
N ARG B 1202 37.40 -13.16 13.89
CA ARG B 1202 37.33 -14.13 12.80
C ARG B 1202 35.96 -14.20 12.13
N ASN B 1203 34.90 -14.01 12.91
CA ASN B 1203 33.55 -14.36 12.48
C ASN B 1203 32.68 -13.11 12.43
N PRO B 1204 32.29 -12.65 11.24
CA PRO B 1204 31.38 -11.49 11.15
C PRO B 1204 30.05 -11.72 11.86
N ASP B 1205 29.64 -12.96 12.05
CA ASP B 1205 28.38 -13.27 12.70
C ASP B 1205 28.57 -13.79 14.13
N ALA B 1206 29.69 -13.41 14.77
CA ALA B 1206 29.91 -13.80 16.16
C ALA B 1206 28.73 -13.44 17.03
N TYR B 1207 28.15 -12.26 16.81
CA TYR B 1207 26.89 -11.88 17.43
C TYR B 1207 25.81 -11.88 16.36
N CYS B 1208 24.71 -12.55 16.65
CA CYS B 1208 23.63 -12.72 15.69
C CYS B 1208 22.64 -11.58 15.87
N LEU B 1209 22.37 -10.84 14.79
CA LEU B 1209 21.42 -9.74 14.87
C LEU B 1209 19.97 -10.23 14.99
N ASN B 1210 19.70 -11.50 14.71
CA ASN B 1210 18.35 -12.01 14.87
C ASN B 1210 17.85 -11.84 16.30
N TRP B 1211 18.74 -11.93 17.29
CA TRP B 1211 18.33 -11.92 18.68
C TRP B 1211 18.31 -10.53 19.27
N LEU B 1212 18.72 -9.53 18.50
CA LEU B 1212 18.82 -8.16 18.98
C LEU B 1212 17.66 -7.31 18.51
N VAL B 1213 16.69 -7.90 17.83
CA VAL B 1213 15.44 -7.25 17.51
C VAL B 1213 14.33 -7.96 18.26
N GLU B 1214 13.22 -7.25 18.46
CA GLU B 1214 12.04 -7.82 19.08
C GLU B 1214 10.96 -7.98 18.01
N GLU B 1215 10.38 -9.16 17.95
CA GLU B 1215 9.27 -9.40 17.05
C GLU B 1215 7.98 -8.93 17.68
N VAL B 1216 7.14 -8.28 16.90
CA VAL B 1216 5.80 -7.93 17.34
C VAL B 1216 4.82 -8.40 16.28
N SER B 1217 3.82 -9.13 16.72
CA SER B 1217 2.73 -9.58 15.87
C SER B 1217 1.50 -8.75 16.20
N ALA B 1218 0.77 -8.32 15.18
CA ALA B 1218 -0.47 -7.59 15.39
C ALA B 1218 -1.52 -8.20 14.49
N SER B 1219 -2.65 -8.58 15.07
CA SER B 1219 -3.76 -9.16 14.32
C SER B 1219 -4.92 -8.19 14.41
N ILE B 1220 -5.34 -7.67 13.27
CA ILE B 1220 -6.41 -6.68 13.20
C ILE B 1220 -7.62 -7.33 12.54
N ASN B 1221 -8.75 -7.31 13.23
CA ASN B 1221 -10.00 -7.76 12.64
C ASN B 1221 -10.54 -6.66 11.75
N THR B 1222 -10.45 -6.84 10.42
CA THR B 1222 -10.90 -5.84 9.47
C THR B 1222 -12.35 -6.06 9.04
N ALA B 1223 -13.03 -7.04 9.65
CA ALA B 1223 -14.45 -7.21 9.47
C ALA B 1223 -15.26 -6.62 10.62
N ALA B 1224 -14.60 -5.95 11.58
CA ALA B 1224 -15.26 -5.55 12.81
C ALA B 1224 -16.39 -4.54 12.62
N ALA B 1225 -16.38 -3.76 11.53
CA ALA B 1225 -17.46 -2.81 11.27
C ALA B 1225 -18.73 -3.48 10.76
N GLY B 1226 -18.71 -4.78 10.53
CA GLY B 1226 -19.89 -5.50 10.05
C GLY B 1226 -19.72 -6.13 8.68
N GLY B 1227 -18.57 -5.99 8.04
CA GLY B 1227 -18.35 -6.60 6.74
C GLY B 1227 -16.90 -6.46 6.33
N ASN B 1228 -16.60 -7.02 5.16
CA ASN B 1228 -15.23 -7.06 4.63
C ASN B 1228 -15.15 -6.17 3.40
N ALA B 1229 -14.25 -5.18 3.44
CA ALA B 1229 -14.08 -4.27 2.31
C ALA B 1229 -13.47 -4.98 1.11
N SER B 1230 -12.41 -5.76 1.35
CA SER B 1230 -11.67 -6.39 0.26
C SER B 1230 -12.52 -7.41 -0.49
N LEU B 1231 -13.43 -8.10 0.19
CA LEU B 1231 -14.29 -9.08 -0.45
C LEU B 1231 -15.50 -8.47 -1.15
N MET B 1232 -15.74 -7.16 -0.98
CA MET B 1232 -16.78 -6.52 -1.77
C MET B 1232 -16.45 -6.52 -3.26
N ALA B 1233 -15.16 -6.41 -3.60
CA ALA B 1233 -14.72 -6.51 -4.99
C ALA B 1233 -14.60 -7.96 -5.47
N ILE B 1234 -14.76 -8.93 -4.58
CA ILE B 1234 -14.62 -10.33 -4.93
C ILE B 1234 -16.00 -10.88 -5.27
N GLY B 1235 -16.29 -10.98 -6.56
CA GLY B 1235 -17.51 -11.59 -7.04
C GLY B 1235 -17.17 -12.65 -8.08
#